data_6IL0
# 
_entry.id   6IL0 
# 
_audit_conform.dict_name       mmcif_pdbx.dic 
_audit_conform.dict_version    5.397 
_audit_conform.dict_location   http://mmcif.pdb.org/dictionaries/ascii/mmcif_pdbx.dic 
# 
loop_
_database_2.database_id 
_database_2.database_code 
_database_2.pdbx_database_accession 
_database_2.pdbx_DOI 
PDB   6IL0         pdb_00006il0 10.2210/pdb6il0/pdb 
WWPDB D_1300009385 ?            ?                   
# 
loop_
_pdbx_audit_revision_history.ordinal 
_pdbx_audit_revision_history.data_content_type 
_pdbx_audit_revision_history.major_revision 
_pdbx_audit_revision_history.minor_revision 
_pdbx_audit_revision_history.revision_date 
1 'Structure model' 1 0 2019-10-23 
2 'Structure model' 1 1 2023-11-22 
3 'Structure model' 1 2 2024-10-09 
# 
_pdbx_audit_revision_details.ordinal             1 
_pdbx_audit_revision_details.revision_ordinal    1 
_pdbx_audit_revision_details.data_content_type   'Structure model' 
_pdbx_audit_revision_details.provider            repository 
_pdbx_audit_revision_details.type                'Initial release' 
_pdbx_audit_revision_details.description         ? 
_pdbx_audit_revision_details.details             ? 
# 
loop_
_pdbx_audit_revision_group.ordinal 
_pdbx_audit_revision_group.revision_ordinal 
_pdbx_audit_revision_group.data_content_type 
_pdbx_audit_revision_group.group 
1 2 'Structure model' 'Data collection'        
2 2 'Structure model' 'Database references'    
3 2 'Structure model' 'Derived calculations'   
4 2 'Structure model' 'Refinement description' 
5 3 'Structure model' 'Structure summary'      
# 
loop_
_pdbx_audit_revision_category.ordinal 
_pdbx_audit_revision_category.revision_ordinal 
_pdbx_audit_revision_category.data_content_type 
_pdbx_audit_revision_category.category 
1 2 'Structure model' chem_comp_atom                
2 2 'Structure model' chem_comp_bond                
3 2 'Structure model' database_2                    
4 2 'Structure model' pdbx_initial_refinement_model 
5 2 'Structure model' pdbx_struct_conn_angle        
6 2 'Structure model' struct_conn                   
7 2 'Structure model' struct_conn_type              
8 3 'Structure model' pdbx_entry_details            
9 3 'Structure model' pdbx_modification_feature     
# 
loop_
_pdbx_audit_revision_item.ordinal 
_pdbx_audit_revision_item.revision_ordinal 
_pdbx_audit_revision_item.data_content_type 
_pdbx_audit_revision_item.item 
1  2 'Structure model' '_database_2.pdbx_DOI'                        
2  2 'Structure model' '_database_2.pdbx_database_accession'         
3  2 'Structure model' '_pdbx_struct_conn_angle.ptnr1_auth_comp_id'  
4  2 'Structure model' '_pdbx_struct_conn_angle.ptnr1_auth_seq_id'   
5  2 'Structure model' '_pdbx_struct_conn_angle.ptnr1_label_atom_id' 
6  2 'Structure model' '_pdbx_struct_conn_angle.ptnr1_label_comp_id' 
7  2 'Structure model' '_pdbx_struct_conn_angle.ptnr1_label_seq_id'  
8  2 'Structure model' '_pdbx_struct_conn_angle.ptnr2_auth_seq_id'   
9  2 'Structure model' '_pdbx_struct_conn_angle.ptnr2_label_asym_id' 
10 2 'Structure model' '_pdbx_struct_conn_angle.ptnr2_symmetry'      
11 2 'Structure model' '_pdbx_struct_conn_angle.ptnr3_auth_comp_id'  
12 2 'Structure model' '_pdbx_struct_conn_angle.ptnr3_auth_seq_id'   
13 2 'Structure model' '_pdbx_struct_conn_angle.ptnr3_label_atom_id' 
14 2 'Structure model' '_pdbx_struct_conn_angle.ptnr3_label_comp_id' 
15 2 'Structure model' '_pdbx_struct_conn_angle.ptnr3_label_seq_id'  
16 2 'Structure model' '_pdbx_struct_conn_angle.value'               
17 2 'Structure model' '_struct_conn.conn_type_id'                   
18 2 'Structure model' '_struct_conn.id'                             
19 2 'Structure model' '_struct_conn.pdbx_dist_value'                
20 2 'Structure model' '_struct_conn.pdbx_leaving_atom_flag'         
21 2 'Structure model' '_struct_conn.ptnr1_auth_comp_id'             
22 2 'Structure model' '_struct_conn.ptnr1_auth_seq_id'              
23 2 'Structure model' '_struct_conn.ptnr1_label_atom_id'            
24 2 'Structure model' '_struct_conn.ptnr1_label_comp_id'            
25 2 'Structure model' '_struct_conn.ptnr1_label_seq_id'             
26 2 'Structure model' '_struct_conn.ptnr2_auth_comp_id'             
27 2 'Structure model' '_struct_conn.ptnr2_auth_seq_id'              
28 2 'Structure model' '_struct_conn.ptnr2_label_asym_id'            
29 2 'Structure model' '_struct_conn.ptnr2_label_atom_id'            
30 2 'Structure model' '_struct_conn.ptnr2_label_comp_id'            
31 2 'Structure model' '_struct_conn.ptnr2_label_seq_id'             
32 2 'Structure model' '_struct_conn.ptnr2_symmetry'                 
33 2 'Structure model' '_struct_conn_type.id'                        
# 
_pdbx_database_status.status_code                     REL 
_pdbx_database_status.status_code_sf                  REL 
_pdbx_database_status.status_code_mr                  ? 
_pdbx_database_status.entry_id                        6IL0 
_pdbx_database_status.recvd_initial_deposition_date   2018-10-16 
_pdbx_database_status.SG_entry                        N 
_pdbx_database_status.deposit_site                    PDBJ 
_pdbx_database_status.process_site                    PDBJ 
_pdbx_database_status.status_code_cs                  ? 
_pdbx_database_status.methods_development_category    ? 
_pdbx_database_status.pdb_format_compatible           Y 
_pdbx_database_status.status_code_nmr_data            ? 
# 
loop_
_audit_author.name 
_audit_author.pdbx_ordinal 
_audit_author.identifier_ORCID 
'Lee, I.H.'  1 ? 
'Kang, L.W.' 2 ? 
# 
_citation.abstract                  ? 
_citation.abstract_id_CAS           ? 
_citation.book_id_ISBN              ? 
_citation.book_publisher            ? 
_citation.book_publisher_city       ? 
_citation.book_title                ? 
_citation.coordinate_linkage        ? 
_citation.country                   ? 
_citation.database_id_Medline       ? 
_citation.details                   ? 
_citation.id                        primary 
_citation.journal_abbrev            'To be published' 
_citation.journal_id_ASTM           ? 
_citation.journal_id_CSD            0353 
_citation.journal_id_ISSN           ? 
_citation.journal_full              ? 
_citation.journal_issue             ? 
_citation.journal_volume            ? 
_citation.language                  ? 
_citation.page_first                ? 
_citation.page_last                 ? 
_citation.title                     'FBIs complex structure of peptide deformylase from Xanthomonas oryzae pv. oryzae' 
_citation.year                      ? 
_citation.database_id_CSD           ? 
_citation.pdbx_database_id_DOI      ? 
_citation.pdbx_database_id_PubMed   ? 
_citation.unpublished_flag          ? 
# 
loop_
_citation_author.citation_id 
_citation_author.name 
_citation_author.ordinal 
_citation_author.identifier_ORCID 
primary 'Lee, I.H.'  1 0000-0003-3529-470X 
primary 'Kang, L.W.' 2 0000-0002-1411-3132 
# 
loop_
_entity.id 
_entity.type 
_entity.src_method 
_entity.pdbx_description 
_entity.formula_weight 
_entity.pdbx_number_of_molecules 
_entity.pdbx_ec 
_entity.pdbx_mutation 
_entity.pdbx_fragment 
_entity.details 
1 polymer     man 'Peptide deformylase'                                                18901.410 1  3.5.1.88 ? 
'UNP residues 42-210' ? 
2 non-polymer syn 'S-(2-oxo-2-phenylethyl) (2R)-2-benzyl-4,4,4-trifluorobutanethioate' 366.397   1  ?        ? ? ? 
3 non-polymer syn 'NICKEL (II) ION'                                                    58.693    3  ?        ? ? ? 
4 water       nat water                                                                18.015    40 ?        ? ? ? 
# 
_entity_name_com.entity_id   1 
_entity_name_com.name        'PDF,Polypeptide deformylase' 
# 
_entity_poly.entity_id                      1 
_entity_poly.type                           'polypeptide(L)' 
_entity_poly.nstd_linkage                   no 
_entity_poly.nstd_monomer                   yes 
_entity_poly.pdbx_seq_one_letter_code       
;MIRDIIRMGDKRLLRVAPQVTNLGSAELHALVSDMFETMGAAHGVGLAAPQIAVDLQLMVFGFEASERYPEAPAVPLTAL
ANAQIEPLSDEMENGWEG(CSD)LSIPGLRAVIPRYRYIRYRGFAPDGSPIEREAEGFHARVVQHEYDHLVGRLYPSRIE
NFDTFGFDDVLSY
;
_entity_poly.pdbx_seq_one_letter_code_can   
;MIRDIIRMGDKRLLRVAPQVTNLGSAELHALVSDMFETMGAAHGVGLAAPQIAVDLQLMVFGFEASERYPEAPAVPLTAL
ANAQIEPLSDEMENGWEGCLSIPGLRAVIPRYRYIRYRGFAPDGSPIEREAEGFHARVVQHEYDHLVGRLYPSRIENFDT
FGFDDVLSY
;
_entity_poly.pdbx_strand_id                 A 
_entity_poly.pdbx_target_identifier         ? 
# 
loop_
_pdbx_entity_nonpoly.entity_id 
_pdbx_entity_nonpoly.name 
_pdbx_entity_nonpoly.comp_id 
2 'S-(2-oxo-2-phenylethyl) (2R)-2-benzyl-4,4,4-trifluorobutanethioate' K3U 
3 'NICKEL (II) ION'                                                    NI  
4 water                                                                HOH 
# 
loop_
_entity_poly_seq.entity_id 
_entity_poly_seq.num 
_entity_poly_seq.mon_id 
_entity_poly_seq.hetero 
1 1   MET n 
1 2   ILE n 
1 3   ARG n 
1 4   ASP n 
1 5   ILE n 
1 6   ILE n 
1 7   ARG n 
1 8   MET n 
1 9   GLY n 
1 10  ASP n 
1 11  LYS n 
1 12  ARG n 
1 13  LEU n 
1 14  LEU n 
1 15  ARG n 
1 16  VAL n 
1 17  ALA n 
1 18  PRO n 
1 19  GLN n 
1 20  VAL n 
1 21  THR n 
1 22  ASN n 
1 23  LEU n 
1 24  GLY n 
1 25  SER n 
1 26  ALA n 
1 27  GLU n 
1 28  LEU n 
1 29  HIS n 
1 30  ALA n 
1 31  LEU n 
1 32  VAL n 
1 33  SER n 
1 34  ASP n 
1 35  MET n 
1 36  PHE n 
1 37  GLU n 
1 38  THR n 
1 39  MET n 
1 40  GLY n 
1 41  ALA n 
1 42  ALA n 
1 43  HIS n 
1 44  GLY n 
1 45  VAL n 
1 46  GLY n 
1 47  LEU n 
1 48  ALA n 
1 49  ALA n 
1 50  PRO n 
1 51  GLN n 
1 52  ILE n 
1 53  ALA n 
1 54  VAL n 
1 55  ASP n 
1 56  LEU n 
1 57  GLN n 
1 58  LEU n 
1 59  MET n 
1 60  VAL n 
1 61  PHE n 
1 62  GLY n 
1 63  PHE n 
1 64  GLU n 
1 65  ALA n 
1 66  SER n 
1 67  GLU n 
1 68  ARG n 
1 69  TYR n 
1 70  PRO n 
1 71  GLU n 
1 72  ALA n 
1 73  PRO n 
1 74  ALA n 
1 75  VAL n 
1 76  PRO n 
1 77  LEU n 
1 78  THR n 
1 79  ALA n 
1 80  LEU n 
1 81  ALA n 
1 82  ASN n 
1 83  ALA n 
1 84  GLN n 
1 85  ILE n 
1 86  GLU n 
1 87  PRO n 
1 88  LEU n 
1 89  SER n 
1 90  ASP n 
1 91  GLU n 
1 92  MET n 
1 93  GLU n 
1 94  ASN n 
1 95  GLY n 
1 96  TRP n 
1 97  GLU n 
1 98  GLY n 
1 99  CSD n 
1 100 LEU n 
1 101 SER n 
1 102 ILE n 
1 103 PRO n 
1 104 GLY n 
1 105 LEU n 
1 106 ARG n 
1 107 ALA n 
1 108 VAL n 
1 109 ILE n 
1 110 PRO n 
1 111 ARG n 
1 112 TYR n 
1 113 ARG n 
1 114 TYR n 
1 115 ILE n 
1 116 ARG n 
1 117 TYR n 
1 118 ARG n 
1 119 GLY n 
1 120 PHE n 
1 121 ALA n 
1 122 PRO n 
1 123 ASP n 
1 124 GLY n 
1 125 SER n 
1 126 PRO n 
1 127 ILE n 
1 128 GLU n 
1 129 ARG n 
1 130 GLU n 
1 131 ALA n 
1 132 GLU n 
1 133 GLY n 
1 134 PHE n 
1 135 HIS n 
1 136 ALA n 
1 137 ARG n 
1 138 VAL n 
1 139 VAL n 
1 140 GLN n 
1 141 HIS n 
1 142 GLU n 
1 143 TYR n 
1 144 ASP n 
1 145 HIS n 
1 146 LEU n 
1 147 VAL n 
1 148 GLY n 
1 149 ARG n 
1 150 LEU n 
1 151 TYR n 
1 152 PRO n 
1 153 SER n 
1 154 ARG n 
1 155 ILE n 
1 156 GLU n 
1 157 ASN n 
1 158 PHE n 
1 159 ASP n 
1 160 THR n 
1 161 PHE n 
1 162 GLY n 
1 163 PHE n 
1 164 ASP n 
1 165 ASP n 
1 166 VAL n 
1 167 LEU n 
1 168 SER n 
1 169 TYR n 
# 
_entity_src_gen.entity_id                          1 
_entity_src_gen.pdbx_src_id                        1 
_entity_src_gen.pdbx_alt_source_flag               sample 
_entity_src_gen.pdbx_seq_type                      'Biological sequence' 
_entity_src_gen.pdbx_beg_seq_num                   1 
_entity_src_gen.pdbx_end_seq_num                   169 
_entity_src_gen.gene_src_common_name               ? 
_entity_src_gen.gene_src_genus                     ? 
_entity_src_gen.pdbx_gene_src_gene                 'def, XOO1075' 
_entity_src_gen.gene_src_species                   ? 
_entity_src_gen.gene_src_strain                    KACC10331 
_entity_src_gen.gene_src_tissue                    ? 
_entity_src_gen.gene_src_tissue_fraction           ? 
_entity_src_gen.gene_src_details                   ? 
_entity_src_gen.pdbx_gene_src_fragment             ? 
_entity_src_gen.pdbx_gene_src_scientific_name      'Xanthomonas oryzae pv. oryzae KACC10331' 
_entity_src_gen.pdbx_gene_src_ncbi_taxonomy_id     291331 
_entity_src_gen.pdbx_gene_src_variant              ? 
_entity_src_gen.pdbx_gene_src_cell_line            ? 
_entity_src_gen.pdbx_gene_src_atcc                 ? 
_entity_src_gen.pdbx_gene_src_organ                ? 
_entity_src_gen.pdbx_gene_src_organelle            ? 
_entity_src_gen.pdbx_gene_src_cell                 ? 
_entity_src_gen.pdbx_gene_src_cellular_location    ? 
_entity_src_gen.host_org_common_name               ? 
_entity_src_gen.pdbx_host_org_scientific_name      'Escherichia coli BL21(DE3)' 
_entity_src_gen.pdbx_host_org_ncbi_taxonomy_id     469008 
_entity_src_gen.host_org_genus                     ? 
_entity_src_gen.pdbx_host_org_gene                 ? 
_entity_src_gen.pdbx_host_org_organ                ? 
_entity_src_gen.host_org_species                   ? 
_entity_src_gen.pdbx_host_org_tissue               ? 
_entity_src_gen.pdbx_host_org_tissue_fraction      ? 
_entity_src_gen.pdbx_host_org_strain               'BL21(DE3)' 
_entity_src_gen.pdbx_host_org_variant              ? 
_entity_src_gen.pdbx_host_org_cell_line            ? 
_entity_src_gen.pdbx_host_org_atcc                 ? 
_entity_src_gen.pdbx_host_org_culture_collection   ? 
_entity_src_gen.pdbx_host_org_cell                 ? 
_entity_src_gen.pdbx_host_org_organelle            ? 
_entity_src_gen.pdbx_host_org_cellular_location    ? 
_entity_src_gen.pdbx_host_org_vector_type          plasmid 
_entity_src_gen.pdbx_host_org_vector               ? 
_entity_src_gen.host_org_details                   ? 
_entity_src_gen.expression_system_id               ? 
_entity_src_gen.plasmid_name                       pET11a 
_entity_src_gen.plasmid_details                    ? 
_entity_src_gen.pdbx_description                   ? 
# 
loop_
_chem_comp.id 
_chem_comp.type 
_chem_comp.mon_nstd_flag 
_chem_comp.name 
_chem_comp.pdbx_synonyms 
_chem_comp.formula 
_chem_comp.formula_weight 
ALA 'L-peptide linking' y ALANINE                                                              ? 'C3 H7 N O2'      89.093  
ARG 'L-peptide linking' y ARGININE                                                             ? 'C6 H15 N4 O2 1'  175.209 
ASN 'L-peptide linking' y ASPARAGINE                                                           ? 'C4 H8 N2 O3'     132.118 
ASP 'L-peptide linking' y 'ASPARTIC ACID'                                                      ? 'C4 H7 N O4'      133.103 
CSD 'L-peptide linking' n 3-SULFINOALANINE                                                     
'S-CYSTEINESULFINIC ACID; S-SULFINOCYSTEINE' 'C3 H7 N O4 S'    153.157 
GLN 'L-peptide linking' y GLUTAMINE                                                            ? 'C5 H10 N2 O3'    146.144 
GLU 'L-peptide linking' y 'GLUTAMIC ACID'                                                      ? 'C5 H9 N O4'      147.129 
GLY 'peptide linking'   y GLYCINE                                                              ? 'C2 H5 N O2'      75.067  
HIS 'L-peptide linking' y HISTIDINE                                                            ? 'C6 H10 N3 O2 1'  156.162 
HOH non-polymer         . WATER                                                                ? 'H2 O'            18.015  
ILE 'L-peptide linking' y ISOLEUCINE                                                           ? 'C6 H13 N O2'     131.173 
K3U non-polymer         . 'S-(2-oxo-2-phenylethyl) (2R)-2-benzyl-4,4,4-trifluorobutanethioate' ? 'C19 H17 F3 O2 S' 366.397 
LEU 'L-peptide linking' y LEUCINE                                                              ? 'C6 H13 N O2'     131.173 
LYS 'L-peptide linking' y LYSINE                                                               ? 'C6 H15 N2 O2 1'  147.195 
MET 'L-peptide linking' y METHIONINE                                                           ? 'C5 H11 N O2 S'   149.211 
NI  non-polymer         . 'NICKEL (II) ION'                                                    ? 'Ni 2'            58.693  
PHE 'L-peptide linking' y PHENYLALANINE                                                        ? 'C9 H11 N O2'     165.189 
PRO 'L-peptide linking' y PROLINE                                                              ? 'C5 H9 N O2'      115.130 
SER 'L-peptide linking' y SERINE                                                               ? 'C3 H7 N O3'      105.093 
THR 'L-peptide linking' y THREONINE                                                            ? 'C4 H9 N O3'      119.119 
TRP 'L-peptide linking' y TRYPTOPHAN                                                           ? 'C11 H12 N2 O2'   204.225 
TYR 'L-peptide linking' y TYROSINE                                                             ? 'C9 H11 N O3'     181.189 
VAL 'L-peptide linking' y VALINE                                                               ? 'C5 H11 N O2'     117.146 
# 
loop_
_pdbx_poly_seq_scheme.asym_id 
_pdbx_poly_seq_scheme.entity_id 
_pdbx_poly_seq_scheme.seq_id 
_pdbx_poly_seq_scheme.mon_id 
_pdbx_poly_seq_scheme.ndb_seq_num 
_pdbx_poly_seq_scheme.pdb_seq_num 
_pdbx_poly_seq_scheme.auth_seq_num 
_pdbx_poly_seq_scheme.pdb_mon_id 
_pdbx_poly_seq_scheme.auth_mon_id 
_pdbx_poly_seq_scheme.pdb_strand_id 
_pdbx_poly_seq_scheme.pdb_ins_code 
_pdbx_poly_seq_scheme.hetero 
A 1 1   MET 1   1   1   MET MET A . n 
A 1 2   ILE 2   2   2   ILE ILE A . n 
A 1 3   ARG 3   3   3   ARG ARG A . n 
A 1 4   ASP 4   4   4   ASP ASP A . n 
A 1 5   ILE 5   5   5   ILE ILE A . n 
A 1 6   ILE 6   6   6   ILE ILE A . n 
A 1 7   ARG 7   7   7   ARG ARG A . n 
A 1 8   MET 8   8   8   MET MET A . n 
A 1 9   GLY 9   9   9   GLY GLY A . n 
A 1 10  ASP 10  10  10  ASP ASP A . n 
A 1 11  LYS 11  11  11  LYS LYS A . n 
A 1 12  ARG 12  12  12  ARG ARG A . n 
A 1 13  LEU 13  13  13  LEU LEU A . n 
A 1 14  LEU 14  14  14  LEU LEU A . n 
A 1 15  ARG 15  15  15  ARG ARG A . n 
A 1 16  VAL 16  16  16  VAL VAL A . n 
A 1 17  ALA 17  17  17  ALA ALA A . n 
A 1 18  PRO 18  18  18  PRO PRO A . n 
A 1 19  GLN 19  19  19  GLN GLN A . n 
A 1 20  VAL 20  20  20  VAL VAL A . n 
A 1 21  THR 21  21  21  THR THR A . n 
A 1 22  ASN 22  22  22  ASN ASN A . n 
A 1 23  LEU 23  23  23  LEU LEU A . n 
A 1 24  GLY 24  24  24  GLY GLY A . n 
A 1 25  SER 25  25  25  SER SER A . n 
A 1 26  ALA 26  26  26  ALA ALA A . n 
A 1 27  GLU 27  27  27  GLU GLU A . n 
A 1 28  LEU 28  28  28  LEU LEU A . n 
A 1 29  HIS 29  29  29  HIS HIS A . n 
A 1 30  ALA 30  30  30  ALA ALA A . n 
A 1 31  LEU 31  31  31  LEU LEU A . n 
A 1 32  VAL 32  32  32  VAL VAL A . n 
A 1 33  SER 33  33  33  SER SER A . n 
A 1 34  ASP 34  34  34  ASP ASP A . n 
A 1 35  MET 35  35  35  MET MET A . n 
A 1 36  PHE 36  36  36  PHE PHE A . n 
A 1 37  GLU 37  37  37  GLU GLU A . n 
A 1 38  THR 38  38  38  THR THR A . n 
A 1 39  MET 39  39  39  MET MET A . n 
A 1 40  GLY 40  40  40  GLY GLY A . n 
A 1 41  ALA 41  41  41  ALA ALA A . n 
A 1 42  ALA 42  42  42  ALA ALA A . n 
A 1 43  HIS 43  43  43  HIS HIS A . n 
A 1 44  GLY 44  44  44  GLY GLY A . n 
A 1 45  VAL 45  45  45  VAL VAL A . n 
A 1 46  GLY 46  46  46  GLY GLY A . n 
A 1 47  LEU 47  47  47  LEU LEU A . n 
A 1 48  ALA 48  48  48  ALA ALA A . n 
A 1 49  ALA 49  49  49  ALA ALA A . n 
A 1 50  PRO 50  50  50  PRO PRO A . n 
A 1 51  GLN 51  51  51  GLN GLN A . n 
A 1 52  ILE 52  52  52  ILE ILE A . n 
A 1 53  ALA 53  53  53  ALA ALA A . n 
A 1 54  VAL 54  54  54  VAL VAL A . n 
A 1 55  ASP 55  55  55  ASP ASP A . n 
A 1 56  LEU 56  56  56  LEU LEU A . n 
A 1 57  GLN 57  57  57  GLN GLN A . n 
A 1 58  LEU 58  58  58  LEU LEU A . n 
A 1 59  MET 59  59  59  MET MET A . n 
A 1 60  VAL 60  60  60  VAL VAL A . n 
A 1 61  PHE 61  61  61  PHE PHE A . n 
A 1 62  GLY 62  62  62  GLY GLY A . n 
A 1 63  PHE 63  63  63  PHE PHE A . n 
A 1 64  GLU 64  64  ?   ?   ?   A . n 
A 1 65  ALA 65  65  ?   ?   ?   A . n 
A 1 66  SER 66  66  ?   ?   ?   A . n 
A 1 67  GLU 67  67  ?   ?   ?   A . n 
A 1 68  ARG 68  68  ?   ?   ?   A . n 
A 1 69  TYR 69  69  ?   ?   ?   A . n 
A 1 70  PRO 70  70  ?   ?   ?   A . n 
A 1 71  GLU 71  71  ?   ?   ?   A . n 
A 1 72  ALA 72  72  ?   ?   ?   A . n 
A 1 73  PRO 73  73  73  PRO PRO A . n 
A 1 74  ALA 74  74  74  ALA ALA A . n 
A 1 75  VAL 75  75  75  VAL VAL A . n 
A 1 76  PRO 76  76  76  PRO PRO A . n 
A 1 77  LEU 77  77  77  LEU LEU A . n 
A 1 78  THR 78  78  78  THR THR A . n 
A 1 79  ALA 79  79  79  ALA ALA A . n 
A 1 80  LEU 80  80  80  LEU LEU A . n 
A 1 81  ALA 81  81  81  ALA ALA A . n 
A 1 82  ASN 82  82  82  ASN ASN A . n 
A 1 83  ALA 83  83  83  ALA ALA A . n 
A 1 84  GLN 84  84  84  GLN GLN A . n 
A 1 85  ILE 85  85  85  ILE ILE A . n 
A 1 86  GLU 86  86  86  GLU GLU A . n 
A 1 87  PRO 87  87  87  PRO PRO A . n 
A 1 88  LEU 88  88  88  LEU LEU A . n 
A 1 89  SER 89  89  89  SER SER A . n 
A 1 90  ASP 90  90  90  ASP ASP A . n 
A 1 91  GLU 91  91  91  GLU GLU A . n 
A 1 92  MET 92  92  92  MET MET A . n 
A 1 93  GLU 93  93  93  GLU GLU A . n 
A 1 94  ASN 94  94  94  ASN ASN A . n 
A 1 95  GLY 95  95  95  GLY GLY A . n 
A 1 96  TRP 96  96  96  TRP TRP A . n 
A 1 97  GLU 97  97  97  GLU GLU A . n 
A 1 98  GLY 98  98  98  GLY GLY A . n 
A 1 99  CSD 99  99  99  CSD CSD A . n 
A 1 100 LEU 100 100 100 LEU LEU A . n 
A 1 101 SER 101 101 101 SER SER A . n 
A 1 102 ILE 102 102 102 ILE ILE A . n 
A 1 103 PRO 103 103 103 PRO PRO A . n 
A 1 104 GLY 104 104 104 GLY GLY A . n 
A 1 105 LEU 105 105 105 LEU LEU A . n 
A 1 106 ARG 106 106 106 ARG ARG A . n 
A 1 107 ALA 107 107 107 ALA ALA A . n 
A 1 108 VAL 108 108 108 VAL VAL A . n 
A 1 109 ILE 109 109 109 ILE ILE A . n 
A 1 110 PRO 110 110 110 PRO PRO A . n 
A 1 111 ARG 111 111 111 ARG ARG A . n 
A 1 112 TYR 112 112 112 TYR TYR A . n 
A 1 113 ARG 113 113 113 ARG ARG A . n 
A 1 114 TYR 114 114 114 TYR TYR A . n 
A 1 115 ILE 115 115 115 ILE ILE A . n 
A 1 116 ARG 116 116 116 ARG ARG A . n 
A 1 117 TYR 117 117 117 TYR TYR A . n 
A 1 118 ARG 118 118 118 ARG ARG A . n 
A 1 119 GLY 119 119 119 GLY GLY A . n 
A 1 120 PHE 120 120 120 PHE PHE A . n 
A 1 121 ALA 121 121 121 ALA ALA A . n 
A 1 122 PRO 122 122 122 PRO PRO A . n 
A 1 123 ASP 123 123 123 ASP ASP A . n 
A 1 124 GLY 124 124 124 GLY GLY A . n 
A 1 125 SER 125 125 125 SER SER A . n 
A 1 126 PRO 126 126 126 PRO PRO A . n 
A 1 127 ILE 127 127 127 ILE ILE A . n 
A 1 128 GLU 128 128 128 GLU GLU A . n 
A 1 129 ARG 129 129 129 ARG ARG A . n 
A 1 130 GLU 130 130 130 GLU GLU A . n 
A 1 131 ALA 131 131 131 ALA ALA A . n 
A 1 132 GLU 132 132 132 GLU GLU A . n 
A 1 133 GLY 133 133 133 GLY GLY A . n 
A 1 134 PHE 134 134 134 PHE PHE A . n 
A 1 135 HIS 135 135 135 HIS HIS A . n 
A 1 136 ALA 136 136 136 ALA ALA A . n 
A 1 137 ARG 137 137 137 ARG ARG A . n 
A 1 138 VAL 138 138 138 VAL VAL A . n 
A 1 139 VAL 139 139 139 VAL VAL A . n 
A 1 140 GLN 140 140 140 GLN GLN A . n 
A 1 141 HIS 141 141 141 HIS HIS A . n 
A 1 142 GLU 142 142 142 GLU GLU A . n 
A 1 143 TYR 143 143 143 TYR TYR A . n 
A 1 144 ASP 144 144 144 ASP ASP A . n 
A 1 145 HIS 145 145 145 HIS HIS A . n 
A 1 146 LEU 146 146 146 LEU LEU A . n 
A 1 147 VAL 147 147 147 VAL VAL A . n 
A 1 148 GLY 148 148 148 GLY GLY A . n 
A 1 149 ARG 149 149 149 ARG ARG A . n 
A 1 150 LEU 150 150 150 LEU LEU A . n 
A 1 151 TYR 151 151 151 TYR TYR A . n 
A 1 152 PRO 152 152 152 PRO PRO A . n 
A 1 153 SER 153 153 153 SER SER A . n 
A 1 154 ARG 154 154 154 ARG ARG A . n 
A 1 155 ILE 155 155 155 ILE ILE A . n 
A 1 156 GLU 156 156 156 GLU GLU A . n 
A 1 157 ASN 157 157 157 ASN ASN A . n 
A 1 158 PHE 158 158 158 PHE PHE A . n 
A 1 159 ASP 159 159 159 ASP ASP A . n 
A 1 160 THR 160 160 160 THR THR A . n 
A 1 161 PHE 161 161 161 PHE PHE A . n 
A 1 162 GLY 162 162 162 GLY GLY A . n 
A 1 163 PHE 163 163 163 PHE PHE A . n 
A 1 164 ASP 164 164 164 ASP ASP A . n 
A 1 165 ASP 165 165 165 ASP ASP A . n 
A 1 166 VAL 166 166 166 VAL VAL A . n 
A 1 167 LEU 167 167 167 LEU LEU A . n 
A 1 168 SER 168 168 168 SER SER A . n 
A 1 169 TYR 169 169 169 TYR TYR A . n 
# 
loop_
_pdbx_nonpoly_scheme.asym_id 
_pdbx_nonpoly_scheme.entity_id 
_pdbx_nonpoly_scheme.mon_id 
_pdbx_nonpoly_scheme.ndb_seq_num 
_pdbx_nonpoly_scheme.pdb_seq_num 
_pdbx_nonpoly_scheme.auth_seq_num 
_pdbx_nonpoly_scheme.pdb_mon_id 
_pdbx_nonpoly_scheme.auth_mon_id 
_pdbx_nonpoly_scheme.pdb_strand_id 
_pdbx_nonpoly_scheme.pdb_ins_code 
B 2 K3U 1  201 1  K3U K3U A . 
C 3 NI  1  202 1  NI  NI  A . 
D 3 NI  1  203 2  NI  NI  A . 
E 3 NI  1  204 3  NI  NI  A . 
F 4 HOH 1  301 13 HOH HOH A . 
F 4 HOH 2  302 38 HOH HOH A . 
F 4 HOH 3  303 24 HOH HOH A . 
F 4 HOH 4  304 12 HOH HOH A . 
F 4 HOH 5  305 15 HOH HOH A . 
F 4 HOH 6  306 28 HOH HOH A . 
F 4 HOH 7  307 16 HOH HOH A . 
F 4 HOH 8  308 27 HOH HOH A . 
F 4 HOH 9  309 36 HOH HOH A . 
F 4 HOH 10 310 51 HOH HOH A . 
F 4 HOH 11 311 22 HOH HOH A . 
F 4 HOH 12 312 39 HOH HOH A . 
F 4 HOH 13 313 6  HOH HOH A . 
F 4 HOH 14 314 35 HOH HOH A . 
F 4 HOH 15 315 43 HOH HOH A . 
F 4 HOH 16 316 25 HOH HOH A . 
F 4 HOH 17 317 30 HOH HOH A . 
F 4 HOH 18 318 21 HOH HOH A . 
F 4 HOH 19 319 40 HOH HOH A . 
F 4 HOH 20 320 3  HOH HOH A . 
F 4 HOH 21 321 8  HOH HOH A . 
F 4 HOH 22 322 34 HOH HOH A . 
F 4 HOH 23 323 7  HOH HOH A . 
F 4 HOH 24 324 9  HOH HOH A . 
F 4 HOH 25 325 32 HOH HOH A . 
F 4 HOH 26 326 19 HOH HOH A . 
F 4 HOH 27 327 52 HOH HOH A . 
F 4 HOH 28 328 26 HOH HOH A . 
F 4 HOH 29 329 37 HOH HOH A . 
F 4 HOH 30 330 33 HOH HOH A . 
F 4 HOH 31 331 2  HOH HOH A . 
F 4 HOH 32 332 11 HOH HOH A . 
F 4 HOH 33 333 20 HOH HOH A . 
F 4 HOH 34 334 18 HOH HOH A . 
F 4 HOH 35 335 45 HOH HOH A . 
F 4 HOH 36 336 53 HOH HOH A . 
F 4 HOH 37 337 44 HOH HOH A . 
F 4 HOH 38 338 23 HOH HOH A . 
F 4 HOH 39 339 29 HOH HOH A . 
F 4 HOH 40 340 42 HOH HOH A . 
# 
loop_
_pdbx_unobs_or_zero_occ_atoms.id 
_pdbx_unobs_or_zero_occ_atoms.PDB_model_num 
_pdbx_unobs_or_zero_occ_atoms.polymer_flag 
_pdbx_unobs_or_zero_occ_atoms.occupancy_flag 
_pdbx_unobs_or_zero_occ_atoms.auth_asym_id 
_pdbx_unobs_or_zero_occ_atoms.auth_comp_id 
_pdbx_unobs_or_zero_occ_atoms.auth_seq_id 
_pdbx_unobs_or_zero_occ_atoms.PDB_ins_code 
_pdbx_unobs_or_zero_occ_atoms.auth_atom_id 
_pdbx_unobs_or_zero_occ_atoms.label_alt_id 
_pdbx_unobs_or_zero_occ_atoms.label_asym_id 
_pdbx_unobs_or_zero_occ_atoms.label_comp_id 
_pdbx_unobs_or_zero_occ_atoms.label_seq_id 
_pdbx_unobs_or_zero_occ_atoms.label_atom_id 
1 1 Y 1 A PHE 63 ? CG  ? A PHE 63 CG  
2 1 Y 1 A PHE 63 ? CD1 ? A PHE 63 CD1 
3 1 Y 1 A PHE 63 ? CD2 ? A PHE 63 CD2 
4 1 Y 1 A PHE 63 ? CE1 ? A PHE 63 CE1 
5 1 Y 1 A PHE 63 ? CE2 ? A PHE 63 CE2 
6 1 Y 1 A PHE 63 ? CZ  ? A PHE 63 CZ  
# 
loop_
_software.citation_id 
_software.classification 
_software.compiler_name 
_software.compiler_version 
_software.contact_author 
_software.contact_author_email 
_software.date 
_software.description 
_software.dependencies 
_software.hardware 
_software.language 
_software.location 
_software.mods 
_software.name 
_software.os 
_software.os_version 
_software.type 
_software.version 
_software.pdbx_ordinal 
? refinement        ? ? ? ? ? ? ? ? ? ? ? REFMAC   ? ? ? 5.8.0158 1 
? 'data scaling'    ? ? ? ? ? ? ? ? ? ? ? HKL-2000 ? ? ? .        2 
? 'data collection' ? ? ? ? ? ? ? ? ? ? ? HKL-2000 ? ? ? .        3 
? 'data reduction'  ? ? ? ? ? ? ? ? ? ? ? HKL-2000 ? ? ? .        4 
? phasing           ? ? ? ? ? ? ? ? ? ? ? MOLREP   ? ? ? .        5 
# 
_cell.angle_alpha                  90.000 
_cell.angle_alpha_esd              ? 
_cell.angle_beta                   90.000 
_cell.angle_beta_esd               ? 
_cell.angle_gamma                  120.000 
_cell.angle_gamma_esd              ? 
_cell.entry_id                     6IL0 
_cell.details                      ? 
_cell.formula_units_Z              ? 
_cell.length_a                     58.682 
_cell.length_a_esd                 ? 
_cell.length_b                     58.682 
_cell.length_b_esd                 ? 
_cell.length_c                     265.531 
_cell.length_c_esd                 ? 
_cell.volume                       ? 
_cell.volume_esd                   ? 
_cell.Z_PDB                        12 
_cell.reciprocal_angle_alpha       ? 
_cell.reciprocal_angle_beta        ? 
_cell.reciprocal_angle_gamma       ? 
_cell.reciprocal_angle_alpha_esd   ? 
_cell.reciprocal_angle_beta_esd    ? 
_cell.reciprocal_angle_gamma_esd   ? 
_cell.reciprocal_length_a          ? 
_cell.reciprocal_length_b          ? 
_cell.reciprocal_length_c          ? 
_cell.reciprocal_length_a_esd      ? 
_cell.reciprocal_length_b_esd      ? 
_cell.reciprocal_length_c_esd      ? 
_cell.pdbx_unique_axis             ? 
# 
_symmetry.entry_id                         6IL0 
_symmetry.cell_setting                     ? 
_symmetry.Int_Tables_number                178 
_symmetry.space_group_name_Hall            ? 
_symmetry.space_group_name_H-M             'P 61 2 2' 
_symmetry.pdbx_full_space_group_name_H-M   ? 
# 
_exptl.absorpt_coefficient_mu     ? 
_exptl.absorpt_correction_T_max   ? 
_exptl.absorpt_correction_T_min   ? 
_exptl.absorpt_correction_type    ? 
_exptl.absorpt_process_details    ? 
_exptl.entry_id                   6IL0 
_exptl.crystals_number            1 
_exptl.details                    ? 
_exptl.method                     'X-RAY DIFFRACTION' 
_exptl.method_details             ? 
# 
_exptl_crystal.colour                      ? 
_exptl_crystal.density_diffrn              ? 
_exptl_crystal.density_Matthews            3.69 
_exptl_crystal.density_method              ? 
_exptl_crystal.density_percent_sol         66.70 
_exptl_crystal.description                 ? 
_exptl_crystal.F_000                       ? 
_exptl_crystal.id                          1 
_exptl_crystal.preparation                 ? 
_exptl_crystal.size_max                    ? 
_exptl_crystal.size_mid                    ? 
_exptl_crystal.size_min                    ? 
_exptl_crystal.size_rad                    ? 
_exptl_crystal.colour_lustre               ? 
_exptl_crystal.colour_modifier             ? 
_exptl_crystal.colour_primary              ? 
_exptl_crystal.density_meas                ? 
_exptl_crystal.density_meas_esd            ? 
_exptl_crystal.density_meas_gt             ? 
_exptl_crystal.density_meas_lt             ? 
_exptl_crystal.density_meas_temp           ? 
_exptl_crystal.density_meas_temp_esd       ? 
_exptl_crystal.density_meas_temp_gt        ? 
_exptl_crystal.density_meas_temp_lt        ? 
_exptl_crystal.pdbx_crystal_image_url      ? 
_exptl_crystal.pdbx_crystal_image_format   ? 
_exptl_crystal.pdbx_mosaicity              0.968 
_exptl_crystal.pdbx_mosaicity_esd          ? 
# 
_exptl_crystal_grow.apparatus       ? 
_exptl_crystal_grow.atmosphere      ? 
_exptl_crystal_grow.crystal_id      1 
_exptl_crystal_grow.details         ? 
_exptl_crystal_grow.method          EVAPORATION 
_exptl_crystal_grow.method_ref      ? 
_exptl_crystal_grow.pH              7.5 
_exptl_crystal_grow.pressure        ? 
_exptl_crystal_grow.pressure_esd    ? 
_exptl_crystal_grow.seeding         ? 
_exptl_crystal_grow.seeding_ref     ? 
_exptl_crystal_grow.temp            287 
_exptl_crystal_grow.temp_details    ? 
_exptl_crystal_grow.temp_esd        ? 
_exptl_crystal_grow.time            ? 
_exptl_crystal_grow.pdbx_details    '0.05M cadmium sulfate, 0.1M HEPES pH 7.5, 2.0M sodium acetate trihydrate' 
_exptl_crystal_grow.pdbx_pH_range   ? 
# 
_diffrn.ambient_environment              ? 
_diffrn.ambient_temp                     100 
_diffrn.ambient_temp_details             ? 
_diffrn.ambient_temp_esd                 ? 
_diffrn.crystal_id                       1 
_diffrn.crystal_support                  ? 
_diffrn.crystal_treatment                ? 
_diffrn.details                          ? 
_diffrn.id                               1 
_diffrn.ambient_pressure                 ? 
_diffrn.ambient_pressure_esd             ? 
_diffrn.ambient_pressure_gt              ? 
_diffrn.ambient_pressure_lt              ? 
_diffrn.ambient_temp_gt                  ? 
_diffrn.ambient_temp_lt                  ? 
_diffrn.pdbx_serial_crystal_experiment   N 
# 
_diffrn_detector.details                      ? 
_diffrn_detector.detector                     CCD 
_diffrn_detector.diffrn_id                    1 
_diffrn_detector.type                         'ADSC QUANTUM 315r' 
_diffrn_detector.area_resol_mean              ? 
_diffrn_detector.dtime                        ? 
_diffrn_detector.pdbx_frames_total            ? 
_diffrn_detector.pdbx_collection_time_total   ? 
_diffrn_detector.pdbx_collection_date         2018-03-09 
_diffrn_detector.pdbx_frequency               ? 
# 
_diffrn_radiation.collimation                      ? 
_diffrn_radiation.diffrn_id                        1 
_diffrn_radiation.filter_edge                      ? 
_diffrn_radiation.inhomogeneity                    ? 
_diffrn_radiation.monochromator                    ? 
_diffrn_radiation.polarisn_norm                    ? 
_diffrn_radiation.polarisn_ratio                   ? 
_diffrn_radiation.probe                            ? 
_diffrn_radiation.type                             ? 
_diffrn_radiation.xray_symbol                      ? 
_diffrn_radiation.wavelength_id                    1 
_diffrn_radiation.pdbx_monochromatic_or_laue_m_l   M 
_diffrn_radiation.pdbx_wavelength_list             ? 
_diffrn_radiation.pdbx_wavelength                  ? 
_diffrn_radiation.pdbx_diffrn_protocol             'SINGLE WAVELENGTH' 
_diffrn_radiation.pdbx_analyzer                    ? 
_diffrn_radiation.pdbx_scattering_type             x-ray 
# 
_diffrn_radiation_wavelength.id           1 
_diffrn_radiation_wavelength.wavelength   0.97940 
_diffrn_radiation_wavelength.wt           1.0 
# 
_diffrn_source.current                     ? 
_diffrn_source.details                     ? 
_diffrn_source.diffrn_id                   1 
_diffrn_source.power                       ? 
_diffrn_source.size                        ? 
_diffrn_source.source                      SYNCHROTRON 
_diffrn_source.target                      ? 
_diffrn_source.type                        'PAL/PLS BEAMLINE 5C (4A)' 
_diffrn_source.voltage                     ? 
_diffrn_source.take-off_angle              ? 
_diffrn_source.pdbx_wavelength_list        0.97940 
_diffrn_source.pdbx_wavelength             ? 
_diffrn_source.pdbx_synchrotron_beamline   '5C (4A)' 
_diffrn_source.pdbx_synchrotron_site       PAL/PLS 
# 
_reflns.B_iso_Wilson_estimate            ? 
_reflns.entry_id                         6IL0 
_reflns.data_reduction_details           ? 
_reflns.data_reduction_method            ? 
_reflns.d_resolution_high                1.930 
_reflns.d_resolution_low                 50.000 
_reflns.details                          ? 
_reflns.limit_h_max                      ? 
_reflns.limit_h_min                      ? 
_reflns.limit_k_max                      ? 
_reflns.limit_k_min                      ? 
_reflns.limit_l_max                      ? 
_reflns.limit_l_min                      ? 
_reflns.number_all                       ? 
_reflns.number_obs                       20671 
_reflns.observed_criterion               ? 
_reflns.observed_criterion_F_max         ? 
_reflns.observed_criterion_F_min         ? 
_reflns.observed_criterion_I_max         ? 
_reflns.observed_criterion_I_min         ? 
_reflns.observed_criterion_sigma_F       ? 
_reflns.observed_criterion_sigma_I       ? 
_reflns.percent_possible_obs             96.000 
_reflns.R_free_details                   ? 
_reflns.Rmerge_F_all                     ? 
_reflns.Rmerge_F_obs                     ? 
_reflns.Friedel_coverage                 ? 
_reflns.number_gt                        ? 
_reflns.threshold_expression             ? 
_reflns.pdbx_redundancy                  8.200 
_reflns.pdbx_Rmerge_I_obs                0.132 
_reflns.pdbx_Rmerge_I_all                ? 
_reflns.pdbx_Rsym_value                  ? 
_reflns.pdbx_netI_over_av_sigmaI         ? 
_reflns.pdbx_netI_over_sigmaI            22.000 
_reflns.pdbx_res_netI_over_av_sigmaI_2   ? 
_reflns.pdbx_res_netI_over_sigmaI_2      ? 
_reflns.pdbx_chi_squared                 10.026 
_reflns.pdbx_scaling_rejects             ? 
_reflns.pdbx_d_res_high_opt              ? 
_reflns.pdbx_d_res_low_opt               ? 
_reflns.pdbx_d_res_opt_method            ? 
_reflns.phase_calculation_details        ? 
_reflns.pdbx_Rrim_I_all                  0.140 
_reflns.pdbx_Rpim_I_all                  0.043 
_reflns.pdbx_d_opt                       ? 
_reflns.pdbx_number_measured_all         ? 
_reflns.pdbx_diffrn_id                   1 
_reflns.pdbx_ordinal                     1 
_reflns.pdbx_CC_half                     ? 
_reflns.pdbx_R_split                     ? 
# 
loop_
_reflns_shell.d_res_high 
_reflns_shell.d_res_low 
_reflns_shell.meanI_over_sigI_all 
_reflns_shell.meanI_over_sigI_obs 
_reflns_shell.number_measured_all 
_reflns_shell.number_measured_obs 
_reflns_shell.number_possible 
_reflns_shell.number_unique_all 
_reflns_shell.number_unique_obs 
_reflns_shell.percent_possible_all 
_reflns_shell.percent_possible_obs 
_reflns_shell.Rmerge_F_all 
_reflns_shell.Rmerge_F_obs 
_reflns_shell.Rmerge_I_all 
_reflns_shell.Rmerge_I_obs 
_reflns_shell.meanI_over_sigI_gt 
_reflns_shell.meanI_over_uI_all 
_reflns_shell.meanI_over_uI_gt 
_reflns_shell.number_measured_gt 
_reflns_shell.number_unique_gt 
_reflns_shell.percent_possible_gt 
_reflns_shell.Rmerge_F_gt 
_reflns_shell.Rmerge_I_gt 
_reflns_shell.pdbx_redundancy 
_reflns_shell.pdbx_Rsym_value 
_reflns_shell.pdbx_chi_squared 
_reflns_shell.pdbx_netI_over_sigmaI_all 
_reflns_shell.pdbx_netI_over_sigmaI_obs 
_reflns_shell.pdbx_Rrim_I_all 
_reflns_shell.pdbx_Rpim_I_all 
_reflns_shell.pdbx_rejects 
_reflns_shell.pdbx_ordinal 
_reflns_shell.pdbx_diffrn_id 
_reflns_shell.pdbx_CC_half 
_reflns_shell.pdbx_R_split 
1.930 1.960  ? ? ? ? ? ? 965  91.600 ? ? ? ? 0.499 ? ? ? ? ? ? ? ? 4.800  ? 2.869  ? ? 0.549 0.218 ? 1  1 0.446 ? 
1.960 2.000  ? ? ? ? ? ? 948  92.400 ? ? ? ? 0.457 ? ? ? ? ? ? ? ? 5.500  ? 2.851  ? ? 0.498 0.190 ? 2  1 0.544 ? 
2.000 2.040  ? ? ? ? ? ? 967  92.400 ? ? ? ? 0.408 ? ? ? ? ? ? ? ? 5.800  ? 2.991  ? ? 0.442 0.161 ? 3  1 0.671 ? 
2.040 2.080  ? ? ? ? ? ? 975  94.000 ? ? ? ? 0.377 ? ? ? ? ? ? ? ? 6.000  ? 3.211  ? ? 0.408 0.148 ? 4  1 0.744 ? 
2.080 2.120  ? ? ? ? ? ? 977  94.700 ? ? ? ? 0.344 ? ? ? ? ? ? ? ? 6.400  ? 3.755  ? ? 0.369 0.128 ? 5  1 0.837 ? 
2.120 2.170  ? ? ? ? ? ? 987  94.300 ? ? ? ? 0.304 ? ? ? ? ? ? ? ? 6.700  ? 3.995  ? ? 0.326 0.112 ? 6  1 0.881 ? 
2.170 2.230  ? ? ? ? ? ? 985  94.700 ? ? ? ? 0.272 ? ? ? ? ? ? ? ? 6.900  ? 4.287  ? ? 0.293 0.102 ? 7  1 0.905 ? 
2.230 2.290  ? ? ? ? ? ? 1004 95.500 ? ? ? ? 0.240 ? ? ? ? ? ? ? ? 7.000  ? 4.480  ? ? 0.257 0.088 ? 8  1 0.919 ? 
2.290 2.360  ? ? ? ? ? ? 1028 97.100 ? ? ? ? 0.215 ? ? ? ? ? ? ? ? 7.100  ? 4.590  ? ? 0.231 0.079 ? 9  1 0.939 ? 
2.360 2.430  ? ? ? ? ? ? 1019 96.200 ? ? ? ? 0.207 ? ? ? ? ? ? ? ? 7.500  ? 4.682  ? ? 0.221 0.074 ? 10 1 0.942 ? 
2.430 2.520  ? ? ? ? ? ? 1020 97.900 ? ? ? ? 0.181 ? ? ? ? ? ? ? ? 7.600  ? 5.293  ? ? 0.193 0.063 ? 11 1 0.966 ? 
2.520 2.620  ? ? ? ? ? ? 1026 97.100 ? ? ? ? 0.162 ? ? ? ? ? ? ? ? 7.900  ? 5.915  ? ? 0.173 0.056 ? 12 1 0.970 ? 
2.620 2.740  ? ? ? ? ? ? 1067 98.300 ? ? ? ? 0.159 ? ? ? ? ? ? ? ? 8.200  ? 7.016  ? ? 0.169 0.055 ? 13 1 0.970 ? 
2.740 2.880  ? ? ? ? ? ? 1042 98.600 ? ? ? ? 0.147 ? ? ? ? ? ? ? ? 8.700  ? 8.150  ? ? 0.156 0.049 ? 14 1 0.981 ? 
2.880 3.060  ? ? ? ? ? ? 1069 98.700 ? ? ? ? 0.145 ? ? ? ? ? ? ? ? 9.200  ? 10.649 ? ? 0.153 0.048 ? 15 1 0.974 ? 
3.060 3.300  ? ? ? ? ? ? 1079 98.700 ? ? ? ? 0.138 ? ? ? ? ? ? ? ? 9.800  ? 13.177 ? ? 0.145 0.043 ? 16 1 0.986 ? 
3.300 3.630  ? ? ? ? ? ? 1091 99.300 ? ? ? ? 0.138 ? ? ? ? ? ? ? ? 10.400 ? 17.726 ? ? 0.145 0.043 ? 17 1 0.986 ? 
3.630 4.160  ? ? ? ? ? ? 1098 98.900 ? ? ? ? 0.124 ? ? ? ? ? ? ? ? 10.800 ? 21.192 ? ? 0.131 0.038 ? 18 1 0.990 ? 
4.160 5.240  ? ? ? ? ? ? 1120 97.400 ? ? ? ? 0.093 ? ? ? ? ? ? ? ? 10.900 ? 17.150 ? ? 0.098 0.029 ? 19 1 0.992 ? 
5.240 50.000 ? ? ? ? ? ? 1204 93.100 ? ? ? ? 0.081 ? ? ? ? ? ? ? ? 13.500 ? 17.540 ? ? 0.084 0.023 ? 20 1 0.993 ? 
# 
_refine.aniso_B[1][1]                            -0.0000 
_refine.aniso_B[1][2]                            -0.0000 
_refine.aniso_B[1][3]                            -0.0000 
_refine.aniso_B[2][2]                            -0.0000 
_refine.aniso_B[2][3]                            0.0000 
_refine.aniso_B[3][3]                            0.0100 
_refine.B_iso_max                                89.520 
_refine.B_iso_mean                               28.0010 
_refine.B_iso_min                                15.670 
_refine.correlation_coeff_Fo_to_Fc               0.9460 
_refine.correlation_coeff_Fo_to_Fc_free          0.9180 
_refine.details                                  
'HYDROGENS HAVE BEEN ADDED IN THE RIDING POSITIONS U VALUES      : REFINED INDIVIDUALLY' 
_refine.diff_density_max                         ? 
_refine.diff_density_max_esd                     ? 
_refine.diff_density_min                         ? 
_refine.diff_density_min_esd                     ? 
_refine.diff_density_rms                         ? 
_refine.diff_density_rms_esd                     ? 
_refine.entry_id                                 6IL0 
_refine.pdbx_refine_id                           'X-RAY DIFFRACTION' 
_refine.ls_abs_structure_details                 ? 
_refine.ls_abs_structure_Flack                   ? 
_refine.ls_abs_structure_Flack_esd               ? 
_refine.ls_abs_structure_Rogers                  ? 
_refine.ls_abs_structure_Rogers_esd              ? 
_refine.ls_d_res_high                            1.9300 
_refine.ls_d_res_low                             49.9100 
_refine.ls_extinction_coef                       ? 
_refine.ls_extinction_coef_esd                   ? 
_refine.ls_extinction_expression                 ? 
_refine.ls_extinction_method                     ? 
_refine.ls_goodness_of_fit_all                   ? 
_refine.ls_goodness_of_fit_all_esd               ? 
_refine.ls_goodness_of_fit_obs                   ? 
_refine.ls_goodness_of_fit_obs_esd               ? 
_refine.ls_hydrogen_treatment                    ? 
_refine.ls_matrix_type                           ? 
_refine.ls_number_constraints                    ? 
_refine.ls_number_parameters                     ? 
_refine.ls_number_reflns_all                     ? 
_refine.ls_number_reflns_obs                     19579 
_refine.ls_number_reflns_R_free                  1066 
_refine.ls_number_reflns_R_work                  ? 
_refine.ls_number_restraints                     ? 
_refine.ls_percent_reflns_obs                    96.4200 
_refine.ls_percent_reflns_R_free                 5.2000 
_refine.ls_R_factor_all                          ? 
_refine.ls_R_factor_obs                          0.1971 
_refine.ls_R_factor_R_free                       0.2307 
_refine.ls_R_factor_R_free_error                 ? 
_refine.ls_R_factor_R_free_error_details         ? 
_refine.ls_R_factor_R_work                       0.1953 
_refine.ls_R_Fsqd_factor_obs                     ? 
_refine.ls_R_I_factor_obs                        ? 
_refine.ls_redundancy_reflns_all                 ? 
_refine.ls_redundancy_reflns_obs                 ? 
_refine.ls_restrained_S_all                      ? 
_refine.ls_restrained_S_obs                      ? 
_refine.ls_shift_over_esd_max                    ? 
_refine.ls_shift_over_esd_mean                   ? 
_refine.ls_structure_factor_coef                 ? 
_refine.ls_weighting_details                     ? 
_refine.ls_weighting_scheme                      ? 
_refine.ls_wR_factor_all                         ? 
_refine.ls_wR_factor_obs                         ? 
_refine.ls_wR_factor_R_free                      ? 
_refine.ls_wR_factor_R_work                      ? 
_refine.occupancy_max                            ? 
_refine.occupancy_min                            ? 
_refine.solvent_model_details                    ? 
_refine.solvent_model_param_bsol                 ? 
_refine.solvent_model_param_ksol                 ? 
_refine.ls_R_factor_gt                           ? 
_refine.ls_goodness_of_fit_gt                    ? 
_refine.ls_goodness_of_fit_ref                   ? 
_refine.ls_shift_over_su_max                     ? 
_refine.ls_shift_over_su_max_lt                  ? 
_refine.ls_shift_over_su_mean                    ? 
_refine.ls_shift_over_su_mean_lt                 ? 
_refine.pdbx_ls_sigma_I                          ? 
_refine.pdbx_ls_sigma_F                          0.000 
_refine.pdbx_ls_sigma_Fsqd                       ? 
_refine.pdbx_data_cutoff_high_absF               ? 
_refine.pdbx_data_cutoff_high_rms_absF           ? 
_refine.pdbx_data_cutoff_low_absF                ? 
_refine.pdbx_isotropic_thermal_model             ? 
_refine.pdbx_ls_cross_valid_method               THROUGHOUT 
_refine.pdbx_method_to_determine_struct          'MOLECULAR REPLACEMENT' 
_refine.pdbx_starting_model                      5E5D 
_refine.pdbx_stereochemistry_target_values       ? 
_refine.pdbx_R_Free_selection_details            RANDOM 
_refine.pdbx_stereochem_target_val_spec_case     ? 
_refine.pdbx_overall_ESU_R                       0.1180 
_refine.pdbx_overall_ESU_R_Free                  0.1190 
_refine.pdbx_solvent_vdw_probe_radii             1.2000 
_refine.pdbx_solvent_ion_probe_radii             0.8000 
_refine.pdbx_solvent_shrinkage_radii             0.8000 
_refine.pdbx_real_space_R                        ? 
_refine.pdbx_density_correlation                 ? 
_refine.pdbx_pd_number_of_powder_patterns        ? 
_refine.pdbx_pd_number_of_points                 ? 
_refine.pdbx_pd_meas_number_of_points            ? 
_refine.pdbx_pd_proc_ls_prof_R_factor            ? 
_refine.pdbx_pd_proc_ls_prof_wR_factor           ? 
_refine.pdbx_pd_Marquardt_correlation_coeff      ? 
_refine.pdbx_pd_Fsqrd_R_factor                   ? 
_refine.pdbx_pd_ls_matrix_band_width             ? 
_refine.pdbx_overall_phase_error                 ? 
_refine.pdbx_overall_SU_R_free_Cruickshank_DPI   ? 
_refine.pdbx_overall_SU_R_free_Blow_DPI          ? 
_refine.pdbx_overall_SU_R_Blow_DPI               ? 
_refine.pdbx_TLS_residual_ADP_flag               ? 
_refine.pdbx_diffrn_id                           1 
_refine.overall_SU_B                             2.8020 
_refine.overall_SU_ML                            0.0800 
_refine.overall_SU_R_Cruickshank_DPI             0.1235 
_refine.overall_SU_R_free                        ? 
_refine.overall_FOM_free_R_set                   ? 
_refine.overall_FOM_work_R_set                   ? 
_refine.pdbx_average_fsc_overall                 ? 
_refine.pdbx_average_fsc_work                    ? 
_refine.pdbx_average_fsc_free                    ? 
# 
_refine_hist.cycle_id                         final 
_refine_hist.pdbx_refine_id                   'X-RAY DIFFRACTION' 
_refine_hist.d_res_high                       1.9300 
_refine_hist.d_res_low                        49.9100 
_refine_hist.pdbx_number_atoms_ligand         28 
_refine_hist.number_atoms_solvent             40 
_refine_hist.number_atoms_total               1318 
_refine_hist.pdbx_number_residues_total       160 
_refine_hist.pdbx_B_iso_mean_ligand           55.60 
_refine_hist.pdbx_B_iso_mean_solvent          30.63 
_refine_hist.pdbx_number_atoms_protein        1250 
_refine_hist.pdbx_number_atoms_nucleic_acid   0 
# 
loop_
_refine_ls_restr.pdbx_refine_id 
_refine_ls_restr.criterion 
_refine_ls_restr.dev_ideal 
_refine_ls_restr.dev_ideal_target 
_refine_ls_restr.number 
_refine_ls_restr.rejects 
_refine_ls_restr.type 
_refine_ls_restr.weight 
_refine_ls_restr.pdbx_restraint_function 
'X-RAY DIFFRACTION' ? 0.021  0.019  1304 ? r_bond_refined_d       ? ? 
'X-RAY DIFFRACTION' ? 0.002  0.020  1203 ? r_bond_other_d         ? ? 
'X-RAY DIFFRACTION' ? 2.306  1.988  1767 ? r_angle_refined_deg    ? ? 
'X-RAY DIFFRACTION' ? 1.101  3.000  2769 ? r_angle_other_deg      ? ? 
'X-RAY DIFFRACTION' ? 7.131  5.000  158  ? r_dihedral_angle_1_deg ? ? 
'X-RAY DIFFRACTION' ? 33.062 22.742 62   ? r_dihedral_angle_2_deg ? ? 
'X-RAY DIFFRACTION' ? 12.256 15.000 201  ? r_dihedral_angle_3_deg ? ? 
'X-RAY DIFFRACTION' ? 16.778 15.000 13   ? r_dihedral_angle_4_deg ? ? 
'X-RAY DIFFRACTION' ? 0.140  0.200  191  ? r_chiral_restr         ? ? 
'X-RAY DIFFRACTION' ? 0.011  0.021  1459 ? r_gen_planes_refined   ? ? 
'X-RAY DIFFRACTION' ? 0.001  0.020  286  ? r_gen_planes_other     ? ? 
# 
_refine_ls_shell.pdbx_refine_id                   'X-RAY DIFFRACTION' 
_refine_ls_shell.d_res_high                       1.9340 
_refine_ls_shell.d_res_low                        1.9840 
_refine_ls_shell.number_reflns_all                1421 
_refine_ls_shell.number_reflns_obs                ? 
_refine_ls_shell.number_reflns_R_free             73 
_refine_ls_shell.number_reflns_R_work             1348 
_refine_ls_shell.percent_reflns_obs               92.6300 
_refine_ls_shell.percent_reflns_R_free            ? 
_refine_ls_shell.R_factor_all                     ? 
_refine_ls_shell.R_factor_obs                     ? 
_refine_ls_shell.R_factor_R_free                  0.2690 
_refine_ls_shell.R_factor_R_free_error            0.0000 
_refine_ls_shell.R_factor_R_work                  0.2570 
_refine_ls_shell.redundancy_reflns_all            ? 
_refine_ls_shell.redundancy_reflns_obs            ? 
_refine_ls_shell.wR_factor_all                    ? 
_refine_ls_shell.wR_factor_obs                    ? 
_refine_ls_shell.wR_factor_R_free                 ? 
_refine_ls_shell.wR_factor_R_work                 ? 
_refine_ls_shell.pdbx_total_number_of_bins_used   20 
_refine_ls_shell.pdbx_phase_error                 ? 
_refine_ls_shell.pdbx_fsc_work                    ? 
_refine_ls_shell.pdbx_fsc_free                    ? 
# 
_struct.entry_id                     6IL0 
_struct.title                        'K3U complex structure of peptide deformylase from Xanthomonas oryzae pv. oryzae' 
_struct.pdbx_model_details           ? 
_struct.pdbx_formula_weight          ? 
_struct.pdbx_formula_weight_method   ? 
_struct.pdbx_model_type_details      ? 
_struct.pdbx_CASP_flag               N 
# 
_struct_keywords.entry_id        6IL0 
_struct_keywords.text            'peptide deformylase, hydrolase' 
_struct_keywords.pdbx_keywords   HYDROLASE 
# 
loop_
_struct_asym.id 
_struct_asym.pdbx_blank_PDB_chainid_flag 
_struct_asym.pdbx_modified 
_struct_asym.entity_id 
_struct_asym.details 
A N N 1 ? 
B N N 2 ? 
C N N 3 ? 
D N N 3 ? 
E N N 3 ? 
F N N 4 ? 
# 
_struct_ref.id                         1 
_struct_ref.db_name                    UNP 
_struct_ref.db_code                    Q5H3Z2_XANOR 
_struct_ref.pdbx_db_accession          Q5H3Z2 
_struct_ref.pdbx_db_isoform            ? 
_struct_ref.entity_id                  1 
_struct_ref.pdbx_seq_one_letter_code   
;MIRDIIRMGDKRLLRVAPQVTNLGSAELHALVSDMFETMGAAHGVGLAAPQIAVDLQLMVFGFEASERYPEAPAVPLTAL
ANAQIEPLSDEMENGWEGCLSIPGLRAVIPRYRYIRYRGFAPDGSPIEREAEGFHARVVQHEYDHLVGRLYPSRIENFDT
FGFDDVLSY
;
_struct_ref.pdbx_align_begin           42 
# 
_struct_ref_seq.align_id                      1 
_struct_ref_seq.ref_id                        1 
_struct_ref_seq.pdbx_PDB_id_code              6IL0 
_struct_ref_seq.pdbx_strand_id                A 
_struct_ref_seq.seq_align_beg                 1 
_struct_ref_seq.pdbx_seq_align_beg_ins_code   ? 
_struct_ref_seq.seq_align_end                 169 
_struct_ref_seq.pdbx_seq_align_end_ins_code   ? 
_struct_ref_seq.pdbx_db_accession             Q5H3Z2 
_struct_ref_seq.db_align_beg                  42 
_struct_ref_seq.pdbx_db_align_beg_ins_code    ? 
_struct_ref_seq.db_align_end                  210 
_struct_ref_seq.pdbx_db_align_end_ins_code    ? 
_struct_ref_seq.pdbx_auth_seq_align_beg       1 
_struct_ref_seq.pdbx_auth_seq_align_end       169 
# 
_pdbx_struct_assembly.id                   1 
_pdbx_struct_assembly.details              author_and_software_defined_assembly 
_pdbx_struct_assembly.method_details       PISA 
_pdbx_struct_assembly.oligomeric_details   monomeric 
_pdbx_struct_assembly.oligomeric_count     1 
# 
loop_
_pdbx_struct_assembly_prop.biol_id 
_pdbx_struct_assembly_prop.type 
_pdbx_struct_assembly_prop.value 
_pdbx_struct_assembly_prop.details 
1 'ABSA (A^2)' 100  ? 
1 MORE         -7   ? 
1 'SSA (A^2)'  8180 ? 
# 
_pdbx_struct_assembly_gen.assembly_id       1 
_pdbx_struct_assembly_gen.oper_expression   1 
_pdbx_struct_assembly_gen.asym_id_list      A,B,C,D,E,F 
# 
_pdbx_struct_assembly_auth_evidence.id                     1 
_pdbx_struct_assembly_auth_evidence.assembly_id            1 
_pdbx_struct_assembly_auth_evidence.experimental_support   none 
_pdbx_struct_assembly_auth_evidence.details                ? 
# 
_pdbx_struct_oper_list.id                   1 
_pdbx_struct_oper_list.type                 'identity operation' 
_pdbx_struct_oper_list.name                 1_555 
_pdbx_struct_oper_list.symmetry_operation   x,y,z 
_pdbx_struct_oper_list.matrix[1][1]         1.0000000000 
_pdbx_struct_oper_list.matrix[1][2]         0.0000000000 
_pdbx_struct_oper_list.matrix[1][3]         0.0000000000 
_pdbx_struct_oper_list.vector[1]            0.0000000000 
_pdbx_struct_oper_list.matrix[2][1]         0.0000000000 
_pdbx_struct_oper_list.matrix[2][2]         1.0000000000 
_pdbx_struct_oper_list.matrix[2][3]         0.0000000000 
_pdbx_struct_oper_list.vector[2]            0.0000000000 
_pdbx_struct_oper_list.matrix[3][1]         0.0000000000 
_pdbx_struct_oper_list.matrix[3][2]         0.0000000000 
_pdbx_struct_oper_list.matrix[3][3]         1.0000000000 
_pdbx_struct_oper_list.vector[3]            0.0000000000 
# 
loop_
_struct_conf.conf_type_id 
_struct_conf.id 
_struct_conf.pdbx_PDB_helix_id 
_struct_conf.beg_label_comp_id 
_struct_conf.beg_label_asym_id 
_struct_conf.beg_label_seq_id 
_struct_conf.pdbx_beg_PDB_ins_code 
_struct_conf.end_label_comp_id 
_struct_conf.end_label_asym_id 
_struct_conf.end_label_seq_id 
_struct_conf.pdbx_end_PDB_ins_code 
_struct_conf.beg_auth_comp_id 
_struct_conf.beg_auth_asym_id 
_struct_conf.beg_auth_seq_id 
_struct_conf.end_auth_comp_id 
_struct_conf.end_auth_asym_id 
_struct_conf.end_auth_seq_id 
_struct_conf.pdbx_PDB_helix_class 
_struct_conf.details 
_struct_conf.pdbx_PDB_helix_length 
HELX_P HELX_P1 AA1 ASP A 10  ? ARG A 15  ? ASP A 10  ARG A 15  5 ? 6  
HELX_P HELX_P2 AA2 SER A 25  ? ALA A 42  ? SER A 25  ALA A 42  1 ? 18 
HELX_P HELX_P3 AA3 PRO A 50  ? ALA A 53  ? PRO A 50  ALA A 53  5 ? 4  
HELX_P HELX_P4 AA4 GLY A 133 ? VAL A 147 ? GLY A 133 VAL A 147 1 ? 15 
HELX_P HELX_P5 AA5 LEU A 150 ? ILE A 155 ? LEU A 150 ILE A 155 5 ? 6  
HELX_P HELX_P6 AA6 ASN A 157 ? PHE A 161 ? ASN A 157 PHE A 161 5 ? 5  
# 
_struct_conf_type.id          HELX_P 
_struct_conf_type.criteria    ? 
_struct_conf_type.reference   ? 
# 
loop_
_struct_conn.id 
_struct_conn.conn_type_id 
_struct_conn.pdbx_leaving_atom_flag 
_struct_conn.pdbx_PDB_id 
_struct_conn.ptnr1_label_asym_id 
_struct_conn.ptnr1_label_comp_id 
_struct_conn.ptnr1_label_seq_id 
_struct_conn.ptnr1_label_atom_id 
_struct_conn.pdbx_ptnr1_label_alt_id 
_struct_conn.pdbx_ptnr1_PDB_ins_code 
_struct_conn.pdbx_ptnr1_standard_comp_id 
_struct_conn.ptnr1_symmetry 
_struct_conn.ptnr2_label_asym_id 
_struct_conn.ptnr2_label_comp_id 
_struct_conn.ptnr2_label_seq_id 
_struct_conn.ptnr2_label_atom_id 
_struct_conn.pdbx_ptnr2_label_alt_id 
_struct_conn.pdbx_ptnr2_PDB_ins_code 
_struct_conn.ptnr1_auth_asym_id 
_struct_conn.ptnr1_auth_comp_id 
_struct_conn.ptnr1_auth_seq_id 
_struct_conn.ptnr2_auth_asym_id 
_struct_conn.ptnr2_auth_comp_id 
_struct_conn.ptnr2_auth_seq_id 
_struct_conn.ptnr2_symmetry 
_struct_conn.pdbx_ptnr3_label_atom_id 
_struct_conn.pdbx_ptnr3_label_seq_id 
_struct_conn.pdbx_ptnr3_label_comp_id 
_struct_conn.pdbx_ptnr3_label_asym_id 
_struct_conn.pdbx_ptnr3_label_alt_id 
_struct_conn.pdbx_ptnr3_PDB_ins_code 
_struct_conn.details 
_struct_conn.pdbx_dist_value 
_struct_conn.pdbx_value_order 
_struct_conn.pdbx_role 
covale1  covale both ? A GLY 98  C   ? ? ? 1_555 A CSD 99  N  ? ? A GLY 98  A CSD 99  1_555 ? ? ? ? ? ? ? 1.322 ? ? 
covale2  covale both ? A CSD 99  C   ? ? ? 1_555 A LEU 100 N  ? ? A CSD 99  A LEU 100 1_555 ? ? ? ? ? ? ? 1.341 ? ? 
metalc1  metalc ?    ? A GLU 37  OE1 ? ? ? 1_555 D NI  .   NI ? ? A GLU 37  A NI  203 8_565 ? ? ? ? ? ? ? 2.712 ? ? 
metalc2  metalc ?    ? A GLU 37  OE2 ? ? ? 1_555 D NI  .   NI ? ? A GLU 37  A NI  203 8_565 ? ? ? ? ? ? ? 2.206 ? ? 
metalc3  metalc ?    ? A HIS 43  NE2 ? ? ? 1_555 E NI  .   NI ? ? A HIS 43  A NI  204 1_555 ? ? ? ? ? ? ? 2.040 ? ? 
metalc4  metalc ?    ? A CSD 99  SG  ? ? ? 1_555 C NI  .   NI ? ? A CSD 99  A NI  202 1_555 ? ? ? ? ? ? ? 2.297 ? ? 
metalc5  metalc ?    ? A GLU 128 OE1 ? ? ? 1_555 E NI  .   NI ? ? A GLU 128 A NI  204 8_665 ? ? ? ? ? ? ? 2.162 ? ? 
metalc6  metalc ?    ? A GLU 128 OE2 ? ? ? 1_555 E NI  .   NI ? ? A GLU 128 A NI  204 8_665 ? ? ? ? ? ? ? 2.336 ? ? 
metalc7  metalc ?    ? A GLU 130 OE1 ? ? ? 1_555 E NI  .   NI ? ? A GLU 130 A NI  204 8_665 ? ? ? ? ? ? ? 2.308 ? ? 
metalc8  metalc ?    ? A GLU 130 OE2 ? ? ? 1_555 E NI  .   NI ? ? A GLU 130 A NI  204 8_665 ? ? ? ? ? ? ? 2.741 ? ? 
metalc9  metalc ?    ? A GLU 132 OE1 ? ? ? 1_555 D NI  .   NI ? ? A GLU 132 A NI  203 1_555 ? ? ? ? ? ? ? 2.596 ? ? 
metalc10 metalc ?    ? A GLU 132 OE2 ? ? ? 1_555 D NI  .   NI ? ? A GLU 132 A NI  203 1_555 ? ? ? ? ? ? ? 2.341 ? ? 
metalc11 metalc ?    ? A HIS 141 NE2 ? ? ? 1_555 C NI  .   NI ? ? A HIS 141 A NI  202 1_555 ? ? ? ? ? ? ? 2.186 ? ? 
metalc12 metalc ?    ? A HIS 145 NE2 ? ? ? 1_555 C NI  .   NI ? ? A HIS 145 A NI  202 1_555 ? ? ? ? ? ? ? 2.193 ? ? 
# 
loop_
_struct_conn_type.id 
_struct_conn_type.criteria 
_struct_conn_type.reference 
covale ? ? 
metalc ? ? 
# 
loop_
_pdbx_struct_conn_angle.id 
_pdbx_struct_conn_angle.ptnr1_label_atom_id 
_pdbx_struct_conn_angle.ptnr1_label_alt_id 
_pdbx_struct_conn_angle.ptnr1_label_asym_id 
_pdbx_struct_conn_angle.ptnr1_label_comp_id 
_pdbx_struct_conn_angle.ptnr1_label_seq_id 
_pdbx_struct_conn_angle.ptnr1_auth_atom_id 
_pdbx_struct_conn_angle.ptnr1_auth_asym_id 
_pdbx_struct_conn_angle.ptnr1_auth_comp_id 
_pdbx_struct_conn_angle.ptnr1_auth_seq_id 
_pdbx_struct_conn_angle.ptnr1_PDB_ins_code 
_pdbx_struct_conn_angle.ptnr1_symmetry 
_pdbx_struct_conn_angle.ptnr2_label_atom_id 
_pdbx_struct_conn_angle.ptnr2_label_alt_id 
_pdbx_struct_conn_angle.ptnr2_label_asym_id 
_pdbx_struct_conn_angle.ptnr2_label_comp_id 
_pdbx_struct_conn_angle.ptnr2_label_seq_id 
_pdbx_struct_conn_angle.ptnr2_auth_atom_id 
_pdbx_struct_conn_angle.ptnr2_auth_asym_id 
_pdbx_struct_conn_angle.ptnr2_auth_comp_id 
_pdbx_struct_conn_angle.ptnr2_auth_seq_id 
_pdbx_struct_conn_angle.ptnr2_PDB_ins_code 
_pdbx_struct_conn_angle.ptnr2_symmetry 
_pdbx_struct_conn_angle.ptnr3_label_atom_id 
_pdbx_struct_conn_angle.ptnr3_label_alt_id 
_pdbx_struct_conn_angle.ptnr3_label_asym_id 
_pdbx_struct_conn_angle.ptnr3_label_comp_id 
_pdbx_struct_conn_angle.ptnr3_label_seq_id 
_pdbx_struct_conn_angle.ptnr3_auth_atom_id 
_pdbx_struct_conn_angle.ptnr3_auth_asym_id 
_pdbx_struct_conn_angle.ptnr3_auth_comp_id 
_pdbx_struct_conn_angle.ptnr3_auth_seq_id 
_pdbx_struct_conn_angle.ptnr3_PDB_ins_code 
_pdbx_struct_conn_angle.ptnr3_symmetry 
_pdbx_struct_conn_angle.value 
_pdbx_struct_conn_angle.value_esd 
1  OE1 ? A GLU 37  ? A GLU 37  ? 1_555 NI ? D NI . ? A NI 203 ? 8_565 OE2 ? A GLU 37  ? A GLU 37  ? 1_555 52.5  ? 
2  OE1 ? A GLU 37  ? A GLU 37  ? 1_555 NI ? D NI . ? A NI 203 ? 8_565 OE1 ? A GLU 132 ? A GLU 132 ? 1_555 31.8  ? 
3  OE2 ? A GLU 37  ? A GLU 37  ? 1_555 NI ? D NI . ? A NI 203 ? 8_565 OE1 ? A GLU 132 ? A GLU 132 ? 1_555 24.6  ? 
4  OE1 ? A GLU 37  ? A GLU 37  ? 1_555 NI ? D NI . ? A NI 203 ? 8_565 OE2 ? A GLU 132 ? A GLU 132 ? 1_555 32.7  ? 
5  OE2 ? A GLU 37  ? A GLU 37  ? 1_555 NI ? D NI . ? A NI 203 ? 8_565 OE2 ? A GLU 132 ? A GLU 132 ? 1_555 26.0  ? 
6  OE1 ? A GLU 132 ? A GLU 132 ? 1_555 NI ? D NI . ? A NI 203 ? 8_565 OE2 ? A GLU 132 ? A GLU 132 ? 1_555 2.9   ? 
7  NE2 ? A HIS 43  ? A HIS 43  ? 1_555 NI ? E NI . ? A NI 204 ? 1_555 OE1 ? A GLU 128 ? A GLU 128 ? 1_555 53.2  ? 
8  NE2 ? A HIS 43  ? A HIS 43  ? 1_555 NI ? E NI . ? A NI 204 ? 1_555 OE2 ? A GLU 128 ? A GLU 128 ? 1_555 56.4  ? 
9  OE1 ? A GLU 128 ? A GLU 128 ? 1_555 NI ? E NI . ? A NI 204 ? 1_555 OE2 ? A GLU 128 ? A GLU 128 ? 1_555 3.5   ? 
10 NE2 ? A HIS 43  ? A HIS 43  ? 1_555 NI ? E NI . ? A NI 204 ? 1_555 OE1 ? A GLU 130 ? A GLU 130 ? 1_555 49.2  ? 
11 OE1 ? A GLU 128 ? A GLU 128 ? 1_555 NI ? E NI . ? A NI 204 ? 1_555 OE1 ? A GLU 130 ? A GLU 130 ? 1_555 4.8   ? 
12 OE2 ? A GLU 128 ? A GLU 128 ? 1_555 NI ? E NI . ? A NI 204 ? 1_555 OE1 ? A GLU 130 ? A GLU 130 ? 1_555 7.3   ? 
13 NE2 ? A HIS 43  ? A HIS 43  ? 1_555 NI ? E NI . ? A NI 204 ? 1_555 OE2 ? A GLU 130 ? A GLU 130 ? 1_555 49.8  ? 
14 OE1 ? A GLU 128 ? A GLU 128 ? 1_555 NI ? E NI . ? A NI 204 ? 1_555 OE2 ? A GLU 130 ? A GLU 130 ? 1_555 7.0   ? 
15 OE2 ? A GLU 128 ? A GLU 128 ? 1_555 NI ? E NI . ? A NI 204 ? 1_555 OE2 ? A GLU 130 ? A GLU 130 ? 1_555 8.1   ? 
16 OE1 ? A GLU 130 ? A GLU 130 ? 1_555 NI ? E NI . ? A NI 204 ? 1_555 OE2 ? A GLU 130 ? A GLU 130 ? 1_555 3.4   ? 
17 SG  ? A CSD 99  ? A CSD 99  ? 1_555 NI ? C NI . ? A NI 202 ? 1_555 NE2 ? A HIS 141 ? A HIS 141 ? 1_555 112.2 ? 
18 SG  ? A CSD 99  ? A CSD 99  ? 1_555 NI ? C NI . ? A NI 202 ? 1_555 NE2 ? A HIS 145 ? A HIS 145 ? 1_555 102.8 ? 
19 NE2 ? A HIS 141 ? A HIS 141 ? 1_555 NI ? C NI . ? A NI 202 ? 1_555 NE2 ? A HIS 145 ? A HIS 145 ? 1_555 102.3 ? 
# 
loop_
_pdbx_modification_feature.ordinal 
_pdbx_modification_feature.label_comp_id 
_pdbx_modification_feature.label_asym_id 
_pdbx_modification_feature.label_seq_id 
_pdbx_modification_feature.label_alt_id 
_pdbx_modification_feature.modified_residue_label_comp_id 
_pdbx_modification_feature.modified_residue_label_asym_id 
_pdbx_modification_feature.modified_residue_label_seq_id 
_pdbx_modification_feature.modified_residue_label_alt_id 
_pdbx_modification_feature.auth_comp_id 
_pdbx_modification_feature.auth_asym_id 
_pdbx_modification_feature.auth_seq_id 
_pdbx_modification_feature.PDB_ins_code 
_pdbx_modification_feature.symmetry 
_pdbx_modification_feature.modified_residue_auth_comp_id 
_pdbx_modification_feature.modified_residue_auth_asym_id 
_pdbx_modification_feature.modified_residue_auth_seq_id 
_pdbx_modification_feature.modified_residue_PDB_ins_code 
_pdbx_modification_feature.modified_residue_symmetry 
_pdbx_modification_feature.comp_id_linking_atom 
_pdbx_modification_feature.modified_residue_id_linking_atom 
_pdbx_modification_feature.modified_residue_id 
_pdbx_modification_feature.ref_pcm_id 
_pdbx_modification_feature.ref_comp_id 
_pdbx_modification_feature.type 
_pdbx_modification_feature.category 
1 CSD A 99 ? . . . . CSD A 99 ? 1_555 . . . . . . . CYS 1 CSD Oxidation     'Named protein modification' 
2 CSD A 99 ? . . . . CSD A 99 ? 1_555 . . . . . . . CYS 2 CSD Hydroxylation 'Named protein modification' 
# 
loop_
_struct_sheet.id 
_struct_sheet.type 
_struct_sheet.number_strands 
_struct_sheet.details 
AA1 ? 5 ? 
AA2 ? 3 ? 
# 
loop_
_struct_sheet_order.sheet_id 
_struct_sheet_order.range_id_1 
_struct_sheet_order.range_id_2 
_struct_sheet_order.offset 
_struct_sheet_order.sense 
AA1 1 2 ? anti-parallel 
AA1 2 3 ? anti-parallel 
AA1 3 4 ? anti-parallel 
AA1 4 5 ? anti-parallel 
AA2 1 2 ? anti-parallel 
AA2 2 3 ? anti-parallel 
# 
loop_
_struct_sheet_range.sheet_id 
_struct_sheet_range.id 
_struct_sheet_range.beg_label_comp_id 
_struct_sheet_range.beg_label_asym_id 
_struct_sheet_range.beg_label_seq_id 
_struct_sheet_range.pdbx_beg_PDB_ins_code 
_struct_sheet_range.end_label_comp_id 
_struct_sheet_range.end_label_asym_id 
_struct_sheet_range.end_label_seq_id 
_struct_sheet_range.pdbx_end_PDB_ins_code 
_struct_sheet_range.beg_auth_comp_id 
_struct_sheet_range.beg_auth_asym_id 
_struct_sheet_range.beg_auth_seq_id 
_struct_sheet_range.end_auth_comp_id 
_struct_sheet_range.end_auth_asym_id 
_struct_sheet_range.end_auth_seq_id 
AA1 1 GLY A 46  ? ALA A 48  ? GLY A 46  ALA A 48  
AA1 2 LEU A 58  ? PHE A 61  ? LEU A 58  PHE A 61  
AA1 3 THR A 78  ? PRO A 87  ? THR A 78  PRO A 87  
AA1 4 TYR A 114 ? PHE A 120 ? TYR A 114 PHE A 120 
AA1 5 PRO A 126 ? GLU A 132 ? PRO A 126 GLU A 132 
AA2 1 MET A 92  ? GLU A 97  ? MET A 92  GLU A 97  
AA2 2 LEU A 105 ? TYR A 112 ? LEU A 105 TYR A 112 
AA2 3 GLY A 162 ? PHE A 163 ? GLY A 162 PHE A 163 
# 
loop_
_pdbx_struct_sheet_hbond.sheet_id 
_pdbx_struct_sheet_hbond.range_id_1 
_pdbx_struct_sheet_hbond.range_id_2 
_pdbx_struct_sheet_hbond.range_1_label_atom_id 
_pdbx_struct_sheet_hbond.range_1_label_comp_id 
_pdbx_struct_sheet_hbond.range_1_label_asym_id 
_pdbx_struct_sheet_hbond.range_1_label_seq_id 
_pdbx_struct_sheet_hbond.range_1_PDB_ins_code 
_pdbx_struct_sheet_hbond.range_1_auth_atom_id 
_pdbx_struct_sheet_hbond.range_1_auth_comp_id 
_pdbx_struct_sheet_hbond.range_1_auth_asym_id 
_pdbx_struct_sheet_hbond.range_1_auth_seq_id 
_pdbx_struct_sheet_hbond.range_2_label_atom_id 
_pdbx_struct_sheet_hbond.range_2_label_comp_id 
_pdbx_struct_sheet_hbond.range_2_label_asym_id 
_pdbx_struct_sheet_hbond.range_2_label_seq_id 
_pdbx_struct_sheet_hbond.range_2_PDB_ins_code 
_pdbx_struct_sheet_hbond.range_2_auth_atom_id 
_pdbx_struct_sheet_hbond.range_2_auth_comp_id 
_pdbx_struct_sheet_hbond.range_2_auth_asym_id 
_pdbx_struct_sheet_hbond.range_2_auth_seq_id 
AA1 1 2 N LEU A 47  ? N LEU A 47  O VAL A 60  ? O VAL A 60  
AA1 2 3 N PHE A 61  ? N PHE A 61  O THR A 78  ? O THR A 78  
AA1 3 4 N ALA A 81  ? N ALA A 81  O PHE A 120 ? O PHE A 120 
AA1 4 5 N GLY A 119 ? N GLY A 119 O ILE A 127 ? O ILE A 127 
AA2 1 2 N GLU A 97  ? N GLU A 97  O ALA A 107 ? O ALA A 107 
AA2 2 3 N ARG A 106 ? N ARG A 106 O GLY A 162 ? O GLY A 162 
# 
loop_
_struct_site.id 
_struct_site.pdbx_evidence_code 
_struct_site.pdbx_auth_asym_id 
_struct_site.pdbx_auth_comp_id 
_struct_site.pdbx_auth_seq_id 
_struct_site.pdbx_auth_ins_code 
_struct_site.pdbx_num_residues 
_struct_site.details 
AC1 Software A K3U 201 ? 12 'binding site for residue K3U A 201' 
AC2 Software A NI  202 ? 5  'binding site for residue NI A 202'  
AC3 Software A NI  203 ? 3  'binding site for residue NI A 203'  
AC4 Software A NI  204 ? 3  'binding site for residue NI A 204'  
# 
loop_
_struct_site_gen.id 
_struct_site_gen.site_id 
_struct_site_gen.pdbx_num_res 
_struct_site_gen.label_comp_id 
_struct_site_gen.label_asym_id 
_struct_site_gen.label_seq_id 
_struct_site_gen.pdbx_auth_ins_code 
_struct_site_gen.auth_comp_id 
_struct_site_gen.auth_asym_id 
_struct_site_gen.auth_seq_id 
_struct_site_gen.label_atom_id 
_struct_site_gen.label_alt_id 
_struct_site_gen.symmetry 
_struct_site_gen.details 
1  AC1 12 HIS A 43  ? HIS A 43  . ? 1_555 ? 
2  AC1 12 GLY A 44  ? GLY A 44  . ? 1_555 ? 
3  AC1 12 VAL A 45  ? VAL A 45  . ? 1_555 ? 
4  AC1 12 GLY A 46  ? GLY A 46  . ? 1_555 ? 
5  AC1 12 GLN A 51  ? GLN A 51  . ? 1_555 ? 
6  AC1 12 GLY A 98  ? GLY A 98  . ? 1_555 ? 
7  AC1 12 CSD A 99  ? CSD A 99  . ? 1_555 ? 
8  AC1 12 LEU A 100 ? LEU A 100 . ? 1_555 ? 
9  AC1 12 HIS A 141 ? HIS A 141 . ? 1_555 ? 
10 AC1 12 GLU A 142 ? GLU A 142 . ? 1_555 ? 
11 AC1 12 HIS A 145 ? HIS A 145 . ? 1_555 ? 
12 AC1 12 NI  C .   ? NI  A 202 . ? 1_555 ? 
13 AC2 5  GLN A 51  ? GLN A 51  . ? 1_555 ? 
14 AC2 5  CSD A 99  ? CSD A 99  . ? 1_555 ? 
15 AC2 5  HIS A 141 ? HIS A 141 . ? 1_555 ? 
16 AC2 5  HIS A 145 ? HIS A 145 . ? 1_555 ? 
17 AC2 5  K3U B .   ? K3U A 201 . ? 1_555 ? 
18 AC3 3  MET A 1   ? MET A 1   . ? 8_665 ? 
19 AC3 3  GLU A 37  ? GLU A 37  . ? 8_665 ? 
20 AC3 3  GLU A 132 ? GLU A 132 . ? 1_555 ? 
21 AC4 3  HIS A 43  ? HIS A 43  . ? 1_555 ? 
22 AC4 3  GLU A 128 ? GLU A 128 . ? 8_565 ? 
23 AC4 3  GLU A 130 ? GLU A 130 . ? 8_565 ? 
# 
_pdbx_entry_details.entry_id                   6IL0 
_pdbx_entry_details.compound_details           ? 
_pdbx_entry_details.source_details             ? 
_pdbx_entry_details.nonpolymer_details         ? 
_pdbx_entry_details.sequence_details           ? 
_pdbx_entry_details.has_ligand_of_interest     ? 
_pdbx_entry_details.has_protein_modification   Y 
# 
loop_
_pdbx_validate_rmsd_angle.id 
_pdbx_validate_rmsd_angle.PDB_model_num 
_pdbx_validate_rmsd_angle.auth_atom_id_1 
_pdbx_validate_rmsd_angle.auth_asym_id_1 
_pdbx_validate_rmsd_angle.auth_comp_id_1 
_pdbx_validate_rmsd_angle.auth_seq_id_1 
_pdbx_validate_rmsd_angle.PDB_ins_code_1 
_pdbx_validate_rmsd_angle.label_alt_id_1 
_pdbx_validate_rmsd_angle.auth_atom_id_2 
_pdbx_validate_rmsd_angle.auth_asym_id_2 
_pdbx_validate_rmsd_angle.auth_comp_id_2 
_pdbx_validate_rmsd_angle.auth_seq_id_2 
_pdbx_validate_rmsd_angle.PDB_ins_code_2 
_pdbx_validate_rmsd_angle.label_alt_id_2 
_pdbx_validate_rmsd_angle.auth_atom_id_3 
_pdbx_validate_rmsd_angle.auth_asym_id_3 
_pdbx_validate_rmsd_angle.auth_comp_id_3 
_pdbx_validate_rmsd_angle.auth_seq_id_3 
_pdbx_validate_rmsd_angle.PDB_ins_code_3 
_pdbx_validate_rmsd_angle.label_alt_id_3 
_pdbx_validate_rmsd_angle.angle_value 
_pdbx_validate_rmsd_angle.angle_target_value 
_pdbx_validate_rmsd_angle.angle_deviation 
_pdbx_validate_rmsd_angle.angle_standard_deviation 
_pdbx_validate_rmsd_angle.linker_flag 
1 1 NE A ARG 3   ? ? CZ A ARG 3   ? ? NH1 A ARG 3   ? ? 123.91 120.30 3.61  0.50 N 
2 1 NE A ARG 3   ? ? CZ A ARG 3   ? ? NH2 A ARG 3   ? ? 116.99 120.30 -3.31 0.50 N 
3 1 NE A ARG 113 ? ? CZ A ARG 113 ? ? NH1 A ARG 113 ? ? 124.60 120.30 4.30  0.50 N 
4 1 NE A ARG 113 ? ? CZ A ARG 113 ? ? NH2 A ARG 113 ? ? 117.25 120.30 -3.05 0.50 N 
# 
_pdbx_struct_mod_residue.id               1 
_pdbx_struct_mod_residue.label_asym_id    A 
_pdbx_struct_mod_residue.label_comp_id    CSD 
_pdbx_struct_mod_residue.label_seq_id     99 
_pdbx_struct_mod_residue.auth_asym_id     A 
_pdbx_struct_mod_residue.auth_comp_id     CSD 
_pdbx_struct_mod_residue.auth_seq_id      99 
_pdbx_struct_mod_residue.PDB_ins_code     ? 
_pdbx_struct_mod_residue.parent_comp_id   CYS 
_pdbx_struct_mod_residue.details          'modified residue' 
# 
loop_
_pdbx_unobs_or_zero_occ_residues.id 
_pdbx_unobs_or_zero_occ_residues.PDB_model_num 
_pdbx_unobs_or_zero_occ_residues.polymer_flag 
_pdbx_unobs_or_zero_occ_residues.occupancy_flag 
_pdbx_unobs_or_zero_occ_residues.auth_asym_id 
_pdbx_unobs_or_zero_occ_residues.auth_comp_id 
_pdbx_unobs_or_zero_occ_residues.auth_seq_id 
_pdbx_unobs_or_zero_occ_residues.PDB_ins_code 
_pdbx_unobs_or_zero_occ_residues.label_asym_id 
_pdbx_unobs_or_zero_occ_residues.label_comp_id 
_pdbx_unobs_or_zero_occ_residues.label_seq_id 
1 1 Y 1 A GLU 64 ? A GLU 64 
2 1 Y 1 A ALA 65 ? A ALA 65 
3 1 Y 1 A SER 66 ? A SER 66 
4 1 Y 1 A GLU 67 ? A GLU 67 
5 1 Y 1 A ARG 68 ? A ARG 68 
6 1 Y 1 A TYR 69 ? A TYR 69 
7 1 Y 1 A PRO 70 ? A PRO 70 
8 1 Y 1 A GLU 71 ? A GLU 71 
9 1 Y 1 A ALA 72 ? A ALA 72 
# 
loop_
_chem_comp_atom.comp_id 
_chem_comp_atom.atom_id 
_chem_comp_atom.type_symbol 
_chem_comp_atom.pdbx_aromatic_flag 
_chem_comp_atom.pdbx_stereo_config 
_chem_comp_atom.pdbx_ordinal 
ALA N    N  N N 1   
ALA CA   C  N S 2   
ALA C    C  N N 3   
ALA O    O  N N 4   
ALA CB   C  N N 5   
ALA OXT  O  N N 6   
ALA H    H  N N 7   
ALA H2   H  N N 8   
ALA HA   H  N N 9   
ALA HB1  H  N N 10  
ALA HB2  H  N N 11  
ALA HB3  H  N N 12  
ALA HXT  H  N N 13  
ARG N    N  N N 14  
ARG CA   C  N S 15  
ARG C    C  N N 16  
ARG O    O  N N 17  
ARG CB   C  N N 18  
ARG CG   C  N N 19  
ARG CD   C  N N 20  
ARG NE   N  N N 21  
ARG CZ   C  N N 22  
ARG NH1  N  N N 23  
ARG NH2  N  N N 24  
ARG OXT  O  N N 25  
ARG H    H  N N 26  
ARG H2   H  N N 27  
ARG HA   H  N N 28  
ARG HB2  H  N N 29  
ARG HB3  H  N N 30  
ARG HG2  H  N N 31  
ARG HG3  H  N N 32  
ARG HD2  H  N N 33  
ARG HD3  H  N N 34  
ARG HE   H  N N 35  
ARG HH11 H  N N 36  
ARG HH12 H  N N 37  
ARG HH21 H  N N 38  
ARG HH22 H  N N 39  
ARG HXT  H  N N 40  
ASN N    N  N N 41  
ASN CA   C  N S 42  
ASN C    C  N N 43  
ASN O    O  N N 44  
ASN CB   C  N N 45  
ASN CG   C  N N 46  
ASN OD1  O  N N 47  
ASN ND2  N  N N 48  
ASN OXT  O  N N 49  
ASN H    H  N N 50  
ASN H2   H  N N 51  
ASN HA   H  N N 52  
ASN HB2  H  N N 53  
ASN HB3  H  N N 54  
ASN HD21 H  N N 55  
ASN HD22 H  N N 56  
ASN HXT  H  N N 57  
ASP N    N  N N 58  
ASP CA   C  N S 59  
ASP C    C  N N 60  
ASP O    O  N N 61  
ASP CB   C  N N 62  
ASP CG   C  N N 63  
ASP OD1  O  N N 64  
ASP OD2  O  N N 65  
ASP OXT  O  N N 66  
ASP H    H  N N 67  
ASP H2   H  N N 68  
ASP HA   H  N N 69  
ASP HB2  H  N N 70  
ASP HB3  H  N N 71  
ASP HD2  H  N N 72  
ASP HXT  H  N N 73  
CSD N    N  N N 74  
CSD CA   C  N R 75  
CSD CB   C  N N 76  
CSD SG   S  N N 77  
CSD C    C  N N 78  
CSD O    O  N N 79  
CSD OXT  O  N N 80  
CSD OD1  O  N N 81  
CSD OD2  O  N N 82  
CSD H    H  N N 83  
CSD H2   H  N N 84  
CSD HA   H  N N 85  
CSD HB2  H  N N 86  
CSD HB3  H  N N 87  
CSD HXT  H  N N 88  
CSD HD2  H  N N 89  
GLN N    N  N N 90  
GLN CA   C  N S 91  
GLN C    C  N N 92  
GLN O    O  N N 93  
GLN CB   C  N N 94  
GLN CG   C  N N 95  
GLN CD   C  N N 96  
GLN OE1  O  N N 97  
GLN NE2  N  N N 98  
GLN OXT  O  N N 99  
GLN H    H  N N 100 
GLN H2   H  N N 101 
GLN HA   H  N N 102 
GLN HB2  H  N N 103 
GLN HB3  H  N N 104 
GLN HG2  H  N N 105 
GLN HG3  H  N N 106 
GLN HE21 H  N N 107 
GLN HE22 H  N N 108 
GLN HXT  H  N N 109 
GLU N    N  N N 110 
GLU CA   C  N S 111 
GLU C    C  N N 112 
GLU O    O  N N 113 
GLU CB   C  N N 114 
GLU CG   C  N N 115 
GLU CD   C  N N 116 
GLU OE1  O  N N 117 
GLU OE2  O  N N 118 
GLU OXT  O  N N 119 
GLU H    H  N N 120 
GLU H2   H  N N 121 
GLU HA   H  N N 122 
GLU HB2  H  N N 123 
GLU HB3  H  N N 124 
GLU HG2  H  N N 125 
GLU HG3  H  N N 126 
GLU HE2  H  N N 127 
GLU HXT  H  N N 128 
GLY N    N  N N 129 
GLY CA   C  N N 130 
GLY C    C  N N 131 
GLY O    O  N N 132 
GLY OXT  O  N N 133 
GLY H    H  N N 134 
GLY H2   H  N N 135 
GLY HA2  H  N N 136 
GLY HA3  H  N N 137 
GLY HXT  H  N N 138 
HIS N    N  N N 139 
HIS CA   C  N S 140 
HIS C    C  N N 141 
HIS O    O  N N 142 
HIS CB   C  N N 143 
HIS CG   C  Y N 144 
HIS ND1  N  Y N 145 
HIS CD2  C  Y N 146 
HIS CE1  C  Y N 147 
HIS NE2  N  Y N 148 
HIS OXT  O  N N 149 
HIS H    H  N N 150 
HIS H2   H  N N 151 
HIS HA   H  N N 152 
HIS HB2  H  N N 153 
HIS HB3  H  N N 154 
HIS HD1  H  N N 155 
HIS HD2  H  N N 156 
HIS HE1  H  N N 157 
HIS HE2  H  N N 158 
HIS HXT  H  N N 159 
HOH O    O  N N 160 
HOH H1   H  N N 161 
HOH H2   H  N N 162 
ILE N    N  N N 163 
ILE CA   C  N S 164 
ILE C    C  N N 165 
ILE O    O  N N 166 
ILE CB   C  N S 167 
ILE CG1  C  N N 168 
ILE CG2  C  N N 169 
ILE CD1  C  N N 170 
ILE OXT  O  N N 171 
ILE H    H  N N 172 
ILE H2   H  N N 173 
ILE HA   H  N N 174 
ILE HB   H  N N 175 
ILE HG12 H  N N 176 
ILE HG13 H  N N 177 
ILE HG21 H  N N 178 
ILE HG22 H  N N 179 
ILE HG23 H  N N 180 
ILE HD11 H  N N 181 
ILE HD12 H  N N 182 
ILE HD13 H  N N 183 
ILE HXT  H  N N 184 
K3U O    O  N N 185 
K3U C    C  N N 186 
K3U C13  C  Y N 187 
K3U C14  C  Y N 188 
K3U C15  C  Y N 189 
K3U C16  C  Y N 190 
K3U C17  C  Y N 191 
K3U C18  C  Y N 192 
K3U C1   C  N N 193 
K3U S    S  N N 194 
K3U C2   C  N N 195 
K3U O1   O  N N 196 
K3U C3   C  N R 197 
K3U C11  C  N N 198 
K3U C12  C  N N 199 
K3U F1   F  N N 200 
K3U F    F  N N 201 
K3U F2   F  N N 202 
K3U C4   C  N N 203 
K3U C5   C  Y N 204 
K3U C6   C  Y N 205 
K3U C7   C  Y N 206 
K3U C8   C  Y N 207 
K3U C9   C  Y N 208 
K3U C10  C  Y N 209 
K3U H1   H  N N 210 
K3U H2   H  N N 211 
K3U H3   H  N N 212 
K3U H4   H  N N 213 
K3U H5   H  N N 214 
K3U H6   H  N N 215 
K3U H7   H  N N 216 
K3U H8   H  N N 217 
K3U H9   H  N N 218 
K3U H10  H  N N 219 
K3U H11  H  N N 220 
K3U H12  H  N N 221 
K3U H13  H  N N 222 
K3U H14  H  N N 223 
K3U H15  H  N N 224 
K3U H16  H  N N 225 
K3U H17  H  N N 226 
LEU N    N  N N 227 
LEU CA   C  N S 228 
LEU C    C  N N 229 
LEU O    O  N N 230 
LEU CB   C  N N 231 
LEU CG   C  N N 232 
LEU CD1  C  N N 233 
LEU CD2  C  N N 234 
LEU OXT  O  N N 235 
LEU H    H  N N 236 
LEU H2   H  N N 237 
LEU HA   H  N N 238 
LEU HB2  H  N N 239 
LEU HB3  H  N N 240 
LEU HG   H  N N 241 
LEU HD11 H  N N 242 
LEU HD12 H  N N 243 
LEU HD13 H  N N 244 
LEU HD21 H  N N 245 
LEU HD22 H  N N 246 
LEU HD23 H  N N 247 
LEU HXT  H  N N 248 
LYS N    N  N N 249 
LYS CA   C  N S 250 
LYS C    C  N N 251 
LYS O    O  N N 252 
LYS CB   C  N N 253 
LYS CG   C  N N 254 
LYS CD   C  N N 255 
LYS CE   C  N N 256 
LYS NZ   N  N N 257 
LYS OXT  O  N N 258 
LYS H    H  N N 259 
LYS H2   H  N N 260 
LYS HA   H  N N 261 
LYS HB2  H  N N 262 
LYS HB3  H  N N 263 
LYS HG2  H  N N 264 
LYS HG3  H  N N 265 
LYS HD2  H  N N 266 
LYS HD3  H  N N 267 
LYS HE2  H  N N 268 
LYS HE3  H  N N 269 
LYS HZ1  H  N N 270 
LYS HZ2  H  N N 271 
LYS HZ3  H  N N 272 
LYS HXT  H  N N 273 
MET N    N  N N 274 
MET CA   C  N S 275 
MET C    C  N N 276 
MET O    O  N N 277 
MET CB   C  N N 278 
MET CG   C  N N 279 
MET SD   S  N N 280 
MET CE   C  N N 281 
MET OXT  O  N N 282 
MET H    H  N N 283 
MET H2   H  N N 284 
MET HA   H  N N 285 
MET HB2  H  N N 286 
MET HB3  H  N N 287 
MET HG2  H  N N 288 
MET HG3  H  N N 289 
MET HE1  H  N N 290 
MET HE2  H  N N 291 
MET HE3  H  N N 292 
MET HXT  H  N N 293 
NI  NI   NI N N 294 
PHE N    N  N N 295 
PHE CA   C  N S 296 
PHE C    C  N N 297 
PHE O    O  N N 298 
PHE CB   C  N N 299 
PHE CG   C  Y N 300 
PHE CD1  C  Y N 301 
PHE CD2  C  Y N 302 
PHE CE1  C  Y N 303 
PHE CE2  C  Y N 304 
PHE CZ   C  Y N 305 
PHE OXT  O  N N 306 
PHE H    H  N N 307 
PHE H2   H  N N 308 
PHE HA   H  N N 309 
PHE HB2  H  N N 310 
PHE HB3  H  N N 311 
PHE HD1  H  N N 312 
PHE HD2  H  N N 313 
PHE HE1  H  N N 314 
PHE HE2  H  N N 315 
PHE HZ   H  N N 316 
PHE HXT  H  N N 317 
PRO N    N  N N 318 
PRO CA   C  N S 319 
PRO C    C  N N 320 
PRO O    O  N N 321 
PRO CB   C  N N 322 
PRO CG   C  N N 323 
PRO CD   C  N N 324 
PRO OXT  O  N N 325 
PRO H    H  N N 326 
PRO HA   H  N N 327 
PRO HB2  H  N N 328 
PRO HB3  H  N N 329 
PRO HG2  H  N N 330 
PRO HG3  H  N N 331 
PRO HD2  H  N N 332 
PRO HD3  H  N N 333 
PRO HXT  H  N N 334 
SER N    N  N N 335 
SER CA   C  N S 336 
SER C    C  N N 337 
SER O    O  N N 338 
SER CB   C  N N 339 
SER OG   O  N N 340 
SER OXT  O  N N 341 
SER H    H  N N 342 
SER H2   H  N N 343 
SER HA   H  N N 344 
SER HB2  H  N N 345 
SER HB3  H  N N 346 
SER HG   H  N N 347 
SER HXT  H  N N 348 
THR N    N  N N 349 
THR CA   C  N S 350 
THR C    C  N N 351 
THR O    O  N N 352 
THR CB   C  N R 353 
THR OG1  O  N N 354 
THR CG2  C  N N 355 
THR OXT  O  N N 356 
THR H    H  N N 357 
THR H2   H  N N 358 
THR HA   H  N N 359 
THR HB   H  N N 360 
THR HG1  H  N N 361 
THR HG21 H  N N 362 
THR HG22 H  N N 363 
THR HG23 H  N N 364 
THR HXT  H  N N 365 
TRP N    N  N N 366 
TRP CA   C  N S 367 
TRP C    C  N N 368 
TRP O    O  N N 369 
TRP CB   C  N N 370 
TRP CG   C  Y N 371 
TRP CD1  C  Y N 372 
TRP CD2  C  Y N 373 
TRP NE1  N  Y N 374 
TRP CE2  C  Y N 375 
TRP CE3  C  Y N 376 
TRP CZ2  C  Y N 377 
TRP CZ3  C  Y N 378 
TRP CH2  C  Y N 379 
TRP OXT  O  N N 380 
TRP H    H  N N 381 
TRP H2   H  N N 382 
TRP HA   H  N N 383 
TRP HB2  H  N N 384 
TRP HB3  H  N N 385 
TRP HD1  H  N N 386 
TRP HE1  H  N N 387 
TRP HE3  H  N N 388 
TRP HZ2  H  N N 389 
TRP HZ3  H  N N 390 
TRP HH2  H  N N 391 
TRP HXT  H  N N 392 
TYR N    N  N N 393 
TYR CA   C  N S 394 
TYR C    C  N N 395 
TYR O    O  N N 396 
TYR CB   C  N N 397 
TYR CG   C  Y N 398 
TYR CD1  C  Y N 399 
TYR CD2  C  Y N 400 
TYR CE1  C  Y N 401 
TYR CE2  C  Y N 402 
TYR CZ   C  Y N 403 
TYR OH   O  N N 404 
TYR OXT  O  N N 405 
TYR H    H  N N 406 
TYR H2   H  N N 407 
TYR HA   H  N N 408 
TYR HB2  H  N N 409 
TYR HB3  H  N N 410 
TYR HD1  H  N N 411 
TYR HD2  H  N N 412 
TYR HE1  H  N N 413 
TYR HE2  H  N N 414 
TYR HH   H  N N 415 
TYR HXT  H  N N 416 
VAL N    N  N N 417 
VAL CA   C  N S 418 
VAL C    C  N N 419 
VAL O    O  N N 420 
VAL CB   C  N N 421 
VAL CG1  C  N N 422 
VAL CG2  C  N N 423 
VAL OXT  O  N N 424 
VAL H    H  N N 425 
VAL H2   H  N N 426 
VAL HA   H  N N 427 
VAL HB   H  N N 428 
VAL HG11 H  N N 429 
VAL HG12 H  N N 430 
VAL HG13 H  N N 431 
VAL HG21 H  N N 432 
VAL HG22 H  N N 433 
VAL HG23 H  N N 434 
VAL HXT  H  N N 435 
# 
loop_
_chem_comp_bond.comp_id 
_chem_comp_bond.atom_id_1 
_chem_comp_bond.atom_id_2 
_chem_comp_bond.value_order 
_chem_comp_bond.pdbx_aromatic_flag 
_chem_comp_bond.pdbx_stereo_config 
_chem_comp_bond.pdbx_ordinal 
ALA N   CA   sing N N 1   
ALA N   H    sing N N 2   
ALA N   H2   sing N N 3   
ALA CA  C    sing N N 4   
ALA CA  CB   sing N N 5   
ALA CA  HA   sing N N 6   
ALA C   O    doub N N 7   
ALA C   OXT  sing N N 8   
ALA CB  HB1  sing N N 9   
ALA CB  HB2  sing N N 10  
ALA CB  HB3  sing N N 11  
ALA OXT HXT  sing N N 12  
ARG N   CA   sing N N 13  
ARG N   H    sing N N 14  
ARG N   H2   sing N N 15  
ARG CA  C    sing N N 16  
ARG CA  CB   sing N N 17  
ARG CA  HA   sing N N 18  
ARG C   O    doub N N 19  
ARG C   OXT  sing N N 20  
ARG CB  CG   sing N N 21  
ARG CB  HB2  sing N N 22  
ARG CB  HB3  sing N N 23  
ARG CG  CD   sing N N 24  
ARG CG  HG2  sing N N 25  
ARG CG  HG3  sing N N 26  
ARG CD  NE   sing N N 27  
ARG CD  HD2  sing N N 28  
ARG CD  HD3  sing N N 29  
ARG NE  CZ   sing N N 30  
ARG NE  HE   sing N N 31  
ARG CZ  NH1  sing N N 32  
ARG CZ  NH2  doub N N 33  
ARG NH1 HH11 sing N N 34  
ARG NH1 HH12 sing N N 35  
ARG NH2 HH21 sing N N 36  
ARG NH2 HH22 sing N N 37  
ARG OXT HXT  sing N N 38  
ASN N   CA   sing N N 39  
ASN N   H    sing N N 40  
ASN N   H2   sing N N 41  
ASN CA  C    sing N N 42  
ASN CA  CB   sing N N 43  
ASN CA  HA   sing N N 44  
ASN C   O    doub N N 45  
ASN C   OXT  sing N N 46  
ASN CB  CG   sing N N 47  
ASN CB  HB2  sing N N 48  
ASN CB  HB3  sing N N 49  
ASN CG  OD1  doub N N 50  
ASN CG  ND2  sing N N 51  
ASN ND2 HD21 sing N N 52  
ASN ND2 HD22 sing N N 53  
ASN OXT HXT  sing N N 54  
ASP N   CA   sing N N 55  
ASP N   H    sing N N 56  
ASP N   H2   sing N N 57  
ASP CA  C    sing N N 58  
ASP CA  CB   sing N N 59  
ASP CA  HA   sing N N 60  
ASP C   O    doub N N 61  
ASP C   OXT  sing N N 62  
ASP CB  CG   sing N N 63  
ASP CB  HB2  sing N N 64  
ASP CB  HB3  sing N N 65  
ASP CG  OD1  doub N N 66  
ASP CG  OD2  sing N N 67  
ASP OD2 HD2  sing N N 68  
ASP OXT HXT  sing N N 69  
CSD N   CA   sing N N 70  
CSD N   H    sing N N 71  
CSD N   H2   sing N N 72  
CSD CA  CB   sing N N 73  
CSD CA  C    sing N N 74  
CSD CA  HA   sing N N 75  
CSD CB  SG   sing N N 76  
CSD CB  HB2  sing N N 77  
CSD CB  HB3  sing N N 78  
CSD SG  OD1  doub N N 79  
CSD SG  OD2  sing N N 80  
CSD C   O    doub N N 81  
CSD C   OXT  sing N N 82  
CSD OXT HXT  sing N N 83  
CSD OD2 HD2  sing N N 84  
GLN N   CA   sing N N 85  
GLN N   H    sing N N 86  
GLN N   H2   sing N N 87  
GLN CA  C    sing N N 88  
GLN CA  CB   sing N N 89  
GLN CA  HA   sing N N 90  
GLN C   O    doub N N 91  
GLN C   OXT  sing N N 92  
GLN CB  CG   sing N N 93  
GLN CB  HB2  sing N N 94  
GLN CB  HB3  sing N N 95  
GLN CG  CD   sing N N 96  
GLN CG  HG2  sing N N 97  
GLN CG  HG3  sing N N 98  
GLN CD  OE1  doub N N 99  
GLN CD  NE2  sing N N 100 
GLN NE2 HE21 sing N N 101 
GLN NE2 HE22 sing N N 102 
GLN OXT HXT  sing N N 103 
GLU N   CA   sing N N 104 
GLU N   H    sing N N 105 
GLU N   H2   sing N N 106 
GLU CA  C    sing N N 107 
GLU CA  CB   sing N N 108 
GLU CA  HA   sing N N 109 
GLU C   O    doub N N 110 
GLU C   OXT  sing N N 111 
GLU CB  CG   sing N N 112 
GLU CB  HB2  sing N N 113 
GLU CB  HB3  sing N N 114 
GLU CG  CD   sing N N 115 
GLU CG  HG2  sing N N 116 
GLU CG  HG3  sing N N 117 
GLU CD  OE1  doub N N 118 
GLU CD  OE2  sing N N 119 
GLU OE2 HE2  sing N N 120 
GLU OXT HXT  sing N N 121 
GLY N   CA   sing N N 122 
GLY N   H    sing N N 123 
GLY N   H2   sing N N 124 
GLY CA  C    sing N N 125 
GLY CA  HA2  sing N N 126 
GLY CA  HA3  sing N N 127 
GLY C   O    doub N N 128 
GLY C   OXT  sing N N 129 
GLY OXT HXT  sing N N 130 
HIS N   CA   sing N N 131 
HIS N   H    sing N N 132 
HIS N   H2   sing N N 133 
HIS CA  C    sing N N 134 
HIS CA  CB   sing N N 135 
HIS CA  HA   sing N N 136 
HIS C   O    doub N N 137 
HIS C   OXT  sing N N 138 
HIS CB  CG   sing N N 139 
HIS CB  HB2  sing N N 140 
HIS CB  HB3  sing N N 141 
HIS CG  ND1  sing Y N 142 
HIS CG  CD2  doub Y N 143 
HIS ND1 CE1  doub Y N 144 
HIS ND1 HD1  sing N N 145 
HIS CD2 NE2  sing Y N 146 
HIS CD2 HD2  sing N N 147 
HIS CE1 NE2  sing Y N 148 
HIS CE1 HE1  sing N N 149 
HIS NE2 HE2  sing N N 150 
HIS OXT HXT  sing N N 151 
HOH O   H1   sing N N 152 
HOH O   H2   sing N N 153 
ILE N   CA   sing N N 154 
ILE N   H    sing N N 155 
ILE N   H2   sing N N 156 
ILE CA  C    sing N N 157 
ILE CA  CB   sing N N 158 
ILE CA  HA   sing N N 159 
ILE C   O    doub N N 160 
ILE C   OXT  sing N N 161 
ILE CB  CG1  sing N N 162 
ILE CB  CG2  sing N N 163 
ILE CB  HB   sing N N 164 
ILE CG1 CD1  sing N N 165 
ILE CG1 HG12 sing N N 166 
ILE CG1 HG13 sing N N 167 
ILE CG2 HG21 sing N N 168 
ILE CG2 HG22 sing N N 169 
ILE CG2 HG23 sing N N 170 
ILE CD1 HD11 sing N N 171 
ILE CD1 HD12 sing N N 172 
ILE CD1 HD13 sing N N 173 
ILE OXT HXT  sing N N 174 
K3U F2  C12  sing N N 175 
K3U F   C12  sing N N 176 
K3U C12 F1   sing N N 177 
K3U C12 C11  sing N N 178 
K3U C11 C3   sing N N 179 
K3U C3  C4   sing N N 180 
K3U C3  C2   sing N N 181 
K3U C4  C5   sing N N 182 
K3U C2  O1   doub N N 183 
K3U C2  S    sing N N 184 
K3U C6  C5   doub Y N 185 
K3U C6  C7   sing Y N 186 
K3U S   C1   sing N N 187 
K3U C5  C10  sing Y N 188 
K3U C7  C8   doub Y N 189 
K3U C10 C9   doub Y N 190 
K3U C1  C    sing N N 191 
K3U O   C    doub N N 192 
K3U C8  C9   sing Y N 193 
K3U C   C13  sing N N 194 
K3U C13 C18  doub Y N 195 
K3U C13 C14  sing Y N 196 
K3U C18 C17  sing Y N 197 
K3U C14 C15  doub Y N 198 
K3U C17 C16  doub Y N 199 
K3U C15 C16  sing Y N 200 
K3U C14 H1   sing N N 201 
K3U C15 H2   sing N N 202 
K3U C16 H3   sing N N 203 
K3U C17 H4   sing N N 204 
K3U C18 H5   sing N N 205 
K3U C1  H6   sing N N 206 
K3U C1  H7   sing N N 207 
K3U C3  H8   sing N N 208 
K3U C11 H9   sing N N 209 
K3U C11 H10  sing N N 210 
K3U C4  H11  sing N N 211 
K3U C4  H12  sing N N 212 
K3U C6  H13  sing N N 213 
K3U C7  H14  sing N N 214 
K3U C8  H15  sing N N 215 
K3U C9  H16  sing N N 216 
K3U C10 H17  sing N N 217 
LEU N   CA   sing N N 218 
LEU N   H    sing N N 219 
LEU N   H2   sing N N 220 
LEU CA  C    sing N N 221 
LEU CA  CB   sing N N 222 
LEU CA  HA   sing N N 223 
LEU C   O    doub N N 224 
LEU C   OXT  sing N N 225 
LEU CB  CG   sing N N 226 
LEU CB  HB2  sing N N 227 
LEU CB  HB3  sing N N 228 
LEU CG  CD1  sing N N 229 
LEU CG  CD2  sing N N 230 
LEU CG  HG   sing N N 231 
LEU CD1 HD11 sing N N 232 
LEU CD1 HD12 sing N N 233 
LEU CD1 HD13 sing N N 234 
LEU CD2 HD21 sing N N 235 
LEU CD2 HD22 sing N N 236 
LEU CD2 HD23 sing N N 237 
LEU OXT HXT  sing N N 238 
LYS N   CA   sing N N 239 
LYS N   H    sing N N 240 
LYS N   H2   sing N N 241 
LYS CA  C    sing N N 242 
LYS CA  CB   sing N N 243 
LYS CA  HA   sing N N 244 
LYS C   O    doub N N 245 
LYS C   OXT  sing N N 246 
LYS CB  CG   sing N N 247 
LYS CB  HB2  sing N N 248 
LYS CB  HB3  sing N N 249 
LYS CG  CD   sing N N 250 
LYS CG  HG2  sing N N 251 
LYS CG  HG3  sing N N 252 
LYS CD  CE   sing N N 253 
LYS CD  HD2  sing N N 254 
LYS CD  HD3  sing N N 255 
LYS CE  NZ   sing N N 256 
LYS CE  HE2  sing N N 257 
LYS CE  HE3  sing N N 258 
LYS NZ  HZ1  sing N N 259 
LYS NZ  HZ2  sing N N 260 
LYS NZ  HZ3  sing N N 261 
LYS OXT HXT  sing N N 262 
MET N   CA   sing N N 263 
MET N   H    sing N N 264 
MET N   H2   sing N N 265 
MET CA  C    sing N N 266 
MET CA  CB   sing N N 267 
MET CA  HA   sing N N 268 
MET C   O    doub N N 269 
MET C   OXT  sing N N 270 
MET CB  CG   sing N N 271 
MET CB  HB2  sing N N 272 
MET CB  HB3  sing N N 273 
MET CG  SD   sing N N 274 
MET CG  HG2  sing N N 275 
MET CG  HG3  sing N N 276 
MET SD  CE   sing N N 277 
MET CE  HE1  sing N N 278 
MET CE  HE2  sing N N 279 
MET CE  HE3  sing N N 280 
MET OXT HXT  sing N N 281 
PHE N   CA   sing N N 282 
PHE N   H    sing N N 283 
PHE N   H2   sing N N 284 
PHE CA  C    sing N N 285 
PHE CA  CB   sing N N 286 
PHE CA  HA   sing N N 287 
PHE C   O    doub N N 288 
PHE C   OXT  sing N N 289 
PHE CB  CG   sing N N 290 
PHE CB  HB2  sing N N 291 
PHE CB  HB3  sing N N 292 
PHE CG  CD1  doub Y N 293 
PHE CG  CD2  sing Y N 294 
PHE CD1 CE1  sing Y N 295 
PHE CD1 HD1  sing N N 296 
PHE CD2 CE2  doub Y N 297 
PHE CD2 HD2  sing N N 298 
PHE CE1 CZ   doub Y N 299 
PHE CE1 HE1  sing N N 300 
PHE CE2 CZ   sing Y N 301 
PHE CE2 HE2  sing N N 302 
PHE CZ  HZ   sing N N 303 
PHE OXT HXT  sing N N 304 
PRO N   CA   sing N N 305 
PRO N   CD   sing N N 306 
PRO N   H    sing N N 307 
PRO CA  C    sing N N 308 
PRO CA  CB   sing N N 309 
PRO CA  HA   sing N N 310 
PRO C   O    doub N N 311 
PRO C   OXT  sing N N 312 
PRO CB  CG   sing N N 313 
PRO CB  HB2  sing N N 314 
PRO CB  HB3  sing N N 315 
PRO CG  CD   sing N N 316 
PRO CG  HG2  sing N N 317 
PRO CG  HG3  sing N N 318 
PRO CD  HD2  sing N N 319 
PRO CD  HD3  sing N N 320 
PRO OXT HXT  sing N N 321 
SER N   CA   sing N N 322 
SER N   H    sing N N 323 
SER N   H2   sing N N 324 
SER CA  C    sing N N 325 
SER CA  CB   sing N N 326 
SER CA  HA   sing N N 327 
SER C   O    doub N N 328 
SER C   OXT  sing N N 329 
SER CB  OG   sing N N 330 
SER CB  HB2  sing N N 331 
SER CB  HB3  sing N N 332 
SER OG  HG   sing N N 333 
SER OXT HXT  sing N N 334 
THR N   CA   sing N N 335 
THR N   H    sing N N 336 
THR N   H2   sing N N 337 
THR CA  C    sing N N 338 
THR CA  CB   sing N N 339 
THR CA  HA   sing N N 340 
THR C   O    doub N N 341 
THR C   OXT  sing N N 342 
THR CB  OG1  sing N N 343 
THR CB  CG2  sing N N 344 
THR CB  HB   sing N N 345 
THR OG1 HG1  sing N N 346 
THR CG2 HG21 sing N N 347 
THR CG2 HG22 sing N N 348 
THR CG2 HG23 sing N N 349 
THR OXT HXT  sing N N 350 
TRP N   CA   sing N N 351 
TRP N   H    sing N N 352 
TRP N   H2   sing N N 353 
TRP CA  C    sing N N 354 
TRP CA  CB   sing N N 355 
TRP CA  HA   sing N N 356 
TRP C   O    doub N N 357 
TRP C   OXT  sing N N 358 
TRP CB  CG   sing N N 359 
TRP CB  HB2  sing N N 360 
TRP CB  HB3  sing N N 361 
TRP CG  CD1  doub Y N 362 
TRP CG  CD2  sing Y N 363 
TRP CD1 NE1  sing Y N 364 
TRP CD1 HD1  sing N N 365 
TRP CD2 CE2  doub Y N 366 
TRP CD2 CE3  sing Y N 367 
TRP NE1 CE2  sing Y N 368 
TRP NE1 HE1  sing N N 369 
TRP CE2 CZ2  sing Y N 370 
TRP CE3 CZ3  doub Y N 371 
TRP CE3 HE3  sing N N 372 
TRP CZ2 CH2  doub Y N 373 
TRP CZ2 HZ2  sing N N 374 
TRP CZ3 CH2  sing Y N 375 
TRP CZ3 HZ3  sing N N 376 
TRP CH2 HH2  sing N N 377 
TRP OXT HXT  sing N N 378 
TYR N   CA   sing N N 379 
TYR N   H    sing N N 380 
TYR N   H2   sing N N 381 
TYR CA  C    sing N N 382 
TYR CA  CB   sing N N 383 
TYR CA  HA   sing N N 384 
TYR C   O    doub N N 385 
TYR C   OXT  sing N N 386 
TYR CB  CG   sing N N 387 
TYR CB  HB2  sing N N 388 
TYR CB  HB3  sing N N 389 
TYR CG  CD1  doub Y N 390 
TYR CG  CD2  sing Y N 391 
TYR CD1 CE1  sing Y N 392 
TYR CD1 HD1  sing N N 393 
TYR CD2 CE2  doub Y N 394 
TYR CD2 HD2  sing N N 395 
TYR CE1 CZ   doub Y N 396 
TYR CE1 HE1  sing N N 397 
TYR CE2 CZ   sing Y N 398 
TYR CE2 HE2  sing N N 399 
TYR CZ  OH   sing N N 400 
TYR OH  HH   sing N N 401 
TYR OXT HXT  sing N N 402 
VAL N   CA   sing N N 403 
VAL N   H    sing N N 404 
VAL N   H2   sing N N 405 
VAL CA  C    sing N N 406 
VAL CA  CB   sing N N 407 
VAL CA  HA   sing N N 408 
VAL C   O    doub N N 409 
VAL C   OXT  sing N N 410 
VAL CB  CG1  sing N N 411 
VAL CB  CG2  sing N N 412 
VAL CB  HB   sing N N 413 
VAL CG1 HG11 sing N N 414 
VAL CG1 HG12 sing N N 415 
VAL CG1 HG13 sing N N 416 
VAL CG2 HG21 sing N N 417 
VAL CG2 HG22 sing N N 418 
VAL CG2 HG23 sing N N 419 
VAL OXT HXT  sing N N 420 
# 
_pdbx_initial_refinement_model.id               1 
_pdbx_initial_refinement_model.entity_id_list   ? 
_pdbx_initial_refinement_model.type             'experimental model' 
_pdbx_initial_refinement_model.source_name      PDB 
_pdbx_initial_refinement_model.accession_code   5E5D 
_pdbx_initial_refinement_model.details          ? 
# 
_atom_sites.entry_id                    6IL0 
_atom_sites.fract_transf_matrix[1][1]   0.00291235 
_atom_sites.fract_transf_matrix[1][2]   -0.01927042 
_atom_sites.fract_transf_matrix[1][3]   -0.00271489 
_atom_sites.fract_transf_matrix[2][1]   -0.00929521 
_atom_sites.fract_transf_matrix[2][2]   -0.00939783 
_atom_sites.fract_transf_matrix[2][3]   -0.01457615 
_atom_sites.fract_transf_matrix[3][1]   0.00286816 
_atom_sites.fract_transf_matrix[3][2]   0.00076020 
_atom_sites.fract_transf_matrix[3][3]   -0.00231916 
_atom_sites.fract_transf_vector[1]      0.304229 
_atom_sites.fract_transf_vector[2]      0.337871 
_atom_sites.fract_transf_vector[3]      -0.017227 
# 
loop_
_atom_type.symbol 
C  
F  
N  
NI 
O  
S  
# 
loop_
_atom_site.group_PDB 
_atom_site.id 
_atom_site.type_symbol 
_atom_site.label_atom_id 
_atom_site.label_alt_id 
_atom_site.label_comp_id 
_atom_site.label_asym_id 
_atom_site.label_entity_id 
_atom_site.label_seq_id 
_atom_site.pdbx_PDB_ins_code 
_atom_site.Cartn_x 
_atom_site.Cartn_y 
_atom_site.Cartn_z 
_atom_site.occupancy 
_atom_site.B_iso_or_equiv 
_atom_site.pdbx_formal_charge 
_atom_site.auth_seq_id 
_atom_site.auth_comp_id 
_atom_site.auth_asym_id 
_atom_site.auth_atom_id 
_atom_site.pdbx_PDB_model_num 
ATOM   1    N  N   . MET A 1 1   ? -15.667 11.274  -2.812  1.00 41.81 ? 1   MET A N   1 
ATOM   2    C  CA  . MET A 1 1   ? -15.402 12.075  -1.603  1.00 38.56 ? 1   MET A CA  1 
ATOM   3    C  C   . MET A 1 1   ? -13.965 11.775  -1.153  1.00 33.89 ? 1   MET A C   1 
ATOM   4    O  O   . MET A 1 1   ? -13.606 10.618  -0.826  1.00 33.34 ? 1   MET A O   1 
ATOM   5    C  CB  . MET A 1 1   ? -16.482 11.793  -0.551  1.00 41.76 ? 1   MET A CB  1 
ATOM   6    C  CG  . MET A 1 1   ? -16.248 12.334  0.851   1.00 55.00 ? 1   MET A CG  1 
ATOM   7    S  SD  . MET A 1 1   ? -17.441 11.543  1.992   1.00 73.45 ? 1   MET A SD  1 
ATOM   8    C  CE  . MET A 1 1   ? -16.449 10.982  3.398   1.00 59.73 ? 1   MET A CE  1 
ATOM   9    N  N   . ILE A 1 2   ? -13.144 12.815  -1.166  1.00 25.41 ? 2   ILE A N   1 
ATOM   10   C  CA  . ILE A 1 2   ? -11.746 12.761  -0.748  1.00 27.05 ? 2   ILE A CA  1 
ATOM   11   C  C   . ILE A 1 2   ? -11.716 12.620  0.763   1.00 27.59 ? 2   ILE A C   1 
ATOM   12   O  O   . ILE A 1 2   ? -12.405 13.342  1.454   1.00 28.93 ? 2   ILE A O   1 
ATOM   13   C  CB  . ILE A 1 2   ? -10.976 14.067  -1.177  1.00 30.35 ? 2   ILE A CB  1 
ATOM   14   C  CG1 . ILE A 1 2   ? -10.886 14.106  -2.706  1.00 31.56 ? 2   ILE A CG1 1 
ATOM   15   C  CG2 . ILE A 1 2   ? -9.540  14.058  -0.553  1.00 32.76 ? 2   ILE A CG2 1 
ATOM   16   C  CD1 . ILE A 1 2   ? -10.233 15.312  -3.397  1.00 30.57 ? 2   ILE A CD1 1 
ATOM   17   N  N   . ARG A 1 3   ? -10.920 11.707  1.304   1.00 25.95 ? 3   ARG A N   1 
ATOM   18   C  CA  . ARG A 1 3   ? -10.875 11.465  2.757   1.00 27.36 ? 3   ARG A CA  1 
ATOM   19   C  C   . ARG A 1 3   ? -9.527  11.999  3.289   1.00 27.70 ? 3   ARG A C   1 
ATOM   20   O  O   . ARG A 1 3   ? -8.556  11.964  2.597   1.00 25.54 ? 3   ARG A O   1 
ATOM   21   C  CB  . ARG A 1 3   ? -10.946 9.957   3.037   1.00 32.82 ? 3   ARG A CB  1 
ATOM   22   C  CG  . ARG A 1 3   ? -12.108 9.200   2.412   1.00 33.50 ? 3   ARG A CG  1 
ATOM   23   C  CD  . ARG A 1 3   ? -13.394 9.460   3.148   1.00 39.94 ? 3   ARG A CD  1 
ATOM   24   N  NE  . ARG A 1 3   ? -14.379 8.452   2.720   1.00 48.88 ? 3   ARG A NE  1 
ATOM   25   C  CZ  . ARG A 1 3   ? -14.776 7.362   3.388   1.00 36.41 ? 3   ARG A CZ  1 
ATOM   26   N  NH1 . ARG A 1 3   ? -14.344 7.039   4.599   1.00 34.78 ? 3   ARG A NH1 1 
ATOM   27   N  NH2 . ARG A 1 3   ? -15.679 6.598   2.805   1.00 43.21 ? 3   ARG A NH2 1 
ATOM   28   N  N   . ASP A 1 4   ? -9.492  12.486  4.501   1.00 27.20 ? 4   ASP A N   1 
ATOM   29   C  CA  . ASP A 1 4   ? -8.242  12.881  5.164   1.00 31.40 ? 4   ASP A CA  1 
ATOM   30   C  C   . ASP A 1 4   ? -7.345  11.670  5.325   1.00 27.03 ? 4   ASP A C   1 
ATOM   31   O  O   . ASP A 1 4   ? -7.793  10.602  5.729   1.00 25.61 ? 4   ASP A O   1 
ATOM   32   C  CB  . ASP A 1 4   ? -8.548  13.407  6.557   1.00 36.46 ? 4   ASP A CB  1 
ATOM   33   C  CG  . ASP A 1 4   ? -9.305  14.745  6.522   1.00 45.43 ? 4   ASP A CG  1 
ATOM   34   O  OD1 . ASP A 1 4   ? -9.070  15.600  5.609   1.00 47.84 ? 4   ASP A OD1 1 
ATOM   35   O  OD2 . ASP A 1 4   ? -10.117 14.944  7.433   1.00 57.09 ? 4   ASP A OD2 1 
ATOM   36   N  N   . ILE A 1 5   ? -6.078  11.835  5.020   1.00 29.03 ? 5   ILE A N   1 
ATOM   37   C  CA  . ILE A 1 5   ? -5.090  10.775  5.204   1.00 25.43 ? 5   ILE A CA  1 
ATOM   38   C  C   . ILE A 1 5   ? -4.511  11.015  6.582   1.00 29.19 ? 5   ILE A C   1 
ATOM   39   O  O   . ILE A 1 5   ? -4.143  12.119  6.883   1.00 28.09 ? 5   ILE A O   1 
ATOM   40   C  CB  . ILE A 1 5   ? -4.045  10.895  4.075   1.00 27.71 ? 5   ILE A CB  1 
ATOM   41   C  CG1 . ILE A 1 5   ? -4.729  10.611  2.755   1.00 27.45 ? 5   ILE A CG1 1 
ATOM   42   C  CG2 . ILE A 1 5   ? -2.886  9.933   4.274   1.00 26.57 ? 5   ILE A CG2 1 
ATOM   43   C  CD1 . ILE A 1 5   ? -3.828  10.620  1.546   1.00 29.06 ? 5   ILE A CD1 1 
ATOM   44   N  N   . ILE A 1 6   ? -4.451  10.011  7.434   1.00 24.01 ? 6   ILE A N   1 
ATOM   45   C  CA  . ILE A 1 6   ? -3.842  10.168  8.763   1.00 24.42 ? 6   ILE A CA  1 
ATOM   46   C  C   . ILE A 1 6   ? -2.281  10.010  8.665   1.00 22.99 ? 6   ILE A C   1 
ATOM   47   O  O   . ILE A 1 6   ? -1.780  9.379   7.774   1.00 24.71 ? 6   ILE A O   1 
ATOM   48   C  CB  . ILE A 1 6   ? -4.513  9.282   9.842   1.00 23.35 ? 6   ILE A CB  1 
ATOM   49   C  CG1 . ILE A 1 6   ? -4.365  7.804   9.540   1.00 22.01 ? 6   ILE A CG1 1 
ATOM   50   C  CG2 . ILE A 1 6   ? -5.997  9.651   9.864   1.00 24.39 ? 6   ILE A CG2 1 
ATOM   51   C  CD1 . ILE A 1 6   ? -4.847  6.873   10.632  1.00 25.43 ? 6   ILE A CD1 1 
ATOM   52   N  N   . ARG A 1 7   ? -1.582  10.640  9.587   1.00 21.52 ? 7   ARG A N   1 
ATOM   53   C  CA  . ARG A 1 7   ? -0.149  10.752  9.563   1.00 24.59 ? 7   ARG A CA  1 
ATOM   54   C  C   . ARG A 1 7   ? 0.480   9.869   10.627  1.00 20.04 ? 7   ARG A C   1 
ATOM   55   O  O   . ARG A 1 7   ? -0.086  9.551   11.689  1.00 24.62 ? 7   ARG A O   1 
ATOM   56   C  CB  . ARG A 1 7   ? 0.238   12.253  9.724   1.00 27.09 ? 7   ARG A CB  1 
ATOM   57   C  CG  . ARG A 1 7   ? 0.049   13.047  8.435   1.00 33.32 ? 7   ARG A CG  1 
ATOM   58   C  CD  . ARG A 1 7   ? 0.576   14.458  8.645   1.00 42.78 ? 7   ARG A CD  1 
ATOM   59   N  NE  . ARG A 1 7   ? -0.194  15.155  9.683   1.00 49.80 ? 7   ARG A NE  1 
ATOM   60   C  CZ  . ARG A 1 7   ? 0.281   16.033  10.568  1.00 53.92 ? 7   ARG A CZ  1 
ATOM   61   N  NH1 . ARG A 1 7   ? 1.569   16.400  10.612  1.00 54.95 ? 7   ARG A NH1 1 
ATOM   62   N  NH2 . ARG A 1 7   ? -0.563  16.568  11.439  1.00 60.01 ? 7   ARG A NH2 1 
ATOM   63   N  N   . MET A 1 8   ? 1.651   9.409   10.300  1.00 21.75 ? 8   MET A N   1 
ATOM   64   C  CA  . MET A 1 8   ? 2.461   8.621   11.242  1.00 24.12 ? 8   MET A CA  1 
ATOM   65   C  C   . MET A 1 8   ? 2.476   9.207   12.646  1.00 25.98 ? 8   MET A C   1 
ATOM   66   O  O   . MET A 1 8   ? 2.556   10.423  12.818  1.00 24.48 ? 8   MET A O   1 
ATOM   67   C  CB  . MET A 1 8   ? 3.887   8.507   10.741  1.00 26.22 ? 8   MET A CB  1 
ATOM   68   C  CG  . MET A 1 8   ? 4.715   7.534   11.580  1.00 29.98 ? 8   MET A CG  1 
ATOM   69   S  SD  . MET A 1 8   ? 6.295   7.098   10.772  1.00 31.88 ? 8   MET A SD  1 
ATOM   70   C  CE  . MET A 1 8   ? 7.139   8.678   10.929  1.00 31.29 ? 8   MET A CE  1 
ATOM   71   N  N   . GLY A 1 9   ? 2.339   8.307   13.634  1.00 25.71 ? 9   GLY A N   1 
ATOM   72   C  CA  . GLY A 1 9   ? 2.024   8.734   14.970  1.00 26.91 ? 9   GLY A CA  1 
ATOM   73   C  C   . GLY A 1 9   ? 0.603   8.434   15.351  1.00 28.15 ? 9   GLY A C   1 
ATOM   74   O  O   . GLY A 1 9   ? 0.349   8.248   16.511  1.00 27.05 ? 9   GLY A O   1 
ATOM   75   N  N   . ASP A 1 10  ? -0.326  8.446   14.396  1.00 26.01 ? 10  ASP A N   1 
ATOM   76   C  CA  . ASP A 1 10  ? -1.686  8.044   14.684  1.00 28.16 ? 10  ASP A CA  1 
ATOM   77   C  C   . ASP A 1 10  ? -1.672  6.539   15.002  1.00 26.14 ? 10  ASP A C   1 
ATOM   78   O  O   . ASP A 1 10  ? -1.223  5.713   14.221  1.00 26.01 ? 10  ASP A O   1 
ATOM   79   C  CB  . ASP A 1 10  ? -2.631  8.431   13.506  1.00 25.28 ? 10  ASP A CB  1 
ATOM   80   C  CG  . ASP A 1 10  ? -4.118  8.365   13.904  1.00 28.51 ? 10  ASP A CG  1 
ATOM   81   O  OD1 . ASP A 1 10  ? -4.559  7.326   14.463  1.00 24.58 ? 10  ASP A OD1 1 
ATOM   82   O  OD2 . ASP A 1 10  ? -4.828  9.346   13.638  1.00 32.63 ? 10  ASP A OD2 1 
ATOM   83   N  N   . LYS A 1 11  ? -2.142  6.176   16.177  1.00 27.10 ? 11  LYS A N   1 
ATOM   84   C  CA  . LYS A 1 11  ? -2.267  4.760   16.570  1.00 33.56 ? 11  LYS A CA  1 
ATOM   85   C  C   . LYS A 1 11  ? -3.079  3.898   15.588  1.00 28.95 ? 11  LYS A C   1 
ATOM   86   O  O   . LYS A 1 11  ? -2.873  2.691   15.513  1.00 25.15 ? 11  LYS A O   1 
ATOM   87   C  CB  . LYS A 1 11  ? -2.906  4.636   17.979  1.00 37.86 ? 11  LYS A CB  1 
ATOM   88   C  CG  . LYS A 1 11  ? -1.875  4.759   19.085  1.00 47.56 ? 11  LYS A CG  1 
ATOM   89   C  CD  . LYS A 1 11  ? -2.519  5.262   20.375  1.00 54.84 ? 11  LYS A CD  1 
ATOM   90   C  CE  . LYS A 1 11  ? -1.501  5.734   21.425  1.00 57.04 ? 11  LYS A CE  1 
ATOM   91   N  NZ  . LYS A 1 11  ? -1.128  4.659   22.384  1.00 58.44 ? 11  LYS A NZ  1 
ATOM   92   N  N   . ARG A 1 12  ? -3.979  4.516   14.863  1.00 25.34 ? 12  ARG A N   1 
ATOM   93   C  CA  . ARG A 1 12  ? -4.770  3.768   13.895  1.00 28.07 ? 12  ARG A CA  1 
ATOM   94   C  C   . ARG A 1 12  ? -3.967  3.143   12.785  1.00 30.00 ? 12  ARG A C   1 
ATOM   95   O  O   . ARG A 1 12  ? -4.420  2.182   12.198  1.00 27.54 ? 12  ARG A O   1 
ATOM   96   C  CB  . ARG A 1 12  ? -5.900  4.625   13.378  1.00 25.00 ? 12  ARG A CB  1 
ATOM   97   C  CG  . ARG A 1 12  ? -6.873  4.902   14.533  1.00 29.89 ? 12  ARG A CG  1 
ATOM   98   C  CD  . ARG A 1 12  ? -7.952  5.843   14.085  1.00 30.71 ? 12  ARG A CD  1 
ATOM   99   N  NE  . ARG A 1 12  ? -7.400  7.154   13.869  1.00 28.80 ? 12  ARG A NE  1 
ATOM   100  C  CZ  . ARG A 1 12  ? -8.130  8.207   13.564  1.00 30.53 ? 12  ARG A CZ  1 
ATOM   101  N  NH1 . ARG A 1 12  ? -9.444  8.107   13.399  1.00 33.76 ? 12  ARG A NH1 1 
ATOM   102  N  NH2 . ARG A 1 12  ? -7.553  9.362   13.421  1.00 31.14 ? 12  ARG A NH2 1 
ATOM   103  N  N   . LEU A 1 13  ? -2.765  3.648   12.496  1.00 26.80 ? 13  LEU A N   1 
ATOM   104  C  CA  . LEU A 1 13  ? -1.897  2.998   11.531  1.00 25.95 ? 13  LEU A CA  1 
ATOM   105  C  C   . LEU A 1 13  ? -1.125  1.790   12.060  1.00 27.07 ? 13  LEU A C   1 
ATOM   106  O  O   . LEU A 1 13  ? -0.406  1.128   11.289  1.00 24.12 ? 13  LEU A O   1 
ATOM   107  C  CB  . LEU A 1 13  ? -0.848  4.024   11.090  1.00 25.69 ? 13  LEU A CB  1 
ATOM   108  C  CG  . LEU A 1 13  ? -1.336  5.183   10.283  1.00 26.04 ? 13  LEU A CG  1 
ATOM   109  C  CD1 . LEU A 1 13  ? -0.179  6.189   10.124  1.00 28.83 ? 13  LEU A CD1 1 
ATOM   110  C  CD2 . LEU A 1 13  ? -1.801  4.704   8.921   1.00 28.02 ? 13  LEU A CD2 1 
ATOM   111  N  N   . LEU A 1 14  ? -1.196  1.548   13.371  1.00 23.44 ? 14  LEU A N   1 
ATOM   112  C  CA  . LEU A 1 14  ? -0.464  0.471   14.013  1.00 27.41 ? 14  LEU A CA  1 
ATOM   113  C  C   . LEU A 1 14  ? -1.339  -0.788  14.233  1.00 29.02 ? 14  LEU A C   1 
ATOM   114  O  O   . LEU A 1 14  ? -0.869  -1.750  14.726  1.00 30.79 ? 14  LEU A O   1 
ATOM   115  C  CB  . LEU A 1 14  ? 0.154   0.922   15.337  1.00 29.17 ? 14  LEU A CB  1 
ATOM   116  C  CG  . LEU A 1 14  ? 1.063   2.195   15.138  1.00 35.01 ? 14  LEU A CG  1 
ATOM   117  C  CD1 . LEU A 1 14  ? 1.662   2.759   16.450  1.00 34.99 ? 14  LEU A CD1 1 
ATOM   118  C  CD2 . LEU A 1 14  ? 2.148   1.951   14.085  1.00 31.92 ? 14  LEU A CD2 1 
ATOM   119  N  N   . ARG A 1 15  ? -2.557  -0.773  13.761  1.00 27.67 ? 15  ARG A N   1 
ATOM   120  C  CA  . ARG A 1 15  ? -3.560  -1.861  14.048  1.00 29.72 ? 15  ARG A CA  1 
ATOM   121  C  C   . ARG A 1 15  ? -3.355  -2.964  13.083  1.00 25.20 ? 15  ARG A C   1 
ATOM   122  O  O   . ARG A 1 15  ? -2.862  -2.739  12.004  1.00 24.53 ? 15  ARG A O   1 
ATOM   123  C  CB  . ARG A 1 15  ? -4.991  -1.316  13.790  1.00 31.12 ? 15  ARG A CB  1 
ATOM   124  C  CG  . ARG A 1 15  ? -5.442  -0.388  14.860  1.00 34.85 ? 15  ARG A CG  1 
ATOM   125  C  CD  . ARG A 1 15  ? -6.920  -0.026  14.771  1.00 37.14 ? 15  ARG A CD  1 
ATOM   126  N  NE  . ARG A 1 15  ? -7.303  0.858   13.642  1.00 34.82 ? 15  ARG A NE  1 
ATOM   127  C  CZ  . ARG A 1 15  ? -8.443  1.555   13.591  1.00 37.10 ? 15  ARG A CZ  1 
ATOM   128  N  NH1 . ARG A 1 15  ? -9.266  1.519   14.617  1.00 36.21 ? 15  ARG A NH1 1 
ATOM   129  N  NH2 . ARG A 1 15  ? -8.772  2.298   12.523  1.00 32.08 ? 15  ARG A NH2 1 
ATOM   130  N  N   . VAL A 1 16  ? -3.819  -4.159  13.398  1.00 25.76 ? 16  VAL A N   1 
ATOM   131  C  CA  . VAL A 1 16  ? -3.891  -5.205  12.400  1.00 25.85 ? 16  VAL A CA  1 
ATOM   132  C  C   . VAL A 1 16  ? -5.358  -5.241  11.878  1.00 27.69 ? 16  VAL A C   1 
ATOM   133  O  O   . VAL A 1 16  ? -6.274  -5.533  12.668  1.00 23.12 ? 16  VAL A O   1 
ATOM   134  C  CB  . VAL A 1 16  ? -3.596  -6.560  13.039  1.00 29.70 ? 16  VAL A CB  1 
ATOM   135  C  CG1 . VAL A 1 16  ? -3.749  -7.688  12.006  1.00 31.40 ? 16  VAL A CG1 1 
ATOM   136  C  CG2 . VAL A 1 16  ? -2.180  -6.525  13.582  1.00 34.08 ? 16  VAL A CG2 1 
ATOM   137  N  N   . ALA A 1 17  ? -5.591  -5.001  10.580  1.00 21.83 ? 17  ALA A N   1 
ATOM   138  C  CA  . ALA A 1 17  ? -6.971  -4.761  10.146  1.00 24.01 ? 17  ALA A CA  1 
ATOM   139  C  C   . ALA A 1 17  ? -7.759  -6.103  9.949   1.00 21.40 ? 17  ALA A C   1 
ATOM   140  O  O   . ALA A 1 17  ? -7.170  -7.074  9.465   1.00 22.85 ? 17  ALA A O   1 
ATOM   141  C  CB  . ALA A 1 17  ? -7.005  -3.975  8.836   1.00 20.80 ? 17  ALA A CB  1 
ATOM   142  N  N   . PRO A 1 18  ? -9.106  -6.076  10.177  1.00 23.54 ? 18  PRO A N   1 
ATOM   143  C  CA  . PRO A 1 18  ? -9.934  -7.227  9.928   1.00 24.79 ? 18  PRO A CA  1 
ATOM   144  C  C   . PRO A 1 18  ? -10.270 -7.426  8.453   1.00 24.16 ? 18  PRO A C   1 
ATOM   145  O  O   . PRO A 1 18  ? -10.038 -6.530  7.630   1.00 21.27 ? 18  PRO A O   1 
ATOM   146  C  CB  . PRO A 1 18  ? -11.207 -6.932  10.741  1.00 23.03 ? 18  PRO A CB  1 
ATOM   147  C  CG  . PRO A 1 18  ? -11.336 -5.473  10.777  1.00 25.39 ? 18  PRO A CG  1 
ATOM   148  C  CD  . PRO A 1 18  ? -9.867  -5.049  10.904  1.00 23.01 ? 18  PRO A CD  1 
ATOM   149  N  N   . GLN A 1 19  ? -10.765 -8.602  8.088   1.00 20.76 ? 19  GLN A N   1 
ATOM   150  C  CA  . GLN A 1 19  ? -11.089 -8.853  6.687   1.00 24.32 ? 19  GLN A CA  1 
ATOM   151  C  C   . GLN A 1 19  ? -12.310 -8.083  6.232   1.00 20.72 ? 19  GLN A C   1 
ATOM   152  O  O   . GLN A 1 19  ? -13.141 -7.670  7.022   1.00 20.98 ? 19  GLN A O   1 
ATOM   153  C  CB  . GLN A 1 19  ? -11.417 -10.281 6.437   1.00 29.09 ? 19  GLN A CB  1 
ATOM   154  C  CG  . GLN A 1 19  ? -10.247 -11.198 6.484   1.00 36.69 ? 19  GLN A CG  1 
ATOM   155  C  CD  . GLN A 1 19  ? -10.748 -12.605 6.121   1.00 47.28 ? 19  GLN A CD  1 
ATOM   156  O  OE1 . GLN A 1 19  ? -11.649 -13.124 6.787   1.00 46.26 ? 19  GLN A OE1 1 
ATOM   157  N  NE2 . GLN A 1 19  ? -10.232 -13.173 5.035   1.00 44.59 ? 19  GLN A NE2 1 
ATOM   158  N  N   . VAL A 1 20  ? -12.380 -7.867  4.933   1.00 18.58 ? 20  VAL A N   1 
ATOM   159  C  CA  . VAL A 1 20  ? -13.554 -7.287  4.297   1.00 17.74 ? 20  VAL A CA  1 
ATOM   160  C  C   . VAL A 1 20  ? -14.595 -8.405  4.225   1.00 20.23 ? 20  VAL A C   1 
ATOM   161  O  O   . VAL A 1 20  ? -14.302 -9.474  3.712   1.00 18.08 ? 20  VAL A O   1 
ATOM   162  C  CB  . VAL A 1 20  ? -13.197 -6.790  2.837   1.00 19.81 ? 20  VAL A CB  1 
ATOM   163  C  CG1 . VAL A 1 20  ? -14.440 -6.343  2.100   1.00 21.40 ? 20  VAL A CG1 1 
ATOM   164  C  CG2 . VAL A 1 20  ? -12.218 -5.559  2.883   1.00 20.53 ? 20  VAL A CG2 1 
ATOM   165  N  N   . THR A 1 21  ? -15.841 -8.116  4.600   1.00 18.60 ? 21  THR A N   1 
ATOM   166  C  CA  . THR A 1 21  ? -16.893 -9.136  4.418   1.00 21.15 ? 21  THR A CA  1 
ATOM   167  C  C   . THR A 1 21  ? -18.111 -8.599  3.713   1.00 23.71 ? 21  THR A C   1 
ATOM   168  O  O   . THR A 1 21  ? -19.154 -9.293  3.702   1.00 19.70 ? 21  THR A O   1 
ATOM   169  C  CB  . THR A 1 21  ? -17.322 -9.701  5.783   1.00 22.41 ? 21  THR A CB  1 
ATOM   170  O  OG1 . THR A 1 21  ? -17.696 -8.608  6.548   1.00 26.53 ? 21  THR A OG1 1 
ATOM   171  C  CG2 . THR A 1 21  ? -16.139 -10.389 6.525   1.00 26.70 ? 21  THR A CG2 1 
ATOM   172  N  N   . ASN A 1 22  ? -17.964 -7.458  3.025   1.00 19.20 ? 22  ASN A N   1 
ATOM   173  C  CA  . ASN A 1 22  ? -19.048 -6.871  2.201   1.00 18.92 ? 22  ASN A CA  1 
ATOM   174  C  C   . ASN A 1 22  ? -18.686 -6.682  0.735   1.00 19.27 ? 22  ASN A C   1 
ATOM   175  O  O   . ASN A 1 22  ? -19.098 -5.695  0.092   1.00 21.49 ? 22  ASN A O   1 
ATOM   176  C  CB  . ASN A 1 22  ? -19.585 -5.652  2.842   1.00 19.92 ? 22  ASN A CB  1 
ATOM   177  C  CG  . ASN A 1 22  ? -18.561 -4.519  2.965   1.00 22.97 ? 22  ASN A CG  1 
ATOM   178  O  OD1 . ASN A 1 22  ? -18.934 -3.407  3.305   1.00 27.41 ? 22  ASN A OD1 1 
ATOM   179  N  ND2 . ASN A 1 22  ? -17.337 -4.777  2.648   1.00 18.63 ? 22  ASN A ND2 1 
ATOM   180  N  N   . LEU A 1 23  ? -18.010 -7.693  0.194   1.00 18.34 ? 23  LEU A N   1 
ATOM   181  C  CA  . LEU A 1 23  ? -17.731 -7.750  -1.223  1.00 18.26 ? 23  LEU A CA  1 
ATOM   182  C  C   . LEU A 1 23  ? -19.033 -7.716  -2.038  1.00 21.61 ? 23  LEU A C   1 
ATOM   183  O  O   . LEU A 1 23  ? -20.079 -8.315  -1.646  1.00 21.49 ? 23  LEU A O   1 
ATOM   184  C  CB  . LEU A 1 23  ? -16.958 -8.983  -1.594  1.00 19.93 ? 23  LEU A CB  1 
ATOM   185  C  CG  . LEU A 1 23  ? -15.570 -9.161  -0.948  1.00 22.84 ? 23  LEU A CG  1 
ATOM   186  C  CD1 . LEU A 1 23  ? -15.116 -10.577 -1.193  1.00 23.09 ? 23  LEU A CD1 1 
ATOM   187  C  CD2 . LEU A 1 23  ? -14.578 -8.077  -1.509  1.00 20.68 ? 23  LEU A CD2 1 
ATOM   188  N  N   . GLY A 1 24  ? -18.996 -6.913  -3.104  1.00 20.96 ? 24  GLY A N   1 
ATOM   189  C  CA  . GLY A 1 24  ? -20.149 -6.676  -4.036  1.00 21.17 ? 24  GLY A CA  1 
ATOM   190  C  C   . GLY A 1 24  ? -21.191 -5.727  -3.570  1.00 19.28 ? 24  GLY A C   1 
ATOM   191  O  O   . GLY A 1 24  ? -22.184 -5.539  -4.267  1.00 25.26 ? 24  GLY A O   1 
ATOM   192  N  N   . SER A 1 25  ? -21.024 -5.159  -2.394  1.00 20.26 ? 25  SER A N   1 
ATOM   193  C  CA  . SER A 1 25  ? -21.954 -4.270  -1.792  1.00 22.21 ? 25  SER A CA  1 
ATOM   194  C  C   . SER A 1 25  ? -21.762 -2.821  -2.284  1.00 25.75 ? 25  SER A C   1 
ATOM   195  O  O   . SER A 1 25  ? -20.663 -2.476  -2.668  1.00 21.60 ? 25  SER A O   1 
ATOM   196  C  CB  . SER A 1 25  ? -21.831 -4.261  -0.265  1.00 25.08 ? 25  SER A CB  1 
ATOM   197  O  OG  . SER A 1 25  ? -20.716 -3.560  0.229   1.00 22.41 ? 25  SER A OG  1 
ATOM   198  N  N   . ALA A 1 26  ? -22.831 -2.008  -2.222  1.00 24.20 ? 26  ALA A N   1 
ATOM   199  C  CA  . ALA A 1 26  ? -22.769 -0.548  -2.518  1.00 25.25 ? 26  ALA A CA  1 
ATOM   200  C  C   . ALA A 1 26  ? -21.855 0.189   -1.546  1.00 27.52 ? 26  ALA A C   1 
ATOM   201  O  O   . ALA A 1 26  ? -21.174 1.113   -1.936  1.00 25.14 ? 26  ALA A O   1 
ATOM   202  C  CB  . ALA A 1 26  ? -24.155 0.096   -2.454  1.00 26.72 ? 26  ALA A CB  1 
ATOM   203  N  N   . GLU A 1 27  ? -21.874 -0.199  -0.284  1.00 26.75 ? 27  GLU A N   1 
ATOM   204  C  CA  . GLU A 1 27  ? -21.043 0.439   0.711   1.00 28.69 ? 27  GLU A CA  1 
ATOM   205  C  C   . GLU A 1 27  ? -19.500 0.261   0.402   1.00 26.16 ? 27  GLU A C   1 
ATOM   206  O  O   . GLU A 1 27  ? -18.749 1.197   0.470   1.00 24.14 ? 27  GLU A O   1 
ATOM   207  C  CB  . GLU A 1 27  ? -21.300 -0.126  2.092   1.00 31.80 ? 27  GLU A CB  1 
ATOM   208  C  CG  . GLU A 1 27  ? -22.662 0.195   2.713   1.00 39.73 ? 27  GLU A CG  1 
ATOM   209  C  CD  . GLU A 1 27  ? -23.893 -0.526  2.081   1.00 40.28 ? 27  GLU A CD  1 
ATOM   210  O  OE1 . GLU A 1 27  ? -23.769 -1.542  1.312   1.00 30.90 ? 27  GLU A OE1 1 
ATOM   211  O  OE2 . GLU A 1 27  ? -25.013 -0.008  2.328   1.00 47.25 ? 27  GLU A OE2 1 
ATOM   212  N  N   . LEU A 1 28  ? -19.076 -0.945  0.088   1.00 24.27 ? 28  LEU A N   1 
ATOM   213  C  CA  . LEU A 1 28  ? -17.692 -1.203  -0.311  1.00 22.87 ? 28  LEU A CA  1 
ATOM   214  C  C   . LEU A 1 28  ? -17.358 -0.440  -1.599  1.00 24.02 ? 28  LEU A C   1 
ATOM   215  O  O   . LEU A 1 28  ? -16.242 0.024   -1.758  1.00 19.99 ? 28  LEU A O   1 
ATOM   216  C  CB  . LEU A 1 28  ? -17.471 -2.680  -0.546  1.00 20.27 ? 28  LEU A CB  1 
ATOM   217  C  CG  . LEU A 1 28  ? -16.009 -3.077  -0.863  1.00 22.04 ? 28  LEU A CG  1 
ATOM   218  C  CD1 . LEU A 1 28  ? -15.031 -2.624  0.244   1.00 21.47 ? 28  LEU A CD1 1 
ATOM   219  C  CD2 . LEU A 1 28  ? -15.876 -4.552  -1.074  1.00 21.17 ? 28  LEU A CD2 1 
ATOM   220  N  N   . HIS A 1 29  ? -18.277 -0.439  -2.574  1.00 24.01 ? 29  HIS A N   1 
ATOM   221  C  CA  . HIS A 1 29  ? -18.043 0.234   -3.868  1.00 25.18 ? 29  HIS A CA  1 
ATOM   222  C  C   . HIS A 1 29  ? -17.836 1.740   -3.563  1.00 23.82 ? 29  HIS A C   1 
ATOM   223  O  O   . HIS A 1 29  ? -16.966 2.382   -4.162  1.00 20.70 ? 29  HIS A O   1 
ATOM   224  C  CB  . HIS A 1 29  ? -19.148 -0.051  -4.942  1.00 28.03 ? 29  HIS A CB  1 
ATOM   225  C  CG  . HIS A 1 29  ? -19.010 -1.407  -5.630  1.00 37.41 ? 29  HIS A CG  1 
ATOM   226  N  ND1 . HIS A 1 29  ? -17.964 -1.712  -6.490  1.00 43.52 ? 29  HIS A ND1 1 
ATOM   227  C  CD2 . HIS A 1 29  ? -19.772 -2.542  -5.570  1.00 40.03 ? 29  HIS A CD2 1 
ATOM   228  C  CE1 . HIS A 1 29  ? -18.091 -2.959  -6.924  1.00 44.65 ? 29  HIS A CE1 1 
ATOM   229  N  NE2 . HIS A 1 29  ? -19.179 -3.483  -6.381  1.00 44.43 ? 29  HIS A NE2 1 
ATOM   230  N  N   . ALA A 1 30  ? -18.605 2.314   -2.652  1.00 22.83 ? 30  ALA A N   1 
ATOM   231  C  CA  . ALA A 1 30  ? -18.425 3.745   -2.348  1.00 25.16 ? 30  ALA A CA  1 
ATOM   232  C  C   . ALA A 1 30  ? -17.095 4.017   -1.620  1.00 28.22 ? 30  ALA A C   1 
ATOM   233  O  O   . ALA A 1 30  ? -16.467 5.014   -1.921  1.00 25.76 ? 30  ALA A O   1 
ATOM   234  C  CB  . ALA A 1 30  ? -19.559 4.308   -1.543  1.00 25.81 ? 30  ALA A CB  1 
ATOM   235  N  N   . LEU A 1 31  ? -16.732 3.170   -0.628  1.00 22.47 ? 31  LEU A N   1 
ATOM   236  C  CA  . LEU A 1 31  ? -15.425 3.222   -0.009  1.00 22.45 ? 31  LEU A CA  1 
ATOM   237  C  C   . LEU A 1 31  ? -14.254 3.146   -1.026  1.00 18.36 ? 31  LEU A C   1 
ATOM   238  O  O   . LEU A 1 31  ? -13.341 3.982   -0.993  1.00 21.49 ? 31  LEU A O   1 
ATOM   239  C  CB  . LEU A 1 31  ? -15.288 2.165   1.074   1.00 23.34 ? 31  LEU A CB  1 
ATOM   240  C  CG  . LEU A 1 31  ? -13.901 2.061   1.694   1.00 23.70 ? 31  LEU A CG  1 
ATOM   241  C  CD1 . LEU A 1 31  ? -13.556 3.400   2.351   1.00 22.78 ? 31  LEU A CD1 1 
ATOM   242  C  CD2 . LEU A 1 31  ? -13.934 0.920   2.712   1.00 23.78 ? 31  LEU A CD2 1 
ATOM   243  N  N   . VAL A 1 32  ? -14.287 2.231   -1.961  1.00 18.93 ? 32  VAL A N   1 
ATOM   244  C  CA  . VAL A 1 32  ? -13.233 2.052   -2.936  1.00 19.43 ? 32  VAL A CA  1 
ATOM   245  C  C   . VAL A 1 32  ? -13.137 3.272   -3.870  1.00 22.93 ? 32  VAL A C   1 
ATOM   246  O  O   . VAL A 1 32  ? -12.040 3.785   -4.177  1.00 18.31 ? 32  VAL A O   1 
ATOM   247  C  CB  . VAL A 1 32  ? -13.444 0.770   -3.730  1.00 18.24 ? 32  VAL A CB  1 
ATOM   248  C  CG1 . VAL A 1 32  ? -12.654 0.729   -4.994  1.00 20.20 ? 32  VAL A CG1 1 
ATOM   249  C  CG2 . VAL A 1 32  ? -13.093 -0.452  -2.843  1.00 22.89 ? 32  VAL A CG2 1 
ATOM   250  N  N   . SER A 1 33  ? -14.292 3.771   -4.292  1.00 22.58 ? 33  SER A N   1 
ATOM   251  C  CA  . SER A 1 33  ? -14.329 4.966   -5.128  1.00 23.20 ? 33  SER A CA  1 
ATOM   252  C  C   . SER A 1 33  ? -13.688 6.195   -4.369  1.00 20.42 ? 33  SER A C   1 
ATOM   253  O  O   . SER A 1 33  ? -12.824 6.942   -4.919  1.00 21.79 ? 33  SER A O   1 
ATOM   254  C  CB  . SER A 1 33  ? -15.836 5.141   -5.551  1.00 26.68 ? 33  SER A CB  1 
ATOM   255  O  OG  . SER A 1 33  ? -15.967 6.321   -6.305  1.00 36.49 ? 33  SER A OG  1 
ATOM   256  N  N   . ASP A 1 34  ? -14.038 6.363   -3.095  1.00 20.96 ? 34  ASP A N   1 
ATOM   257  C  CA  . ASP A 1 34  ? -13.402 7.323   -2.195  1.00 23.47 ? 34  ASP A CA  1 
ATOM   258  C  C   . ASP A 1 34  ? -11.858 7.147   -2.104  1.00 22.35 ? 34  ASP A C   1 
ATOM   259  O  O   . ASP A 1 34  ? -11.084 8.147   -2.103  1.00 20.57 ? 34  ASP A O   1 
ATOM   260  C  CB  . ASP A 1 34  ? -13.933 7.284   -0.782  1.00 24.71 ? 34  ASP A CB  1 
ATOM   261  C  CG  . ASP A 1 34  ? -15.377 7.810   -0.633  1.00 30.55 ? 34  ASP A CG  1 
ATOM   262  O  OD1 . ASP A 1 34  ? -15.954 8.254   -1.615  1.00 32.88 ? 34  ASP A OD1 1 
ATOM   263  O  OD2 . ASP A 1 34  ? -15.879 7.793   0.545   1.00 32.68 ? 34  ASP A OD2 1 
ATOM   264  N  N   . MET A 1 35  ? -11.429 5.908   -2.048  1.00 19.27 ? 35  MET A N   1 
ATOM   265  C  CA  . MET A 1 35  ? -10.000 5.587   -1.987  1.00 19.57 ? 35  MET A CA  1 
ATOM   266  C  C   . MET A 1 35  ? -9.239  5.955   -3.264  1.00 19.80 ? 35  MET A C   1 
ATOM   267  O  O   . MET A 1 35  ? -8.180  6.548   -3.205  1.00 18.63 ? 35  MET A O   1 
ATOM   268  C  CB  . MET A 1 35  ? -9.788  4.123   -1.583  1.00 18.85 ? 35  MET A CB  1 
ATOM   269  C  CG  . MET A 1 35  ? -10.161 3.861   -0.141  1.00 20.57 ? 35  MET A CG  1 
ATOM   270  S  SD  . MET A 1 35  ? -9.930  2.107   0.254   1.00 23.55 ? 35  MET A SD  1 
ATOM   271  C  CE  . MET A 1 35  ? -8.114  1.989   0.228   1.00 22.41 ? 35  MET A CE  1 
ATOM   272  N  N   . PHE A 1 36  ? -9.795  5.642   -4.427  1.00 20.37 ? 36  PHE A N   1 
ATOM   273  C  CA  . PHE A 1 36  ? -9.177  6.086   -5.633  1.00 19.61 ? 36  PHE A CA  1 
ATOM   274  C  C   . PHE A 1 36  ? -9.136  7.604   -5.731  1.00 21.21 ? 36  PHE A C   1 
ATOM   275  O  O   . PHE A 1 36  ? -8.171  8.116   -6.228  1.00 19.90 ? 36  PHE A O   1 
ATOM   276  C  CB  . PHE A 1 36  ? -9.812  5.499   -6.855  1.00 18.31 ? 36  PHE A CB  1 
ATOM   277  C  CG  . PHE A 1 36  ? -9.439  4.042   -7.145  1.00 18.97 ? 36  PHE A CG  1 
ATOM   278  C  CD1 . PHE A 1 36  ? -8.171  3.706   -7.558  1.00 18.87 ? 36  PHE A CD1 1 
ATOM   279  C  CD2 . PHE A 1 36  ? -10.438 3.040   -7.170  1.00 20.04 ? 36  PHE A CD2 1 
ATOM   280  C  CE1 . PHE A 1 36  ? -7.823  2.398   -7.878  1.00 20.13 ? 36  PHE A CE1 1 
ATOM   281  C  CE2 . PHE A 1 36  ? -10.101 1.733   -7.503  1.00 19.64 ? 36  PHE A CE2 1 
ATOM   282  C  CZ  . PHE A 1 36  ? -8.813  1.395   -7.853  1.00 18.76 ? 36  PHE A CZ  1 
ATOM   283  N  N   . GLU A 1 37  ? -10.175 8.292   -5.269  1.00 24.09 ? 37  GLU A N   1 
ATOM   284  C  CA  . GLU A 1 37  ? -10.215 9.733   -5.372  1.00 25.15 ? 37  GLU A CA  1 
ATOM   285  C  C   . GLU A 1 37  ? -9.184  10.368  -4.451  1.00 23.86 ? 37  GLU A C   1 
ATOM   286  O  O   . GLU A 1 37  ? -8.515  11.354  -4.839  1.00 20.13 ? 37  GLU A O   1 
ATOM   287  C  CB  . GLU A 1 37  ? -11.623 10.254  -5.070  1.00 27.71 ? 37  GLU A CB  1 
ATOM   288  C  CG  . GLU A 1 37  ? -11.874 11.543  -5.776  1.00 29.90 ? 37  GLU A CG  1 
ATOM   289  C  CD  . GLU A 1 37  ? -13.201 12.230  -5.413  1.00 29.11 ? 37  GLU A CD  1 
ATOM   290  O  OE1 . GLU A 1 37  ? -14.058 11.685  -4.653  1.00 25.43 ? 37  GLU A OE1 1 
ATOM   291  O  OE2 . GLU A 1 37  ? -13.295 13.396  -5.849  1.00 31.16 ? 37  GLU A OE2 1 
ATOM   292  N  N   . THR A 1 38  ? -9.065  9.820   -3.251  1.00 19.52 ? 38  THR A N   1 
ATOM   293  C  CA  . THR A 1 38  ? -8.121  10.232  -2.262  1.00 19.53 ? 38  THR A CA  1 
ATOM   294  C  C   . THR A 1 38  ? -6.675  10.019  -2.686  1.00 22.37 ? 38  THR A C   1 
ATOM   295  O  O   . THR A 1 38  ? -5.853  10.961  -2.632  1.00 22.66 ? 38  THR A O   1 
ATOM   296  C  CB  . THR A 1 38  ? -8.415  9.550   -0.963  1.00 20.61 ? 38  THR A CB  1 
ATOM   297  O  OG1 . THR A 1 38  ? -9.762  9.894   -0.571  1.00 21.01 ? 38  THR A OG1 1 
ATOM   298  C  CG2 . THR A 1 38  ? -7.479  9.945   0.089   1.00 20.98 ? 38  THR A CG2 1 
ATOM   299  N  N   . MET A 1 39  ? -6.379  8.826   -3.171  1.00 21.45 ? 39  MET A N   1 
ATOM   300  C  CA  . MET A 1 39  ? -5.102  8.523   -3.758  1.00 21.90 ? 39  MET A CA  1 
ATOM   301  C  C   . MET A 1 39  ? -4.709  9.484   -4.897  1.00 22.62 ? 39  MET A C   1 
ATOM   302  O  O   . MET A 1 39  ? -3.574  9.978   -4.953  1.00 19.41 ? 39  MET A O   1 
ATOM   303  C  CB  . MET A 1 39  ? -5.082  7.092   -4.302  1.00 22.50 ? 39  MET A CB  1 
ATOM   304  C  CG  . MET A 1 39  ? -3.736  6.658   -4.866  1.00 22.85 ? 39  MET A CG  1 
ATOM   305  S  SD  . MET A 1 39  ? -3.599  4.888   -5.204  1.00 25.38 ? 39  MET A SD  1 
ATOM   306  C  CE  . MET A 1 39  ? -4.153  4.761   -6.885  1.00 23.83 ? 39  MET A CE  1 
ATOM   307  N  N   . GLY A 1 40  ? -5.642  9.681   -5.825  1.00 22.39 ? 40  GLY A N   1 
ATOM   308  C  CA  . GLY A 1 40  ? -5.526  10.618  -6.927  1.00 22.75 ? 40  GLY A CA  1 
ATOM   309  C  C   . GLY A 1 40  ? -5.217  12.057  -6.488  1.00 23.73 ? 40  GLY A C   1 
ATOM   310  O  O   . GLY A 1 40  ? -4.233  12.656  -7.014  1.00 23.59 ? 40  GLY A O   1 
ATOM   311  N  N   . ALA A 1 41  ? -6.000  12.600  -5.553  1.00 23.72 ? 41  ALA A N   1 
ATOM   312  C  CA  . ALA A 1 41  ? -5.749  13.932  -5.029  1.00 23.31 ? 41  ALA A CA  1 
ATOM   313  C  C   . ALA A 1 41  ? -4.355  14.056  -4.343  1.00 26.10 ? 41  ALA A C   1 
ATOM   314  O  O   . ALA A 1 41  ? -3.677  15.094  -4.404  1.00 26.58 ? 41  ALA A O   1 
ATOM   315  C  CB  . ALA A 1 41  ? -6.815  14.357  -4.101  1.00 24.72 ? 41  ALA A CB  1 
ATOM   316  N  N   . ALA A 1 42  ? -3.916  12.996  -3.729  1.00 22.97 ? 42  ALA A N   1 
ATOM   317  C  CA  . ALA A 1 42  ? -2.628  12.986  -3.022  1.00 26.67 ? 42  ALA A CA  1 
ATOM   318  C  C   . ALA A 1 42  ? -1.477  12.681  -3.965  1.00 23.18 ? 42  ALA A C   1 
ATOM   319  O  O   . ALA A 1 42  ? -0.354  12.655  -3.518  1.00 24.16 ? 42  ALA A O   1 
ATOM   320  C  CB  . ALA A 1 42  ? -2.694  11.958  -1.879  1.00 25.57 ? 42  ALA A CB  1 
ATOM   321  N  N   . HIS A 1 43  ? -1.710  12.367  -5.239  1.00 21.14 ? 43  HIS A N   1 
ATOM   322  C  CA  . HIS A 1 43  ? -0.663  11.969  -6.164  1.00 22.72 ? 43  HIS A CA  1 
ATOM   323  C  C   . HIS A 1 43  ? 0.077   10.675  -5.694  1.00 26.14 ? 43  HIS A C   1 
ATOM   324  O  O   . HIS A 1 43  ? 1.255   10.450  -5.961  1.00 22.80 ? 43  HIS A O   1 
ATOM   325  C  CB  . HIS A 1 43  ? 0.274   13.151  -6.479  1.00 30.64 ? 43  HIS A CB  1 
ATOM   326  C  CG  . HIS A 1 43  ? -0.400  14.321  -7.178  1.00 35.81 ? 43  HIS A CG  1 
ATOM   327  N  ND1 . HIS A 1 43  ? 0.169   14.914  -8.279  1.00 44.74 ? 43  HIS A ND1 1 
ATOM   328  C  CD2 . HIS A 1 43  ? -1.563  15.000  -6.956  1.00 31.81 ? 43  HIS A CD2 1 
ATOM   329  C  CE1 . HIS A 1 43  ? -0.605  15.895  -8.708  1.00 44.92 ? 43  HIS A CE1 1 
ATOM   330  N  NE2 . HIS A 1 43  ? -1.645  16.005  -7.907  1.00 31.80 ? 43  HIS A NE2 1 
ATOM   331  N  N   . GLY A 1 44  ? -0.671  9.727   -5.124  1.00 20.26 ? 44  GLY A N   1 
ATOM   332  C  CA  . GLY A 1 44  ? -0.095  8.407   -4.761  1.00 21.78 ? 44  GLY A CA  1 
ATOM   333  C  C   . GLY A 1 44  ? -0.165  7.362   -5.820  1.00 23.09 ? 44  GLY A C   1 
ATOM   334  O  O   . GLY A 1 44  ? -0.879  7.554   -6.799  1.00 20.85 ? 44  GLY A O   1 
ATOM   335  N  N   . VAL A 1 45  ? 0.610   6.269   -5.671  1.00 22.15 ? 45  VAL A N   1 
ATOM   336  C  CA  . VAL A 1 45  ? 0.417   5.106   -6.508  1.00 23.09 ? 45  VAL A CA  1 
ATOM   337  C  C   . VAL A 1 45  ? -0.194  3.937   -5.689  1.00 20.72 ? 45  VAL A C   1 
ATOM   338  O  O   . VAL A 1 45  ? -0.404  2.884   -6.246  1.00 22.22 ? 45  VAL A O   1 
ATOM   339  C  CB  . VAL A 1 45  ? 1.700   4.630   -7.233  1.00 26.48 ? 45  VAL A CB  1 
ATOM   340  C  CG1 . VAL A 1 45  ? 2.110   5.704   -8.273  1.00 31.94 ? 45  VAL A CG1 1 
ATOM   341  C  CG2 . VAL A 1 45  ? 2.782   4.312   -6.239  1.00 25.59 ? 45  VAL A CG2 1 
ATOM   342  N  N   . GLY A 1 46  ? -0.413  4.130   -4.400  1.00 20.58 ? 46  GLY A N   1 
ATOM   343  C  CA  . GLY A 1 46  ? -1.056  3.124   -3.541  1.00 23.49 ? 46  GLY A CA  1 
ATOM   344  C  C   . GLY A 1 46  ? -1.732  3.867   -2.408  1.00 23.21 ? 46  GLY A C   1 
ATOM   345  O  O   . GLY A 1 46  ? -1.345  4.980   -2.118  1.00 24.69 ? 46  GLY A O   1 
ATOM   346  N  N   . LEU A 1 47  ? -2.783  3.282   -1.817  1.00 19.04 ? 47  LEU A N   1 
ATOM   347  C  CA  . LEU A 1 47  ? -3.386  3.786   -0.622  1.00 17.17 ? 47  LEU A CA  1 
ATOM   348  C  C   . LEU A 1 47  ? -4.040  2.602   0.098   1.00 17.48 ? 47  LEU A C   1 
ATOM   349  O  O   . LEU A 1 47  ? -4.720  1.773   -0.524  1.00 19.08 ? 47  LEU A O   1 
ATOM   350  C  CB  . LEU A 1 47  ? -4.389  4.862   -0.957  1.00 18.92 ? 47  LEU A CB  1 
ATOM   351  C  CG  . LEU A 1 47  ? -5.066  5.488   0.240   1.00 21.37 ? 47  LEU A CG  1 
ATOM   352  C  CD1 . LEU A 1 47  ? -4.089  6.332   1.072   1.00 23.95 ? 47  LEU A CD1 1 
ATOM   353  C  CD2 . LEU A 1 47  ? -6.224  6.325   -0.275  1.00 23.32 ? 47  LEU A CD2 1 
ATOM   354  N  N   . ALA A 1 48  ? -3.790  2.453   1.375   1.00 17.88 ? 48  ALA A N   1 
ATOM   355  C  CA  . ALA A 1 48  ? -4.370  1.382   2.167   1.00 21.02 ? 48  ALA A CA  1 
ATOM   356  C  C   . ALA A 1 48  ? -5.439  1.970   3.062   1.00 18.89 ? 48  ALA A C   1 
ATOM   357  O  O   . ALA A 1 48  ? -5.323  3.086   3.489   1.00 18.76 ? 48  ALA A O   1 
ATOM   358  C  CB  . ALA A 1 48  ? -3.332  0.641   3.024   1.00 20.09 ? 48  ALA A CB  1 
ATOM   359  N  N   . ALA A 1 49  ? -6.505  1.207   3.309   1.00 20.51 ? 49  ALA A N   1 
ATOM   360  C  CA  . ALA A 1 49  ? -7.649  1.719   4.067   1.00 18.58 ? 49  ALA A CA  1 
ATOM   361  C  C   . ALA A 1 49  ? -7.320  2.248   5.455   1.00 19.76 ? 49  ALA A C   1 
ATOM   362  O  O   . ALA A 1 49  ? -7.855  3.272   5.840   1.00 17.19 ? 49  ALA A O   1 
ATOM   363  C  CB  . ALA A 1 49  ? -8.780  0.651   4.151   1.00 17.80 ? 49  ALA A CB  1 
ATOM   364  N  N   . PRO A 1 50  ? -6.396  1.619   6.187   1.00 18.63 ? 50  PRO A N   1 
ATOM   365  C  CA  . PRO A 1 50  ? -5.992  2.219   7.454   1.00 21.81 ? 50  PRO A CA  1 
ATOM   366  C  C   . PRO A 1 50  ? -5.426  3.630   7.364   1.00 20.05 ? 50  PRO A C   1 
ATOM   367  O  O   . PRO A 1 50  ? -5.592  4.413   8.306   1.00 20.63 ? 50  PRO A O   1 
ATOM   368  C  CB  . PRO A 1 50  ? -4.895  1.280   7.929   1.00 22.71 ? 50  PRO A CB  1 
ATOM   369  C  CG  . PRO A 1 50  ? -5.354  -0.011  7.400   1.00 20.09 ? 50  PRO A CG  1 
ATOM   370  C  CD  . PRO A 1 50  ? -5.740  0.324   5.986   1.00 21.03 ? 50  PRO A CD  1 
ATOM   371  N  N   . GLN A 1 51  ? -4.892  3.998   6.213   1.00 18.76 ? 51  GLN A N   1 
ATOM   372  C  CA  . GLN A 1 51  ? -4.444  5.379   6.033   1.00 21.64 ? 51  GLN A CA  1 
ATOM   373  C  C   . GLN A 1 51  ? -5.543  6.445   5.987   1.00 23.53 ? 51  GLN A C   1 
ATOM   374  O  O   . GLN A 1 51  ? -5.235  7.644   6.084   1.00 22.54 ? 51  GLN A O   1 
ATOM   375  C  CB  . GLN A 1 51  ? -3.606  5.514   4.773   1.00 21.47 ? 51  GLN A CB  1 
ATOM   376  C  CG  . GLN A 1 51  ? -2.295  4.762   4.824   1.00 21.52 ? 51  GLN A CG  1 
ATOM   377  C  CD  . GLN A 1 51  ? -1.503  4.941   3.516   1.00 23.31 ? 51  GLN A CD  1 
ATOM   378  O  OE1 . GLN A 1 51  ? -1.770  4.259   2.538   1.00 23.38 ? 51  GLN A OE1 1 
ATOM   379  N  NE2 . GLN A 1 51  ? -0.587  5.905   3.486   1.00 22.18 ? 51  GLN A NE2 1 
ATOM   380  N  N   . ILE A 1 52  ? -6.791  6.042   5.750   1.00 20.83 ? 52  ILE A N   1 
ATOM   381  C  CA  . ILE A 1 52  ? -7.900  6.939   5.876   1.00 22.01 ? 52  ILE A CA  1 
ATOM   382  C  C   . ILE A 1 52  ? -8.711  6.492   7.051   1.00 22.82 ? 52  ILE A C   1 
ATOM   383  O  O   . ILE A 1 52  ? -9.863  6.746   7.082   1.00 24.21 ? 52  ILE A O   1 
ATOM   384  C  CB  . ILE A 1 52  ? -8.748  7.004   4.598   1.00 23.59 ? 52  ILE A CB  1 
ATOM   385  C  CG1 . ILE A 1 52  ? -9.224  5.624   4.131   1.00 25.79 ? 52  ILE A CG1 1 
ATOM   386  C  CG2 . ILE A 1 52  ? -7.968  7.741   3.520   1.00 24.09 ? 52  ILE A CG2 1 
ATOM   387  C  CD1 . ILE A 1 52  ? -10.332 5.640   3.105   1.00 26.09 ? 52  ILE A CD1 1 
ATOM   388  N  N   . ALA A 1 53  ? -8.065  5.860   8.029   1.00 20.65 ? 53  ALA A N   1 
ATOM   389  C  CA  . ALA A 1 53  ? -8.650  5.437   9.321   1.00 23.90 ? 53  ALA A CA  1 
ATOM   390  C  C   . ALA A 1 53  ? -9.835  4.481   9.126   1.00 24.61 ? 53  ALA A C   1 
ATOM   391  O  O   . ALA A 1 53  ? -10.760 4.476   9.919   1.00 25.99 ? 53  ALA A O   1 
ATOM   392  C  CB  . ALA A 1 53  ? -9.042  6.610   10.240  1.00 24.56 ? 53  ALA A CB  1 
ATOM   393  N  N   . VAL A 1 54  ? -9.782  3.672   8.084   1.00 22.76 ? 54  VAL A N   1 
ATOM   394  C  CA  . VAL A 1 54  ? -10.745 2.627   7.894   1.00 24.43 ? 54  VAL A CA  1 
ATOM   395  C  C   . VAL A 1 54  ? -10.039 1.319   8.152   1.00 26.31 ? 54  VAL A C   1 
ATOM   396  O  O   . VAL A 1 54  ? -9.157  0.883   7.378   1.00 23.47 ? 54  VAL A O   1 
ATOM   397  C  CB  . VAL A 1 54  ? -11.347 2.679   6.469   1.00 23.65 ? 54  VAL A CB  1 
ATOM   398  C  CG1 . VAL A 1 54  ? -12.228 1.448   6.236   1.00 24.57 ? 54  VAL A CG1 1 
ATOM   399  C  CG2 . VAL A 1 54  ? -12.149 3.938   6.364   1.00 24.45 ? 54  VAL A CG2 1 
ATOM   400  N  N   . ASP A 1 55  ? -10.442 0.673   9.243   1.00 26.09 ? 55  ASP A N   1 
ATOM   401  C  CA  . ASP A 1 55  ? -9.825  -0.564  9.674   1.00 27.52 ? 55  ASP A CA  1 
ATOM   402  C  C   . ASP A 1 55  ? -10.316 -1.811  8.890   1.00 27.36 ? 55  ASP A C   1 
ATOM   403  O  O   . ASP A 1 55  ? -11.101 -2.650  9.380   1.00 26.44 ? 55  ASP A O   1 
ATOM   404  C  CB  . ASP A 1 55  ? -10.084 -0.675  11.180  1.00 31.19 ? 55  ASP A CB  1 
ATOM   405  C  CG  . ASP A 1 55  ? -9.211  -1.715  11.901  1.00 36.63 ? 55  ASP A CG  1 
ATOM   406  O  OD1 . ASP A 1 55  ? -8.146  -2.172  11.422  1.00 30.77 ? 55  ASP A OD1 1 
ATOM   407  O  OD2 . ASP A 1 55  ? -9.576  -2.036  13.052  1.00 44.81 ? 55  ASP A OD2 1 
ATOM   408  N  N   . LEU A 1 56  ? -9.794  -1.977  7.694   1.00 22.53 ? 56  LEU A N   1 
ATOM   409  C  CA  . LEU A 1 56  ? -10.149 -3.099  6.797   1.00 20.75 ? 56  LEU A CA  1 
ATOM   410  C  C   . LEU A 1 56  ? -8.970  -3.490  5.977   1.00 20.54 ? 56  LEU A C   1 
ATOM   411  O  O   . LEU A 1 56  ? -8.173  -2.636  5.525   1.00 19.14 ? 56  LEU A O   1 
ATOM   412  C  CB  . LEU A 1 56  ? -11.228 -2.660  5.790   1.00 22.31 ? 56  LEU A CB  1 
ATOM   413  C  CG  . LEU A 1 56  ? -12.645 -2.429  6.295   1.00 26.63 ? 56  LEU A CG  1 
ATOM   414  C  CD1 . LEU A 1 56  ? -13.539 -1.905  5.164   1.00 27.67 ? 56  LEU A CD1 1 
ATOM   415  C  CD2 . LEU A 1 56  ? -13.216 -3.728  6.921   1.00 23.15 ? 56  LEU A CD2 1 
ATOM   416  N  N   . GLN A 1 57  ? -8.936  -4.732  5.613   1.00 19.52 ? 57  GLN A N   1 
ATOM   417  C  CA  . GLN A 1 57  ? -7.971  -5.271  4.626   1.00 17.87 ? 57  GLN A CA  1 
ATOM   418  C  C   . GLN A 1 57  ? -8.331  -4.919  3.225   1.00 17.69 ? 57  GLN A C   1 
ATOM   419  O  O   . GLN A 1 57  ? -8.829  -5.743  2.451   1.00 17.81 ? 57  GLN A O   1 
ATOM   420  C  CB  . GLN A 1 57  ? -7.823  -6.801  4.723   1.00 20.59 ? 57  GLN A CB  1 
ATOM   421  C  CG  . GLN A 1 57  ? -7.266  -7.309  6.036   1.00 20.34 ? 57  GLN A CG  1 
ATOM   422  C  CD  . GLN A 1 57  ? -7.260  -8.803  6.157   1.00 21.79 ? 57  GLN A CD  1 
ATOM   423  O  OE1 . GLN A 1 57  ? -7.265  -9.517  5.180   1.00 20.93 ? 57  GLN A OE1 1 
ATOM   424  N  NE2 . GLN A 1 57  ? -7.227  -9.290  7.383   1.00 21.68 ? 57  GLN A NE2 1 
ATOM   425  N  N   . LEU A 1 58  ? -8.028  -3.669  2.833   1.00 16.87 ? 58  LEU A N   1 
ATOM   426  C  CA  . LEU A 1 58  ? -8.391  -3.188  1.547   1.00 16.72 ? 58  LEU A CA  1 
ATOM   427  C  C   . LEU A 1 58  ? -7.271  -2.172  1.096   1.00 17.58 ? 58  LEU A C   1 
ATOM   428  O  O   . LEU A 1 58  ? -6.894  -1.313  1.841   1.00 16.09 ? 58  LEU A O   1 
ATOM   429  C  CB  . LEU A 1 58  ? -9.702  -2.435  1.717   1.00 18.87 ? 58  LEU A CB  1 
ATOM   430  C  CG  . LEU A 1 58  ? -10.321 -1.750  0.484   1.00 19.96 ? 58  LEU A CG  1 
ATOM   431  C  CD1 . LEU A 1 58  ? -10.667 -2.766  -0.568  1.00 19.81 ? 58  LEU A CD1 1 
ATOM   432  C  CD2 . LEU A 1 58  ? -11.600 -1.105  0.981   1.00 22.25 ? 58  LEU A CD2 1 
ATOM   433  N  N   . MET A 1 59  ? -6.870  -2.253  -0.151  1.00 18.46 ? 59  MET A N   1 
ATOM   434  C  CA  . MET A 1 59  ? -5.917  -1.290  -0.722  1.00 18.79 ? 59  MET A CA  1 
ATOM   435  C  C   . MET A 1 59  ? -6.330  -0.982  -2.136  1.00 18.27 ? 59  MET A C   1 
ATOM   436  O  O   . MET A 1 59  ? -7.019  -1.798  -2.845  1.00 17.20 ? 59  MET A O   1 
ATOM   437  C  CB  . MET A 1 59  ? -4.523  -1.876  -0.680  1.00 19.00 ? 59  MET A CB  1 
ATOM   438  C  CG  . MET A 1 59  ? -4.393  -3.112  -1.517  1.00 20.08 ? 59  MET A CG  1 
ATOM   439  S  SD  . MET A 1 59  ? -2.763  -3.882  -1.708  1.00 25.23 ? 59  MET A SD  1 
ATOM   440  C  CE  . MET A 1 59  ? -2.652  -4.449  -0.023  1.00 24.14 ? 59  MET A CE  1 
ATOM   441  N  N   . VAL A 1 60  ? -5.913  0.186   -2.603  1.00 18.75 ? 60  VAL A N   1 
ATOM   442  C  CA  . VAL A 1 60  ? -5.971  0.461   -4.052  1.00 16.86 ? 60  VAL A CA  1 
ATOM   443  C  C   . VAL A 1 60  ? -4.579  0.842   -4.537  1.00 16.63 ? 60  VAL A C   1 
ATOM   444  O  O   . VAL A 1 60  ? -3.763  1.284   -3.759  1.00 15.91 ? 60  VAL A O   1 
ATOM   445  C  CB  . VAL A 1 60  ? -6.982  1.544   -4.405  1.00 17.77 ? 60  VAL A CB  1 
ATOM   446  C  CG1 . VAL A 1 60  ? -8.397  1.071   -4.065  1.00 17.60 ? 60  VAL A CG1 1 
ATOM   447  C  CG2 . VAL A 1 60  ? -6.624  2.892   -3.742  1.00 16.59 ? 60  VAL A CG2 1 
ATOM   448  N  N   . PHE A 1 61  ? -4.282  0.531   -5.765  1.00 17.76 ? 61  PHE A N   1 
ATOM   449  C  CA  . PHE A 1 61  ? -2.997  0.886   -6.304  1.00 18.71 ? 61  PHE A CA  1 
ATOM   450  C  C   . PHE A 1 61  ? -3.028  1.026   -7.770  1.00 18.66 ? 61  PHE A C   1 
ATOM   451  O  O   . PHE A 1 61  ? -3.962  0.572   -8.407  1.00 19.93 ? 61  PHE A O   1 
ATOM   452  C  CB  . PHE A 1 61  ? -1.887  -0.059  -5.834  1.00 18.33 ? 61  PHE A CB  1 
ATOM   453  C  CG  . PHE A 1 61  ? -2.128  -1.471  -6.116  1.00 16.80 ? 61  PHE A CG  1 
ATOM   454  C  CD1 . PHE A 1 61  ? -2.846  -2.266  -5.166  1.00 18.12 ? 61  PHE A CD1 1 
ATOM   455  C  CD2 . PHE A 1 61  ? -1.673  -2.019  -7.263  1.00 16.41 ? 61  PHE A CD2 1 
ATOM   456  C  CE1 . PHE A 1 61  ? -3.089  -3.552  -5.430  1.00 17.57 ? 61  PHE A CE1 1 
ATOM   457  C  CE2 . PHE A 1 61  ? -1.906  -3.322  -7.552  1.00 18.91 ? 61  PHE A CE2 1 
ATOM   458  C  CZ  . PHE A 1 61  ? -2.605  -4.092  -6.611  1.00 17.10 ? 61  PHE A CZ  1 
ATOM   459  N  N   . GLY A 1 62  ? -1.999  1.676   -8.346  1.00 19.98 ? 62  GLY A N   1 
ATOM   460  C  CA  . GLY A 1 62  ? -1.776  1.571   -9.772  1.00 21.47 ? 62  GLY A CA  1 
ATOM   461  C  C   . GLY A 1 62  ? -1.509  2.907   -10.407 1.00 29.31 ? 62  GLY A C   1 
ATOM   462  O  O   . GLY A 1 62  ? -1.858  3.898   -9.814  1.00 26.58 ? 62  GLY A O   1 
ATOM   463  N  N   . PHE A 1 63  ? -0.986  2.892   -11.634 1.00 32.32 ? 63  PHE A N   1 
ATOM   464  C  CA  . PHE A 1 63  ? -0.144  4.018   -12.218 1.00 41.12 ? 63  PHE A CA  1 
ATOM   465  C  C   . PHE A 1 63  ? -0.228  3.879   -13.745 1.00 48.63 ? 63  PHE A C   1 
ATOM   466  O  O   . PHE A 1 63  ? -1.198  4.375   -14.347 1.00 53.28 ? 63  PHE A O   1 
ATOM   467  C  CB  . PHE A 1 63  ? 1.354   3.912   -11.783 1.00 32.50 ? 63  PHE A CB  1 
ATOM   468  N  N   . PRO A 1 73  ? 7.067   1.752   -16.084 1.00 59.04 ? 73  PRO A N   1 
ATOM   469  C  CA  . PRO A 1 73  ? 6.706   0.361   -15.747 1.00 59.43 ? 73  PRO A CA  1 
ATOM   470  C  C   . PRO A 1 73  ? 5.251   0.343   -15.204 1.00 60.62 ? 73  PRO A C   1 
ATOM   471  O  O   . PRO A 1 73  ? 5.052   0.716   -14.077 1.00 65.61 ? 73  PRO A O   1 
ATOM   472  C  CB  . PRO A 1 73  ? 7.722   0.017   -14.637 1.00 59.62 ? 73  PRO A CB  1 
ATOM   473  C  CG  . PRO A 1 73  ? 8.084   1.353   -13.980 1.00 56.51 ? 73  PRO A CG  1 
ATOM   474  C  CD  . PRO A 1 73  ? 7.660   2.470   -14.926 1.00 59.17 ? 73  PRO A CD  1 
ATOM   475  N  N   . ALA A 1 74  ? 4.257   -0.056  -15.995 1.00 60.56 ? 74  ALA A N   1 
ATOM   476  C  CA  . ALA A 1 74  ? 2.854   0.302   -15.710 1.00 63.65 ? 74  ALA A CA  1 
ATOM   477  C  C   . ALA A 1 74  ? 2.211   -0.697  -14.760 1.00 63.84 ? 74  ALA A C   1 
ATOM   478  O  O   . ALA A 1 74  ? 2.243   -1.886  -15.018 1.00 68.00 ? 74  ALA A O   1 
ATOM   479  C  CB  . ALA A 1 74  ? 2.030   0.395   -16.990 1.00 62.20 ? 74  ALA A CB  1 
ATOM   480  N  N   . VAL A 1 75  ? 1.627   -0.196  -13.675 1.00 51.50 ? 75  VAL A N   1 
ATOM   481  C  CA  . VAL A 1 75  ? 0.997   -1.019  -12.643 1.00 41.74 ? 75  VAL A CA  1 
ATOM   482  C  C   . VAL A 1 75  ? -0.515  -0.814  -12.837 1.00 34.72 ? 75  VAL A C   1 
ATOM   483  O  O   . VAL A 1 75  ? -1.023  0.316   -12.700 1.00 28.87 ? 75  VAL A O   1 
ATOM   484  C  CB  . VAL A 1 75  ? 1.429   -0.531  -11.230 1.00 41.76 ? 75  VAL A CB  1 
ATOM   485  C  CG1 . VAL A 1 75  ? 0.739   -1.317  -10.121 1.00 42.35 ? 75  VAL A CG1 1 
ATOM   486  C  CG2 . VAL A 1 75  ? 2.953   -0.586  -11.033 1.00 42.86 ? 75  VAL A CG2 1 
ATOM   487  N  N   . PRO A 1 76  ? -1.243  -1.877  -13.121 1.00 35.46 ? 76  PRO A N   1 
ATOM   488  C  CA  . PRO A 1 76  ? -2.682  -1.812  -13.413 1.00 30.42 ? 76  PRO A CA  1 
ATOM   489  C  C   . PRO A 1 76  ? -3.473  -1.275  -12.206 1.00 26.26 ? 76  PRO A C   1 
ATOM   490  O  O   . PRO A 1 76  ? -3.097  -1.554  -11.037 1.00 23.12 ? 76  PRO A O   1 
ATOM   491  C  CB  . PRO A 1 76  ? -3.047  -3.262  -13.703 1.00 36.27 ? 76  PRO A CB  1 
ATOM   492  C  CG  . PRO A 1 76  ? -2.024  -4.099  -12.983 1.00 38.71 ? 76  PRO A CG  1 
ATOM   493  C  CD  . PRO A 1 76  ? -0.794  -3.254  -12.801 1.00 39.78 ? 76  PRO A CD  1 
ATOM   494  N  N   . LEU A 1 77  ? -4.467  -0.448  -12.498 1.00 22.97 ? 77  LEU A N   1 
ATOM   495  C  CA  . LEU A 1 77  ? -5.279  0.208   -11.482 1.00 23.37 ? 77  LEU A CA  1 
ATOM   496  C  C   . LEU A 1 77  ? -6.077  -0.907  -10.843 1.00 22.24 ? 77  LEU A C   1 
ATOM   497  O  O   . LEU A 1 77  ? -6.745  -1.674  -11.521 1.00 18.61 ? 77  LEU A O   1 
ATOM   498  C  CB  . LEU A 1 77  ? -6.177  1.273   -12.079 1.00 25.57 ? 77  LEU A CB  1 
ATOM   499  C  CG  . LEU A 1 77  ? -5.569  2.696   -12.290 1.00 30.62 ? 77  LEU A CG  1 
ATOM   500  C  CD1 . LEU A 1 77  ? -6.504  3.613   -13.144 1.00 29.23 ? 77  LEU A CD1 1 
ATOM   501  C  CD2 . LEU A 1 77  ? -5.255  3.386   -10.958 1.00 28.59 ? 77  LEU A CD2 1 
ATOM   502  N  N   . THR A 1 78  ? -5.997  -1.038  -9.534  1.00 20.52 ? 78  THR A N   1 
ATOM   503  C  CA  . THR A 1 78  ? -6.510  -2.241  -8.901  1.00 18.10 ? 78  THR A CA  1 
ATOM   504  C  C   . THR A 1 78  ? -7.043  -1.921  -7.570  1.00 19.41 ? 78  THR A C   1 
ATOM   505  O  O   . THR A 1 78  ? -6.428  -1.146  -6.744  1.00 16.87 ? 78  THR A O   1 
ATOM   506  C  CB  . THR A 1 78  ? -5.368  -3.291  -8.699  1.00 19.55 ? 78  THR A CB  1 
ATOM   507  O  OG1 . THR A 1 78  ? -4.776  -3.635  -9.935  1.00 17.50 ? 78  THR A OG1 1 
ATOM   508  C  CG2 . THR A 1 78  ? -5.858  -4.576  -8.030  1.00 20.70 ? 78  THR A CG2 1 
ATOM   509  N  N   . ALA A 1 79  ? -8.162  -2.549  -7.234  1.00 15.77 ? 79  ALA A N   1 
ATOM   510  C  CA  . ALA A 1 79  ? -8.681  -2.500  -5.838  1.00 15.67 ? 79  ALA A CA  1 
ATOM   511  C  C   . ALA A 1 79  ? -8.649  -3.933  -5.328  1.00 18.33 ? 79  ALA A C   1 
ATOM   512  O  O   . ALA A 1 79  ? -9.144  -4.807  -6.039  1.00 17.65 ? 79  ALA A O   1 
ATOM   513  C  CB  . ALA A 1 79  ? -10.137 -2.001  -5.838  1.00 18.16 ? 79  ALA A CB  1 
ATOM   514  N  N   . LEU A 1 80  ? -8.047  -4.161  -4.166  1.00 17.79 ? 80  LEU A N   1 
ATOM   515  C  CA  . LEU A 1 80  ? -7.757  -5.481  -3.651  1.00 19.42 ? 80  LEU A CA  1 
ATOM   516  C  C   . LEU A 1 80  ? -8.150  -5.614  -2.207  1.00 17.40 ? 80  LEU A C   1 
ATOM   517  O  O   . LEU A 1 80  ? -7.654  -4.939  -1.267  1.00 16.94 ? 80  LEU A O   1 
ATOM   518  C  CB  . LEU A 1 80  ? -6.273  -5.811  -3.810  1.00 20.36 ? 80  LEU A CB  1 
ATOM   519  C  CG  . LEU A 1 80  ? -5.748  -7.190  -3.420  1.00 22.61 ? 80  LEU A CG  1 
ATOM   520  C  CD1 . LEU A 1 80  ? -6.359  -8.249  -4.286  1.00 21.71 ? 80  LEU A CD1 1 
ATOM   521  C  CD2 . LEU A 1 80  ? -4.233  -7.257  -3.503  1.00 24.28 ? 80  LEU A CD2 1 
ATOM   522  N  N   . ALA A 1 81  ? -9.108  -6.525  -1.991  1.00 17.61 ? 81  ALA A N   1 
ATOM   523  C  CA  . ALA A 1 81  ? -9.552  -6.865  -0.613  1.00 17.13 ? 81  ALA A CA  1 
ATOM   524  C  C   . ALA A 1 81  ? -8.925  -8.191  -0.123  1.00 16.37 ? 81  ALA A C   1 
ATOM   525  O  O   . ALA A 1 81  ? -8.713  -9.097  -0.898  1.00 19.29 ? 81  ALA A O   1 
ATOM   526  C  CB  . ALA A 1 81  ? -11.034 -7.008  -0.572  1.00 18.86 ? 81  ALA A CB  1 
ATOM   527  N  N   . ASN A 1 82  ? -8.680  -8.260  1.164   1.00 17.73 ? 82  ASN A N   1 
ATOM   528  C  CA  . ASN A 1 82  ? -8.226  -9.520  1.852   1.00 20.43 ? 82  ASN A CA  1 
ATOM   529  C  C   . ASN A 1 82  ? -6.975  -10.081 1.273   1.00 21.05 ? 82  ASN A C   1 
ATOM   530  O  O   . ASN A 1 82  ? -6.852  -11.275 1.041   1.00 20.56 ? 82  ASN A O   1 
ATOM   531  C  CB  . ASN A 1 82  ? -9.407  -10.513 1.846   1.00 20.19 ? 82  ASN A CB  1 
ATOM   532  C  CG  . ASN A 1 82  ? -10.576 -9.960  2.573   1.00 21.10 ? 82  ASN A CG  1 
ATOM   533  O  OD1 . ASN A 1 82  ? -10.451 -9.007  3.381   1.00 23.48 ? 82  ASN A OD1 1 
ATOM   534  N  ND2 . ASN A 1 82  ? -11.730 -10.548 2.359   1.00 20.52 ? 82  ASN A ND2 1 
ATOM   535  N  N   . ALA A 1 83  ? -6.039  -9.192  0.989   1.00 21.41 ? 83  ALA A N   1 
ATOM   536  C  CA  . ALA A 1 83  ? -4.799  -9.551  0.287   1.00 21.05 ? 83  ALA A CA  1 
ATOM   537  C  C   . ALA A 1 83  ? -3.963  -10.535 1.089   1.00 23.70 ? 83  ALA A C   1 
ATOM   538  O  O   . ALA A 1 83  ? -3.845  -10.404 2.287   1.00 23.76 ? 83  ALA A O   1 
ATOM   539  C  CB  . ALA A 1 83  ? -3.976  -8.316  -0.028  1.00 21.14 ? 83  ALA A CB  1 
ATOM   540  N  N   . GLN A 1 84  ? -3.390  -11.485 0.371   1.00 24.75 ? 84  GLN A N   1 
ATOM   541  C  CA  . GLN A 1 84  ? -2.370  -12.433 0.858   1.00 28.58 ? 84  GLN A CA  1 
ATOM   542  C  C   . GLN A 1 84  ? -1.231  -12.350 -0.097  1.00 23.75 ? 84  GLN A C   1 
ATOM   543  O  O   . GLN A 1 84  ? -1.454  -12.252 -1.302  1.00 24.25 ? 84  GLN A O   1 
ATOM   544  C  CB  . GLN A 1 84  ? -2.920  -13.879 0.834   1.00 32.22 ? 84  GLN A CB  1 
ATOM   545  C  CG  . GLN A 1 84  ? -4.028  -14.057 1.860   1.00 37.71 ? 84  GLN A CG  1 
ATOM   546  C  CD  . GLN A 1 84  ? -4.531  -15.513 1.964   1.00 54.48 ? 84  GLN A CD  1 
ATOM   547  O  OE1 . GLN A 1 84  ? -5.467  -15.935 1.256   1.00 53.47 ? 84  GLN A OE1 1 
ATOM   548  N  NE2 . GLN A 1 84  ? -3.888  -16.289 2.838   1.00 57.42 ? 84  GLN A NE2 1 
ATOM   549  N  N   . ILE A 1 85  ? 0.000   -12.329 0.401   1.00 23.10 ? 85  ILE A N   1 
ATOM   550  C  CA  . ILE A 1 85  ? 1.164   -12.205 -0.480  1.00 22.74 ? 85  ILE A CA  1 
ATOM   551  C  C   . ILE A 1 85  ? 2.133   -13.310 -0.077  1.00 23.78 ? 85  ILE A C   1 
ATOM   552  O  O   . ILE A 1 85  ? 2.167   -13.705 1.094   1.00 22.93 ? 85  ILE A O   1 
ATOM   553  C  CB  . ILE A 1 85  ? 1.823   -10.811 -0.416  1.00 30.87 ? 85  ILE A CB  1 
ATOM   554  C  CG1 . ILE A 1 85  ? 2.215   -10.496 1.001   1.00 37.00 ? 85  ILE A CG1 1 
ATOM   555  C  CG2 . ILE A 1 85  ? 0.880   -9.673  -0.841  1.00 29.64 ? 85  ILE A CG2 1 
ATOM   556  C  CD1 . ILE A 1 85  ? 2.937   -9.148  1.096   1.00 48.24 ? 85  ILE A CD1 1 
ATOM   557  N  N   . GLU A 1 86  ? 2.883   -13.795 -1.055  1.00 26.40 ? 86  GLU A N   1 
ATOM   558  C  CA  . GLU A 1 86  ? 3.934   -14.789 -0.842  1.00 30.73 ? 86  GLU A CA  1 
ATOM   559  C  C   . GLU A 1 86  ? 5.064   -14.485 -1.773  1.00 25.88 ? 86  GLU A C   1 
ATOM   560  O  O   . GLU A 1 86  ? 4.862   -14.211 -2.954  1.00 24.05 ? 86  GLU A O   1 
ATOM   561  C  CB  . GLU A 1 86  ? 3.415   -16.257 -1.020  1.00 36.52 ? 86  GLU A CB  1 
ATOM   562  C  CG  . GLU A 1 86  ? 2.786   -16.628 -2.363  1.00 41.62 ? 86  GLU A CG  1 
ATOM   563  C  CD  . GLU A 1 86  ? 2.284   -18.137 -2.513  1.00 55.78 ? 86  GLU A CD  1 
ATOM   564  O  OE1 . GLU A 1 86  ? 1.271   -18.366 -3.257  1.00 50.57 ? 86  GLU A OE1 1 
ATOM   565  O  OE2 . GLU A 1 86  ? 2.903   -19.117 -1.961  1.00 51.03 ? 86  GLU A OE2 1 
ATOM   566  N  N   . PRO A 1 87  ? 6.294   -14.512 -1.245  1.00 30.18 ? 87  PRO A N   1 
ATOM   567  C  CA  . PRO A 1 87  ? 7.422   -14.366 -2.115  1.00 28.23 ? 87  PRO A CA  1 
ATOM   568  C  C   . PRO A 1 87  ? 7.570   -15.571 -3.001  1.00 25.46 ? 87  PRO A C   1 
ATOM   569  O  O   . PRO A 1 87  ? 7.254   -16.660 -2.577  1.00 27.07 ? 87  PRO A O   1 
ATOM   570  C  CB  . PRO A 1 87  ? 8.603   -14.306 -1.134  1.00 30.38 ? 87  PRO A CB  1 
ATOM   571  C  CG  . PRO A 1 87  ? 8.163   -15.072 0.039   1.00 34.76 ? 87  PRO A CG  1 
ATOM   572  C  CD  . PRO A 1 87  ? 6.692   -14.796 0.160   1.00 32.91 ? 87  PRO A CD  1 
ATOM   573  N  N   . LEU A 1 88  ? 7.993   -15.354 -4.217  1.00 21.36 ? 88  LEU A N   1 
ATOM   574  C  CA  . LEU A 1 88  ? 8.335   -16.419 -5.170  1.00 25.50 ? 88  LEU A CA  1 
ATOM   575  C  C   . LEU A 1 88  ? 9.836   -16.754 -5.265  1.00 28.54 ? 88  LEU A C   1 
ATOM   576  O  O   . LEU A 1 88  ? 10.220  -17.640 -6.054  1.00 28.22 ? 88  LEU A O   1 
ATOM   577  C  CB  . LEU A 1 88  ? 7.798   -16.089 -6.580  1.00 25.62 ? 88  LEU A CB  1 
ATOM   578  C  CG  . LEU A 1 88  ? 6.251   -15.964 -6.492  1.00 26.94 ? 88  LEU A CG  1 
ATOM   579  C  CD1 . LEU A 1 88  ? 5.688   -15.600 -7.825  1.00 28.28 ? 88  LEU A CD1 1 
ATOM   580  C  CD2 . LEU A 1 88  ? 5.570   -17.201 -5.926  1.00 27.82 ? 88  LEU A CD2 1 
ATOM   581  N  N   . SER A 1 89  ? 10.674  -15.933 -4.601  1.00 28.67 ? 89  SER A N   1 
ATOM   582  C  CA  . SER A 1 89  ? 12.076  -16.279 -4.341  1.00 30.63 ? 89  SER A CA  1 
ATOM   583  C  C   . SER A 1 89  ? 12.506  -15.435 -3.172  1.00 34.68 ? 89  SER A C   1 
ATOM   584  O  O   . SER A 1 89  ? 11.714  -14.578 -2.664  1.00 29.56 ? 89  SER A O   1 
ATOM   585  C  CB  . SER A 1 89  ? 12.968  -16.084 -5.554  1.00 30.57 ? 89  SER A CB  1 
ATOM   586  O  OG  . SER A 1 89  ? 13.406  -14.787 -5.770  1.00 34.94 ? 89  SER A OG  1 
ATOM   587  N  N   . ASP A 1 90  ? 13.750  -15.656 -2.750  1.00 37.29 ? 90  ASP A N   1 
ATOM   588  C  CA  . ASP A 1 90  ? 14.326  -14.928 -1.635  1.00 33.76 ? 90  ASP A CA  1 
ATOM   589  C  C   . ASP A 1 90  ? 15.065  -13.733 -2.119  1.00 28.75 ? 90  ASP A C   1 
ATOM   590  O  O   . ASP A 1 90  ? 15.434  -12.929 -1.305  1.00 33.35 ? 90  ASP A O   1 
ATOM   591  C  CB  . ASP A 1 90  ? 15.280  -15.801 -0.787  1.00 44.78 ? 90  ASP A CB  1 
ATOM   592  C  CG  . ASP A 1 90  ? 14.549  -16.544 0.357   1.00 54.02 ? 90  ASP A CG  1 
ATOM   593  O  OD1 . ASP A 1 90  ? 13.418  -16.151 0.752   1.00 67.64 ? 90  ASP A OD1 1 
ATOM   594  O  OD2 . ASP A 1 90  ? 15.105  -17.545 0.846   1.00 69.95 ? 90  ASP A OD2 1 
ATOM   595  N  N   . GLU A 1 91  ? 15.181  -13.525 -3.405  1.00 25.66 ? 91  GLU A N   1 
ATOM   596  C  CA  . GLU A 1 91  ? 15.821  -12.359 -3.934  1.00 26.84 ? 91  GLU A CA  1 
ATOM   597  C  C   . GLU A 1 91  ? 15.173  -11.004 -3.464  1.00 29.82 ? 91  GLU A C   1 
ATOM   598  O  O   . GLU A 1 91  ? 13.955  -10.770 -3.609  1.00 24.65 ? 91  GLU A O   1 
ATOM   599  C  CB  . GLU A 1 91  ? 15.890  -12.390 -5.457  1.00 26.68 ? 91  GLU A CB  1 
ATOM   600  C  CG  . GLU A 1 91  ? 16.793  -11.264 -6.044  1.00 32.53 ? 91  GLU A CG  1 
ATOM   601  C  CD  . GLU A 1 91  ? 16.940  -11.315 -7.574  1.00 33.42 ? 91  GLU A CD  1 
ATOM   602  O  OE1 . GLU A 1 91  ? 17.733  -10.522 -8.209  1.00 52.85 ? 91  GLU A OE1 1 
ATOM   603  O  OE2 . GLU A 1 91  ? 16.281  -12.242 -8.163  1.00 40.22 ? 91  GLU A OE2 1 
ATOM   604  N  N   . MET A 1 92  ? 15.985  -10.193 -2.801  1.00 30.73 ? 92  MET A N   1 
ATOM   605  C  CA  . MET A 1 92  ? 15.610  -8.845  -2.354  1.00 30.07 ? 92  MET A CA  1 
ATOM   606  C  C   . MET A 1 92  ? 16.146  -7.792  -3.314  1.00 29.89 ? 92  MET A C   1 
ATOM   607  O  O   . MET A 1 92  ? 17.175  -7.949  -3.956  1.00 29.80 ? 92  MET A O   1 
ATOM   608  C  CB  . MET A 1 92  ? 16.122  -8.579  -0.939  1.00 33.52 ? 92  MET A CB  1 
ATOM   609  C  CG  . MET A 1 92  ? 15.737  -9.622  0.123   1.00 38.27 ? 92  MET A CG  1 
ATOM   610  S  SD  . MET A 1 92  ? 13.948  -9.762  0.395   1.00 43.94 ? 92  MET A SD  1 
ATOM   611  C  CE  . MET A 1 92  ? 13.711  -8.298  1.372   1.00 36.45 ? 92  MET A CE  1 
ATOM   612  N  N   . GLU A 1 93  ? 15.442  -6.681  -3.429  1.00 26.63 ? 93  GLU A N   1 
ATOM   613  C  CA  . GLU A 1 93  ? 15.906  -5.586  -4.188  1.00 26.31 ? 93  GLU A CA  1 
ATOM   614  C  C   . GLU A 1 93  ? 15.653  -4.278  -3.418  1.00 27.70 ? 93  GLU A C   1 
ATOM   615  O  O   . GLU A 1 93  ? 14.596  -4.113  -2.786  1.00 25.21 ? 93  GLU A O   1 
ATOM   616  C  CB  . GLU A 1 93  ? 15.122  -5.568  -5.470  1.00 30.03 ? 93  GLU A CB  1 
ATOM   617  C  CG  . GLU A 1 93  ? 15.533  -4.544  -6.508  1.00 35.40 ? 93  GLU A CG  1 
ATOM   618  C  CD  . GLU A 1 93  ? 14.860  -4.861  -7.842  1.00 43.36 ? 93  GLU A CD  1 
ATOM   619  O  OE1 . GLU A 1 93  ? 13.645  -4.639  -7.971  1.00 38.30 ? 93  GLU A OE1 1 
ATOM   620  O  OE2 . GLU A 1 93  ? 15.526  -5.390  -8.747  1.00 49.10 ? 93  GLU A OE2 1 
ATOM   621  N  N   . ASN A 1 94  ? 16.576  -3.321  -3.566  1.00 25.65 ? 94  ASN A N   1 
ATOM   622  C  CA  . ASN A 1 94  ? 16.489  -2.008  -2.904  1.00 25.97 ? 94  ASN A CA  1 
ATOM   623  C  C   . ASN A 1 94  ? 15.818  -1.013  -3.851  1.00 23.78 ? 94  ASN A C   1 
ATOM   624  O  O   . ASN A 1 94  ? 16.000  -1.048  -5.050  1.00 26.44 ? 94  ASN A O   1 
ATOM   625  C  CB  . ASN A 1 94  ? 17.901  -1.534  -2.550  1.00 26.44 ? 94  ASN A CB  1 
ATOM   626  C  CG  . ASN A 1 94  ? 18.459  -2.227  -1.342  1.00 28.31 ? 94  ASN A CG  1 
ATOM   627  O  OD1 . ASN A 1 94  ? 17.776  -2.539  -0.371  1.00 31.32 ? 94  ASN A OD1 1 
ATOM   628  N  ND2 . ASN A 1 94  ? 19.724  -2.443  -1.382  1.00 30.16 ? 94  ASN A ND2 1 
ATOM   629  N  N   . GLY A 1 95  ? 14.968  -0.170  -3.323  1.00 21.94 ? 95  GLY A N   1 
ATOM   630  C  CA  . GLY A 1 95  ? 14.324  0.852   -4.086  1.00 20.93 ? 95  GLY A CA  1 
ATOM   631  C  C   . GLY A 1 95  ? 13.779  1.940   -3.169  1.00 20.65 ? 95  GLY A C   1 
ATOM   632  O  O   . GLY A 1 95  ? 13.596  1.752   -1.984  1.00 22.43 ? 95  GLY A O   1 
ATOM   633  N  N   . TRP A 1 96  ? 13.541  3.090   -3.763  1.00 22.96 ? 96  TRP A N   1 
ATOM   634  C  CA  . TRP A 1 96  ? 12.963  4.214   -3.081  1.00 21.85 ? 96  TRP A CA  1 
ATOM   635  C  C   . TRP A 1 96  ? 11.471  4.017   -2.707  1.00 24.81 ? 96  TRP A C   1 
ATOM   636  O  O   . TRP A 1 96  ? 10.649  3.599   -3.562  1.00 25.91 ? 96  TRP A O   1 
ATOM   637  C  CB  . TRP A 1 96  ? 13.102  5.419   -3.978  1.00 23.02 ? 96  TRP A CB  1 
ATOM   638  C  CG  . TRP A 1 96  ? 14.525  5.874   -4.078  1.00 27.87 ? 96  TRP A CG  1 
ATOM   639  C  CD1 . TRP A 1 96  ? 15.384  5.741   -5.148  1.00 28.13 ? 96  TRP A CD1 1 
ATOM   640  C  CD2 . TRP A 1 96  ? 15.282  6.514   -3.008  1.00 25.70 ? 96  TRP A CD2 1 
ATOM   641  N  NE1 . TRP A 1 96  ? 16.636  6.270   -4.792  1.00 28.33 ? 96  TRP A NE1 1 
ATOM   642  C  CE2 . TRP A 1 96  ? 16.562  6.811   -3.522  1.00 28.87 ? 96  TRP A CE2 1 
ATOM   643  C  CE3 . TRP A 1 96  ? 14.962  6.915   -1.699  1.00 24.99 ? 96  TRP A CE3 1 
ATOM   644  C  CZ2 . TRP A 1 96  ? 17.561  7.427   -2.735  1.00 26.64 ? 96  TRP A CZ2 1 
ATOM   645  C  CZ3 . TRP A 1 96  ? 15.953  7.536   -0.928  1.00 26.06 ? 96  TRP A CZ3 1 
ATOM   646  C  CH2 . TRP A 1 96  ? 17.235  7.789   -1.465  1.00 24.67 ? 96  TRP A CH2 1 
ATOM   647  N  N   . GLU A 1 97  ? 11.123  4.351   -1.478  1.00 21.37 ? 97  GLU A N   1 
ATOM   648  C  CA  . GLU A 1 97  ? 9.704   4.429   -1.060  1.00 23.12 ? 97  GLU A CA  1 
ATOM   649  C  C   . GLU A 1 97  ? 9.429   5.717   -0.335  1.00 24.65 ? 97  GLU A C   1 
ATOM   650  O  O   . GLU A 1 97  ? 10.326  6.279   0.333   1.00 23.07 ? 97  GLU A O   1 
ATOM   651  C  CB  . GLU A 1 97  ? 9.368   3.284   -0.117  1.00 23.69 ? 97  GLU A CB  1 
ATOM   652  C  CG  . GLU A 1 97  ? 9.582   1.947   -0.822  1.00 26.05 ? 97  GLU A CG  1 
ATOM   653  C  CD  . GLU A 1 97  ? 8.990   0.734   -0.104  1.00 24.84 ? 97  GLU A CD  1 
ATOM   654  O  OE1 . GLU A 1 97  ? 8.191   0.889   0.847   1.00 24.08 ? 97  GLU A OE1 1 
ATOM   655  O  OE2 . GLU A 1 97  ? 9.383   -0.404  -0.455  1.00 22.21 ? 97  GLU A OE2 1 
ATOM   656  N  N   . GLY A 1 98  ? 8.214   6.217   -0.478  1.00 23.15 ? 98  GLY A N   1 
ATOM   657  C  CA  . GLY A 1 98  ? 7.707   7.269   0.394   1.00 24.59 ? 98  GLY A CA  1 
ATOM   658  C  C   . GLY A 1 98  ? 6.310   6.803   0.867   1.00 27.51 ? 98  GLY A C   1 
ATOM   659  O  O   . GLY A 1 98  ? 5.889   5.680   0.523   1.00 29.81 ? 98  GLY A O   1 
HETATM 660  N  N   . CSD A 1 99  ? 5.604   7.653   1.592   1.00 23.92 ? 99  CSD A N   1 
HETATM 661  C  CA  . CSD A 1 99  ? 4.347   7.311   2.253   1.00 28.71 ? 99  CSD A CA  1 
HETATM 662  C  CB  . CSD A 1 99  ? 4.585   6.599   3.608   1.00 32.28 ? 99  CSD A CB  1 
HETATM 663  S  SG  . CSD A 1 99  ? 3.378   5.489   4.291   1.00 32.68 ? 99  CSD A SG  1 
HETATM 664  C  C   . CSD A 1 99  ? 3.555   8.598   2.364   1.00 28.35 ? 99  CSD A C   1 
HETATM 665  O  O   . CSD A 1 99  ? 4.045   9.599   2.882   1.00 28.16 ? 99  CSD A O   1 
HETATM 666  O  OD1 . CSD A 1 99  ? 2.367   6.498   4.416   1.00 32.09 ? 99  CSD A OD1 1 
HETATM 667  O  OD2 . CSD A 1 99  ? 3.579   5.888   5.867   1.00 35.59 ? 99  CSD A OD2 1 
ATOM   668  N  N   . LEU A 1 100 ? 2.281   8.559   1.946   1.00 29.53 ? 100 LEU A N   1 
ATOM   669  C  CA  . LEU A 1 100 ? 1.354   9.667   2.133   1.00 28.65 ? 100 LEU A CA  1 
ATOM   670  C  C   . LEU A 1 100 ? 1.130   10.031  3.608   1.00 26.27 ? 100 LEU A C   1 
ATOM   671  O  O   . LEU A 1 100 ? 0.803   11.200  3.950   1.00 28.53 ? 100 LEU A O   1 
ATOM   672  C  CB  . LEU A 1 100 ? 0.019   9.387   1.450   1.00 29.26 ? 100 LEU A CB  1 
ATOM   673  C  CG  . LEU A 1 100 ? 0.139   9.215   -0.064  1.00 30.76 ? 100 LEU A CG  1 
ATOM   674  C  CD1 . LEU A 1 100 ? -1.143  8.612   -0.613  1.00 33.51 ? 100 LEU A CD1 1 
ATOM   675  C  CD2 . LEU A 1 100 ? 0.547   10.530  -0.704  1.00 30.08 ? 100 LEU A CD2 1 
ATOM   676  N  N   . SER A 1 101 ? 1.287   9.063   4.489   1.00 24.78 ? 101 SER A N   1 
ATOM   677  C  CA  . SER A 1 101 ? 1.181   9.368   5.923   1.00 25.57 ? 101 SER A CA  1 
ATOM   678  C  C   . SER A 1 101 ? 2.532   9.919   6.519   1.00 25.08 ? 101 SER A C   1 
ATOM   679  O  O   . SER A 1 101 ? 2.573   10.220  7.675   1.00 26.65 ? 101 SER A O   1 
ATOM   680  C  CB  . SER A 1 101 ? 0.706   8.100   6.676   1.00 26.97 ? 101 SER A CB  1 
ATOM   681  O  OG  . SER A 1 101 ? -0.562  7.600   6.158   1.00 24.30 ? 101 SER A OG  1 
ATOM   682  N  N   . ILE A 1 102 ? 3.626   9.936   5.719   1.00 31.43 ? 102 ILE A N   1 
ATOM   683  C  CA  . ILE A 1 102 ? 4.922   10.491  6.112   1.00 31.74 ? 102 ILE A CA  1 
ATOM   684  C  C   . ILE A 1 102 ? 5.373   11.504  5.037   1.00 30.19 ? 102 ILE A C   1 
ATOM   685  O  O   . ILE A 1 102 ? 6.346   11.251  4.346   1.00 31.07 ? 102 ILE A O   1 
ATOM   686  C  CB  . ILE A 1 102 ? 5.983   9.397   6.309   1.00 34.03 ? 102 ILE A CB  1 
ATOM   687  C  CG1 . ILE A 1 102 ? 5.451   8.246   7.157   1.00 34.37 ? 102 ILE A CG1 1 
ATOM   688  C  CG2 . ILE A 1 102 ? 7.223   9.985   7.010   1.00 30.65 ? 102 ILE A CG2 1 
ATOM   689  C  CD1 . ILE A 1 102 ? 6.381   7.022   7.188   1.00 37.34 ? 102 ILE A CD1 1 
ATOM   690  N  N   . PRO A 1 103 ? 4.620   12.622  4.848   1.00 32.61 ? 103 PRO A N   1 
ATOM   691  C  CA  . PRO A 1 103 ? 4.835   13.546  3.687   1.00 34.51 ? 103 PRO A CA  1 
ATOM   692  C  C   . PRO A 1 103 ? 6.214   14.190  3.674   1.00 33.48 ? 103 PRO A C   1 
ATOM   693  O  O   . PRO A 1 103 ? 6.682   14.541  4.716   1.00 33.59 ? 103 PRO A O   1 
ATOM   694  C  CB  . PRO A 1 103 ? 3.791   14.673  3.869   1.00 34.41 ? 103 PRO A CB  1 
ATOM   695  C  CG  . PRO A 1 103 ? 3.176   14.460  5.219   1.00 35.25 ? 103 PRO A CG  1 
ATOM   696  C  CD  . PRO A 1 103 ? 3.483   13.038  5.677   1.00 34.30 ? 103 PRO A CD  1 
ATOM   697  N  N   . GLY A 1 104 ? 6.826   14.294  2.498   1.00 27.70 ? 104 GLY A N   1 
ATOM   698  C  CA  . GLY A 1 104 ? 8.101   14.864  2.335   1.00 32.52 ? 104 GLY A CA  1 
ATOM   699  C  C   . GLY A 1 104 ? 9.255   13.895  2.455   1.00 30.71 ? 104 GLY A C   1 
ATOM   700  O  O   . GLY A 1 104 ? 10.307  14.162  1.901   1.00 39.29 ? 104 GLY A O   1 
ATOM   701  N  N   . LEU A 1 105 ? 9.090   12.758  3.127   1.00 27.04 ? 105 LEU A N   1 
ATOM   702  C  CA  . LEU A 1 105 ? 10.214  11.847  3.269   1.00 24.68 ? 105 LEU A CA  1 
ATOM   703  C  C   . LEU A 1 105 ? 10.287  10.714  2.255   1.00 28.00 ? 105 LEU A C   1 
ATOM   704  O  O   . LEU A 1 105 ? 9.308   10.383  1.567   1.00 31.22 ? 105 LEU A O   1 
ATOM   705  C  CB  . LEU A 1 105 ? 10.286  11.312  4.698   1.00 25.66 ? 105 LEU A CB  1 
ATOM   706  C  CG  . LEU A 1 105 ? 10.510  12.365  5.783   1.00 27.41 ? 105 LEU A CG  1 
ATOM   707  C  CD1 . LEU A 1 105 ? 10.314  11.736  7.113   1.00 32.19 ? 105 LEU A CD1 1 
ATOM   708  C  CD2 . LEU A 1 105 ? 11.909  12.916  5.764   1.00 33.91 ? 105 LEU A CD2 1 
ATOM   709  N  N   . ARG A 1 106 ? 11.491  10.180  2.118   1.00 26.77 ? 106 ARG A N   1 
ATOM   710  C  CA  . ARG A 1 106 ? 11.709  8.941   1.416   1.00 27.76 ? 106 ARG A CA  1 
ATOM   711  C  C   . ARG A 1 106 ? 12.930  8.190   1.952   1.00 26.71 ? 106 ARG A C   1 
ATOM   712  O  O   . ARG A 1 106 ? 13.734  8.767   2.677   1.00 22.96 ? 106 ARG A O   1 
ATOM   713  C  CB  . ARG A 1 106 ? 11.696  9.176   -0.069  1.00 30.71 ? 106 ARG A CB  1 
ATOM   714  C  CG  . ARG A 1 106 ? 12.708  10.133  -0.575  1.00 38.84 ? 106 ARG A CG  1 
ATOM   715  C  CD  . ARG A 1 106 ? 12.462  10.522  -2.027  1.00 47.69 ? 106 ARG A CD  1 
ATOM   716  N  NE  . ARG A 1 106 ? 13.503  10.041  -2.921  1.00 53.99 ? 106 ARG A NE  1 
ATOM   717  C  CZ  . ARG A 1 106 ? 14.527  10.741  -3.412  1.00 52.71 ? 106 ARG A CZ  1 
ATOM   718  N  NH1 . ARG A 1 106 ? 15.412  10.129  -4.196  1.00 60.27 ? 106 ARG A NH1 1 
ATOM   719  N  NH2 . ARG A 1 106 ? 14.670  12.026  -3.180  1.00 57.87 ? 106 ARG A NH2 1 
ATOM   720  N  N   . ALA A 1 107 ? 12.975  6.877   1.707   1.00 20.93 ? 107 ALA A N   1 
ATOM   721  C  CA  . ALA A 1 107 ? 14.092  6.026   2.069   1.00 21.17 ? 107 ALA A CA  1 
ATOM   722  C  C   . ALA A 1 107 ? 14.211  4.896   1.106   1.00 25.26 ? 107 ALA A C   1 
ATOM   723  O  O   . ALA A 1 107 ? 13.285  4.590   0.347   1.00 22.55 ? 107 ALA A O   1 
ATOM   724  C  CB  . ALA A 1 107 ? 13.945  5.515   3.462   1.00 19.71 ? 107 ALA A CB  1 
ATOM   725  N  N   . VAL A 1 108 ? 15.389  4.312   1.100   1.00 21.96 ? 108 VAL A N   1 
ATOM   726  C  CA  . VAL A 1 108 ? 15.645  3.049   0.418   1.00 22.84 ? 108 VAL A CA  1 
ATOM   727  C  C   . VAL A 1 108 ? 15.267  1.899   1.286   1.00 19.38 ? 108 VAL A C   1 
ATOM   728  O  O   . VAL A 1 108 ? 15.714  1.815   2.406   1.00 20.93 ? 108 VAL A O   1 
ATOM   729  C  CB  . VAL A 1 108 ? 17.136  2.902   -0.021  1.00 21.89 ? 108 VAL A CB  1 
ATOM   730  C  CG1 . VAL A 1 108 ? 17.420  1.484   -0.589  1.00 24.50 ? 108 VAL A CG1 1 
ATOM   731  C  CG2 . VAL A 1 108 ? 17.426  3.893   -1.064  1.00 23.34 ? 108 VAL A CG2 1 
ATOM   732  N  N   . ILE A 1 109 ? 14.444  0.968   0.744   1.00 18.70 ? 109 ILE A N   1 
ATOM   733  C  CA  . ILE A 1 109 ? 13.899  -0.129  1.490   1.00 20.13 ? 109 ILE A CA  1 
ATOM   734  C  C   . ILE A 1 109 ? 14.080  -1.413  0.672   1.00 21.96 ? 109 ILE A C   1 
ATOM   735  O  O   . ILE A 1 109 ? 13.813  -1.427  -0.541  1.00 19.50 ? 109 ILE A O   1 
ATOM   736  C  CB  . ILE A 1 109 ? 12.332  0.027   1.621   1.00 23.57 ? 109 ILE A CB  1 
ATOM   737  C  CG1 . ILE A 1 109 ? 11.962  1.427   2.188   1.00 24.67 ? 109 ILE A CG1 1 
ATOM   738  C  CG2 . ILE A 1 109 ? 11.756  -1.120  2.385   1.00 23.01 ? 109 ILE A CG2 1 
ATOM   739  C  CD1 . ILE A 1 109 ? 12.482  1.667   3.596   1.00 26.27 ? 109 ILE A CD1 1 
ATOM   740  N  N   . PRO A 1 110 ? 14.566  -2.457  1.311   1.00 25.70 ? 110 PRO A N   1 
ATOM   741  C  CA  . PRO A 1 110 ? 14.608  -3.723  0.596   1.00 26.33 ? 110 PRO A CA  1 
ATOM   742  C  C   . PRO A 1 110 ? 13.205  -4.420  0.525   1.00 24.49 ? 110 PRO A C   1 
ATOM   743  O  O   . PRO A 1 110 ? 12.548  -4.546  1.515   1.00 21.65 ? 110 PRO A O   1 
ATOM   744  C  CB  . PRO A 1 110 ? 15.550  -4.556  1.455   1.00 26.27 ? 110 PRO A CB  1 
ATOM   745  C  CG  . PRO A 1 110 ? 15.380  -4.046  2.811   1.00 28.16 ? 110 PRO A CG  1 
ATOM   746  C  CD  . PRO A 1 110 ? 15.077  -2.574  2.687   1.00 26.90 ? 110 PRO A CD  1 
ATOM   747  N  N   . ARG A 1 111 ? 12.819  -4.974  -0.623  1.00 23.60 ? 111 ARG A N   1 
ATOM   748  C  CA  . ARG A 1 111 ? 11.610  -5.782  -0.713  1.00 21.01 ? 111 ARG A CA  1 
ATOM   749  C  C   . ARG A 1 111 ? 11.927  -7.010  -1.561  1.00 22.04 ? 111 ARG A C   1 
ATOM   750  O  O   . ARG A 1 111 ? 12.882  -7.001  -2.316  1.00 23.85 ? 111 ARG A O   1 
ATOM   751  C  CB  . ARG A 1 111 ? 10.585  -4.955  -1.473  1.00 23.39 ? 111 ARG A CB  1 
ATOM   752  C  CG  . ARG A 1 111 ? 10.088  -3.687  -0.798  1.00 21.96 ? 111 ARG A CG  1 
ATOM   753  C  CD  . ARG A 1 111 ? 9.263   -3.928  0.424   1.00 21.78 ? 111 ARG A CD  1 
ATOM   754  N  NE  . ARG A 1 111 ? 8.716   -2.639  0.916   1.00 22.92 ? 111 ARG A NE  1 
ATOM   755  C  CZ  . ARG A 1 111 ? 7.917   -2.508  1.980   1.00 19.82 ? 111 ARG A CZ  1 
ATOM   756  N  NH1 . ARG A 1 111 ? 7.553   -3.547  2.673   1.00 22.05 ? 111 ARG A NH1 1 
ATOM   757  N  NH2 . ARG A 1 111 ? 7.517   -1.298  2.369   1.00 22.67 ? 111 ARG A NH2 1 
ATOM   758  N  N   . TYR A 1 112 ? 11.031  -7.982  -1.542  1.00 22.73 ? 112 TYR A N   1 
ATOM   759  C  CA  . TYR A 1 112 ? 11.108  -9.095  -2.451  1.00 23.66 ? 112 TYR A CA  1 
ATOM   760  C  C   . TYR A 1 112 ? 10.937  -8.565  -3.829  1.00 23.98 ? 112 TYR A C   1 
ATOM   761  O  O   . TYR A 1 112 ? 10.020  -7.743  -4.080  1.00 26.16 ? 112 TYR A O   1 
ATOM   762  C  CB  . TYR A 1 112 ? 10.020  -10.105 -2.130  1.00 22.68 ? 112 TYR A CB  1 
ATOM   763  C  CG  . TYR A 1 112 ? 10.203  -10.826 -0.844  1.00 25.22 ? 112 TYR A CG  1 
ATOM   764  C  CD1 . TYR A 1 112 ? 11.205  -11.806 -0.719  1.00 27.33 ? 112 TYR A CD1 1 
ATOM   765  C  CD2 . TYR A 1 112 ? 9.417   -10.549 0.263   1.00 28.01 ? 112 TYR A CD2 1 
ATOM   766  C  CE1 . TYR A 1 112 ? 11.405  -12.470 0.467   1.00 30.26 ? 112 TYR A CE1 1 
ATOM   767  C  CE2 . TYR A 1 112 ? 9.611   -11.231 1.451   1.00 33.22 ? 112 TYR A CE2 1 
ATOM   768  C  CZ  . TYR A 1 112 ? 10.628  -12.192 1.519   1.00 35.59 ? 112 TYR A CZ  1 
ATOM   769  O  OH  . TYR A 1 112 ? 10.852  -12.915 2.629   1.00 42.74 ? 112 TYR A OH  1 
ATOM   770  N  N   . ARG A 1 113 ? 11.784  -9.028  -4.748  1.00 18.58 ? 113 ARG A N   1 
ATOM   771  C  CA  . ARG A 1 113 ? 11.639  -8.651  -6.120  1.00 22.42 ? 113 ARG A CA  1 
ATOM   772  C  C   . ARG A 1 113 ? 10.444  -9.326  -6.834  1.00 21.84 ? 113 ARG A C   1 
ATOM   773  O  O   . ARG A 1 113 ? 9.909   -8.722  -7.776  1.00 21.68 ? 113 ARG A O   1 
ATOM   774  C  CB  . ARG A 1 113 ? 12.899  -9.034  -6.880  1.00 26.10 ? 113 ARG A CB  1 
ATOM   775  C  CG  . ARG A 1 113 ? 13.006  -8.618  -8.336  1.00 32.76 ? 113 ARG A CG  1 
ATOM   776  C  CD  . ARG A 1 113 ? 14.246  -9.298  -8.921  1.00 39.55 ? 113 ARG A CD  1 
ATOM   777  N  NE  . ARG A 1 113 ? 14.372  -9.183  -10.382 1.00 49.46 ? 113 ARG A NE  1 
ATOM   778  C  CZ  . ARG A 1 113 ? 15.399  -9.663  -11.136 1.00 49.69 ? 113 ARG A CZ  1 
ATOM   779  N  NH1 . ARG A 1 113 ? 16.484  -10.329 -10.638 1.00 51.58 ? 113 ARG A NH1 1 
ATOM   780  N  NH2 . ARG A 1 113 ? 15.329  -9.476  -12.439 1.00 46.66 ? 113 ARG A NH2 1 
ATOM   781  N  N   . TYR A 1 114 ? 10.079  -10.534 -6.392  1.00 20.42 ? 114 TYR A N   1 
ATOM   782  C  CA  . TYR A 1 114 ? 9.037   -11.355 -6.973  1.00 22.91 ? 114 TYR A CA  1 
ATOM   783  C  C   . TYR A 1 114 ? 8.067   -11.898 -5.966  1.00 22.21 ? 114 TYR A C   1 
ATOM   784  O  O   . TYR A 1 114 ? 8.472   -12.574 -4.992  1.00 23.41 ? 114 TYR A O   1 
ATOM   785  C  CB  . TYR A 1 114 ? 9.625   -12.612 -7.641  1.00 27.32 ? 114 TYR A CB  1 
ATOM   786  C  CG  . TYR A 1 114 ? 10.575  -12.353 -8.708  1.00 33.26 ? 114 TYR A CG  1 
ATOM   787  C  CD1 . TYR A 1 114 ? 10.165  -11.821 -9.930  1.00 34.73 ? 114 TYR A CD1 1 
ATOM   788  C  CD2 . TYR A 1 114 ? 11.940  -12.688 -8.550  1.00 42.01 ? 114 TYR A CD2 1 
ATOM   789  C  CE1 . TYR A 1 114 ? 11.076  -11.598 -10.936 1.00 35.03 ? 114 TYR A CE1 1 
ATOM   790  C  CE2 . TYR A 1 114 ? 12.848  -12.457 -9.567  1.00 44.49 ? 114 TYR A CE2 1 
ATOM   791  C  CZ  . TYR A 1 114 ? 12.401  -11.905 -10.740 1.00 41.93 ? 114 TYR A CZ  1 
ATOM   792  O  OH  . TYR A 1 114 ? 13.268  -11.721 -11.761 1.00 50.40 ? 114 TYR A OH  1 
ATOM   793  N  N   . ILE A 1 115 ? 6.770   -11.666 -6.213  1.00 19.36 ? 115 ILE A N   1 
ATOM   794  C  CA  . ILE A 1 115 ? 5.735   -12.117 -5.374  1.00 17.70 ? 115 ILE A CA  1 
ATOM   795  C  C   . ILE A 1 115 ? 4.498   -12.648 -6.157  1.00 18.34 ? 115 ILE A C   1 
ATOM   796  O  O   . ILE A 1 115 ? 4.344   -12.390 -7.314  1.00 18.20 ? 115 ILE A O   1 
ATOM   797  C  CB  . ILE A 1 115 ? 5.206   -11.019 -4.371  1.00 20.00 ? 115 ILE A CB  1 
ATOM   798  C  CG1 . ILE A 1 115 ? 4.470   -9.885  -5.090  1.00 20.79 ? 115 ILE A CG1 1 
ATOM   799  C  CG2 . ILE A 1 115 ? 6.338   -10.405 -3.524  1.00 22.33 ? 115 ILE A CG2 1 
ATOM   800  C  CD1 . ILE A 1 115 ? 3.779   -8.899  -4.135  1.00 20.98 ? 115 ILE A CD1 1 
ATOM   801  N  N   . ARG A 1 116 ? 3.600   -13.291 -5.424  1.00 20.19 ? 116 ARG A N   1 
ATOM   802  C  CA  . ARG A 1 116 ? 2.232   -13.529 -5.860  1.00 22.75 ? 116 ARG A CA  1 
ATOM   803  C  C   . ARG A 1 116 ? 1.380   -12.929 -4.796  1.00 22.50 ? 116 ARG A C   1 
ATOM   804  O  O   . ARG A 1 116 ? 1.676   -13.008 -3.588  1.00 23.26 ? 116 ARG A O   1 
ATOM   805  C  CB  . ARG A 1 116 ? 1.887   -15.057 -5.921  1.00 23.26 ? 116 ARG A CB  1 
ATOM   806  C  CG  . ARG A 1 116 ? 0.426   -15.354 -6.213  1.00 25.40 ? 116 ARG A CG  1 
ATOM   807  C  CD  . ARG A 1 116 ? 0.147   -16.852 -6.556  1.00 25.88 ? 116 ARG A CD  1 
ATOM   808  N  NE  . ARG A 1 116 ? 1.030   -17.447 -7.558  1.00 23.72 ? 116 ARG A NE  1 
ATOM   809  C  CZ  . ARG A 1 116 ? 1.961   -18.358 -7.289  1.00 25.65 ? 116 ARG A CZ  1 
ATOM   810  N  NH1 . ARG A 1 116 ? 2.746   -18.833 -8.252  1.00 31.02 ? 116 ARG A NH1 1 
ATOM   811  N  NH2 . ARG A 1 116 ? 2.145   -18.783 -6.063  1.00 28.17 ? 116 ARG A NH2 1 
ATOM   812  N  N   . TYR A 1 117 ? 0.317   -12.285 -5.261  1.00 21.70 ? 117 TYR A N   1 
ATOM   813  C  CA  . TYR A 1 117 ? -0.691  -11.748 -4.387  1.00 21.41 ? 117 TYR A CA  1 
ATOM   814  C  C   . TYR A 1 117 ? -2.051  -12.237 -4.828  1.00 20.81 ? 117 TYR A C   1 
ATOM   815  O  O   . TYR A 1 117 ? -2.259  -12.417 -6.010  1.00 20.12 ? 117 TYR A O   1 
ATOM   816  C  CB  . TYR A 1 117 ? -0.593  -10.261 -4.291  1.00 19.99 ? 117 TYR A CB  1 
ATOM   817  C  CG  . TYR A 1 117 ? -0.819  -9.380  -5.506  1.00 20.80 ? 117 TYR A CG  1 
ATOM   818  C  CD1 . TYR A 1 117 ? -2.137  -8.949  -5.858  1.00 20.33 ? 117 TYR A CD1 1 
ATOM   819  C  CD2 . TYR A 1 117 ? 0.218   -8.923  -6.261  1.00 19.70 ? 117 TYR A CD2 1 
ATOM   820  C  CE1 . TYR A 1 117 ? -2.355  -8.100  -6.912  1.00 21.35 ? 117 TYR A CE1 1 
ATOM   821  C  CE2 . TYR A 1 117 ? 0.007   -8.035  -7.334  1.00 22.35 ? 117 TYR A CE2 1 
ATOM   822  C  CZ  . TYR A 1 117 ? -1.314  -7.634  -7.633  1.00 22.83 ? 117 TYR A CZ  1 
ATOM   823  O  OH  . TYR A 1 117 ? -1.565  -6.796  -8.665  1.00 20.43 ? 117 TYR A OH  1 
ATOM   824  N  N   . ARG A 1 118 ? -2.899  -12.493 -3.852  1.00 20.12 ? 118 ARG A N   1 
ATOM   825  C  CA  . ARG A 1 118 ? -4.242  -13.066 -3.997  1.00 25.86 ? 118 ARG A CA  1 
ATOM   826  C  C   . ARG A 1 118 ? -5.182  -12.223 -3.124  1.00 25.24 ? 118 ARG A C   1 
ATOM   827  O  O   . ARG A 1 118 ? -4.789  -11.678 -2.055  1.00 23.87 ? 118 ARG A O   1 
ATOM   828  C  CB  . ARG A 1 118 ? -4.359  -14.543 -3.448  1.00 28.91 ? 118 ARG A CB  1 
ATOM   829  C  CG  . ARG A 1 118 ? -3.594  -15.616 -4.210  1.00 36.50 ? 118 ARG A CG  1 
ATOM   830  C  CD  . ARG A 1 118 ? -3.622  -16.994 -3.496  1.00 38.48 ? 118 ARG A CD  1 
ATOM   831  N  NE  . ARG A 1 118 ? -2.657  -18.057 -3.952  1.00 52.11 ? 118 ARG A NE  1 
ATOM   832  C  CZ  . ARG A 1 118 ? -1.583  -18.565 -3.257  1.00 65.39 ? 118 ARG A CZ  1 
ATOM   833  N  NH1 . ARG A 1 118 ? -1.194  -18.070 -2.073  1.00 66.88 ? 118 ARG A NH1 1 
ATOM   834  N  NH2 . ARG A 1 118 ? -0.826  -19.582 -3.755  1.00 56.80 ? 118 ARG A NH2 1 
ATOM   835  N  N   . GLY A 1 119 ? -6.398  -12.089 -3.622  1.00 23.08 ? 119 GLY A N   1 
ATOM   836  C  CA  . GLY A 1 119 ? -7.482  -11.573 -2.832  1.00 22.62 ? 119 GLY A CA  1 
ATOM   837  C  C   . GLY A 1 119 ? -8.678  -11.414 -3.765  1.00 19.53 ? 119 GLY A C   1 
ATOM   838  O  O   . GLY A 1 119 ? -8.883  -12.233 -4.673  1.00 22.03 ? 119 GLY A O   1 
ATOM   839  N  N   . PHE A 1 120 ? -9.456  -10.381 -3.520  1.00 19.48 ? 120 PHE A N   1 
ATOM   840  C  CA  . PHE A 1 120 ? -10.718 -10.188 -4.216  1.00 21.07 ? 120 PHE A CA  1 
ATOM   841  C  C   . PHE A 1 120 ? -10.881 -8.768  -4.711  1.00 19.62 ? 120 PHE A C   1 
ATOM   842  O  O   . PHE A 1 120 ? -10.526 -7.857  -4.021  1.00 19.38 ? 120 PHE A O   1 
ATOM   843  C  CB  . PHE A 1 120 ? -11.854 -10.519 -3.264  1.00 21.92 ? 120 PHE A CB  1 
ATOM   844  C  CG  . PHE A 1 120 ? -11.857 -11.950 -2.871  1.00 23.96 ? 120 PHE A CG  1 
ATOM   845  C  CD1 . PHE A 1 120 ? -12.429 -12.902 -3.716  1.00 25.87 ? 120 PHE A CD1 1 
ATOM   846  C  CD2 . PHE A 1 120 ? -11.167 -12.383 -1.696  1.00 28.59 ? 120 PHE A CD2 1 
ATOM   847  C  CE1 . PHE A 1 120 ? -12.360 -14.269 -3.389  1.00 29.20 ? 120 PHE A CE1 1 
ATOM   848  C  CE2 . PHE A 1 120 ? -11.097 -13.750 -1.382  1.00 30.21 ? 120 PHE A CE2 1 
ATOM   849  C  CZ  . PHE A 1 120 ? -11.691 -14.682 -2.225  1.00 28.93 ? 120 PHE A CZ  1 
ATOM   850  N  N   . ALA A 1 121 ? -11.482 -8.599  -5.873  1.00 16.19 ? 121 ALA A N   1 
ATOM   851  C  CA  . ALA A 1 121 ? -11.859 -7.302  -6.347  1.00 19.76 ? 121 ALA A CA  1 
ATOM   852  C  C   . ALA A 1 121 ? -13.135 -6.897  -5.577  1.00 21.28 ? 121 ALA A C   1 
ATOM   853  O  O   . ALA A 1 121 ? -13.798 -7.739  -4.936  1.00 18.11 ? 121 ALA A O   1 
ATOM   854  C  CB  . ALA A 1 121 ? -12.109 -7.387  -7.858  1.00 18.88 ? 121 ALA A CB  1 
ATOM   855  N  N   . PRO A 1 122 ? -13.478 -5.623  -5.580  1.00 20.07 ? 122 PRO A N   1 
ATOM   856  C  CA  . PRO A 1 122 ? -14.633 -5.145  -4.849  1.00 20.63 ? 122 PRO A CA  1 
ATOM   857  C  C   . PRO A 1 122 ? -15.958 -5.829  -5.197  1.00 22.53 ? 122 PRO A C   1 
ATOM   858  O  O   . PRO A 1 122 ? -16.841 -5.839  -4.356  1.00 22.84 ? 122 PRO A O   1 
ATOM   859  C  CB  . PRO A 1 122 ? -14.705 -3.687  -5.256  1.00 24.56 ? 122 PRO A CB  1 
ATOM   860  C  CG  . PRO A 1 122 ? -13.308 -3.309  -5.515  1.00 21.78 ? 122 PRO A CG  1 
ATOM   861  C  CD  . PRO A 1 122 ? -12.730 -4.502  -6.189  1.00 24.85 ? 122 PRO A CD  1 
ATOM   862  N  N   . ASP A 1 123 ? -16.069 -6.356  -6.423  1.00 24.64 ? 123 ASP A N   1 
ATOM   863  C  CA  . ASP A 1 123 ? -17.300 -7.033  -6.910  1.00 26.94 ? 123 ASP A CA  1 
ATOM   864  C  C   . ASP A 1 123 ? -17.337 -8.509  -6.458  1.00 29.36 ? 123 ASP A C   1 
ATOM   865  O  O   . ASP A 1 123 ? -18.299 -9.214  -6.746  1.00 25.55 ? 123 ASP A O   1 
ATOM   866  C  CB  . ASP A 1 123 ? -17.450 -6.899  -8.426  1.00 27.57 ? 123 ASP A CB  1 
ATOM   867  C  CG  . ASP A 1 123 ? -16.463 -7.801  -9.216  1.00 29.70 ? 123 ASP A CG  1 
ATOM   868  O  OD1 . ASP A 1 123 ? -15.502 -8.326  -8.670  1.00 29.72 ? 123 ASP A OD1 1 
ATOM   869  O  OD2 . ASP A 1 123 ? -16.606 -7.988  -10.422 1.00 37.89 ? 123 ASP A OD2 1 
ATOM   870  N  N   . GLY A 1 124 ? -16.297 -8.962  -5.750  1.00 23.06 ? 124 GLY A N   1 
ATOM   871  C  CA  . GLY A 1 124 ? -16.177 -10.353 -5.263  1.00 23.43 ? 124 GLY A CA  1 
ATOM   872  C  C   . GLY A 1 124 ? -15.438 -11.296 -6.154  1.00 21.57 ? 124 GLY A C   1 
ATOM   873  O  O   . GLY A 1 124 ? -15.232 -12.398 -5.801  1.00 23.55 ? 124 GLY A O   1 
ATOM   874  N  N   . SER A 1 125 ? -15.027 -10.899 -7.338  1.00 22.50 ? 125 SER A N   1 
ATOM   875  C  CA  . SER A 1 125 ? -14.299 -11.868 -8.104  1.00 26.29 ? 125 SER A CA  1 
ATOM   876  C  C   . SER A 1 125 ? -12.839 -12.013 -7.584  1.00 30.62 ? 125 SER A C   1 
ATOM   877  O  O   . SER A 1 125 ? -12.219 -11.042 -7.101  1.00 23.97 ? 125 SER A O   1 
ATOM   878  C  CB  . SER A 1 125 ? -14.313 -11.503 -9.578  1.00 31.13 ? 125 SER A CB  1 
ATOM   879  O  OG  . SER A 1 125 ? -13.938 -10.193 -9.727  1.00 34.78 ? 125 SER A OG  1 
ATOM   880  N  N   . PRO A 1 126 ? -12.291 -13.213 -7.707  1.00 29.91 ? 126 PRO A N   1 
ATOM   881  C  CA  . PRO A 1 126 ? -10.944 -13.452 -7.156  1.00 28.94 ? 126 PRO A CA  1 
ATOM   882  C  C   . PRO A 1 126 ? -9.876  -12.796 -7.998  1.00 28.80 ? 126 PRO A C   1 
ATOM   883  O  O   . PRO A 1 126 ? -10.055 -12.679 -9.161  1.00 24.94 ? 126 PRO A O   1 
ATOM   884  C  CB  . PRO A 1 126 ? -10.818 -14.977 -7.180  1.00 31.98 ? 126 PRO A CB  1 
ATOM   885  C  CG  . PRO A 1 126 ? -11.743 -15.429 -8.298  1.00 37.05 ? 126 PRO A CG  1 
ATOM   886  C  CD  . PRO A 1 126 ? -12.857 -14.408 -8.401  1.00 33.27 ? 126 PRO A CD  1 
ATOM   887  N  N   . ILE A 1 127 ? -8.735  -12.410 -7.399  1.00 25.72 ? 127 ILE A N   1 
ATOM   888  C  CA  . ILE A 1 127 ? -7.637  -11.842 -8.120  1.00 23.09 ? 127 ILE A CA  1 
ATOM   889  C  C   . ILE A 1 127 ? -6.460  -12.674 -7.724  1.00 24.31 ? 127 ILE A C   1 
ATOM   890  O  O   . ILE A 1 127 ? -6.304  -12.988 -6.516  1.00 22.08 ? 127 ILE A O   1 
ATOM   891  C  CB  . ILE A 1 127 ? -7.394  -10.379 -7.571  1.00 26.59 ? 127 ILE A CB  1 
ATOM   892  C  CG1 . ILE A 1 127 ? -8.494  -9.479  -8.138  1.00 25.63 ? 127 ILE A CG1 1 
ATOM   893  C  CG2 . ILE A 1 127 ? -5.984  -9.850  -7.927  1.00 29.83 ? 127 ILE A CG2 1 
ATOM   894  C  CD1 . ILE A 1 127 ? -8.406  -7.996  -7.769  1.00 27.33 ? 127 ILE A CD1 1 
ATOM   895  N  N   . GLU A 1 128 ? -5.609  -13.005 -8.682  1.00 24.47 ? 128 GLU A N   1 
ATOM   896  C  CA  . GLU A 1 128 ? -4.356  -13.701 -8.311  1.00 27.02 ? 128 GLU A CA  1 
ATOM   897  C  C   . GLU A 1 128 ? -3.372  -13.373 -9.335  1.00 24.22 ? 128 GLU A C   1 
ATOM   898  O  O   . GLU A 1 128 ? -3.636  -13.566 -10.514 1.00 22.86 ? 128 GLU A O   1 
ATOM   899  C  CB  . GLU A 1 128 ? -4.451  -15.213 -7.991  1.00 32.51 ? 128 GLU A CB  1 
ATOM   900  C  CG  . GLU A 1 128 ? -4.340  -16.211 -9.151  1.00 41.09 ? 128 GLU A CG  1 
ATOM   901  C  CD  . GLU A 1 128 ? -3.003  -16.382 -9.951  1.00 41.50 ? 128 GLU A CD  1 
ATOM   902  O  OE1 . GLU A 1 128 ? -1.779  -16.187 -9.564  1.00 35.49 ? 128 GLU A OE1 1 
ATOM   903  O  OE2 . GLU A 1 128 ? -3.189  -16.802 -11.104 1.00 44.96 ? 128 GLU A OE2 1 
ATOM   904  N  N   . ARG A 1 129 ? -2.244  -12.771 -8.920  1.00 23.05 ? 129 ARG A N   1 
ATOM   905  C  CA  . ARG A 1 129 ? -1.267  -12.272 -9.918  1.00 23.55 ? 129 ARG A CA  1 
ATOM   906  C  C   . ARG A 1 129 ? 0.133   -12.519 -9.436  1.00 22.17 ? 129 ARG A C   1 
ATOM   907  O  O   . ARG A 1 129 ? 0.378   -12.373 -8.276  1.00 21.43 ? 129 ARG A O   1 
ATOM   908  C  CB  . ARG A 1 129 ? -1.376  -10.767 -10.074 1.00 25.94 ? 129 ARG A CB  1 
ATOM   909  C  CG  . ARG A 1 129 ? -2.716  -10.354 -10.682 1.00 28.47 ? 129 ARG A CG  1 
ATOM   910  C  CD  . ARG A 1 129 ? -2.721  -8.858  -10.731 1.00 30.26 ? 129 ARG A CD  1 
ATOM   911  N  NE  . ARG A 1 129 ? -3.963  -8.322  -11.242 1.00 30.86 ? 129 ARG A NE  1 
ATOM   912  C  CZ  . ARG A 1 129 ? -4.354  -7.072  -11.092 1.00 31.56 ? 129 ARG A CZ  1 
ATOM   913  N  NH1 . ARG A 1 129 ? -3.653  -6.199  -10.376 1.00 25.88 ? 129 ARG A NH1 1 
ATOM   914  N  NH2 . ARG A 1 129 ? -5.525  -6.721  -11.587 1.00 31.98 ? 129 ARG A NH2 1 
ATOM   915  N  N   . GLU A 1 130 ? 1.026   -12.826 -10.336 1.00 21.83 ? 130 GLU A N   1 
ATOM   916  C  CA  . GLU A 1 130 ? 2.476   -12.710 -10.027 1.00 23.66 ? 130 GLU A CA  1 
ATOM   917  C  C   . GLU A 1 130 ? 2.916   -11.250 -10.280 1.00 26.56 ? 130 GLU A C   1 
ATOM   918  O  O   . GLU A 1 130 ? 2.451   -10.670 -11.204 1.00 23.41 ? 130 GLU A O   1 
ATOM   919  C  CB  . GLU A 1 130 ? 3.293   -13.653 -10.895 1.00 22.42 ? 130 GLU A CB  1 
ATOM   920  C  CG  . GLU A 1 130 ? 3.038   -15.103 -10.449 1.00 24.69 ? 130 GLU A CG  1 
ATOM   921  C  CD  . GLU A 1 130 ? 1.694   -15.672 -10.939 1.00 24.73 ? 130 GLU A CD  1 
ATOM   922  O  OE1 . GLU A 1 130 ? 1.027   -16.382 -10.192 1.00 27.95 ? 130 GLU A OE1 1 
ATOM   923  O  OE2 . GLU A 1 130 ? 1.352   -15.401 -12.077 1.00 25.42 ? 130 GLU A OE2 1 
ATOM   924  N  N   . ALA A 1 131 ? 3.773   -10.661 -9.447  1.00 23.91 ? 131 ALA A N   1 
ATOM   925  C  CA  . ALA A 1 131 ? 4.276   -9.339  -9.759  1.00 23.03 ? 131 ALA A CA  1 
ATOM   926  C  C   . ALA A 1 131 ? 5.780   -9.213  -9.475  1.00 23.76 ? 131 ALA A C   1 
ATOM   927  O  O   . ALA A 1 131 ? 6.296   -9.901  -8.619  1.00 21.16 ? 131 ALA A O   1 
ATOM   928  C  CB  . ALA A 1 131 ? 3.507   -8.349  -8.918  1.00 23.16 ? 131 ALA A CB  1 
ATOM   929  N  N   . GLU A 1 132 ? 6.439   -8.297  -10.157 1.00 22.85 ? 132 GLU A N   1 
ATOM   930  C  CA  . GLU A 1 132 ? 7.883   -8.086  -9.946  1.00 24.64 ? 132 GLU A CA  1 
ATOM   931  C  C   . GLU A 1 132 ? 8.200   -6.608  -9.860  1.00 24.68 ? 132 GLU A C   1 
ATOM   932  O  O   . GLU A 1 132 ? 7.390   -5.778  -10.218 1.00 24.12 ? 132 GLU A O   1 
ATOM   933  C  CB  . GLU A 1 132 ? 8.665   -8.669  -11.090 1.00 26.22 ? 132 GLU A CB  1 
ATOM   934  C  CG  . GLU A 1 132 ? 8.514   -7.918  -12.391 1.00 32.08 ? 132 GLU A CG  1 
ATOM   935  C  CD  . GLU A 1 132 ? 9.081   -8.771  -13.533 1.00 35.23 ? 132 GLU A CD  1 
ATOM   936  O  OE1 . GLU A 1 132 ? 10.220  -9.301  -13.428 1.00 40.62 ? 132 GLU A OE1 1 
ATOM   937  O  OE2 . GLU A 1 132 ? 8.314   -8.999  -14.487 1.00 35.90 ? 132 GLU A OE2 1 
ATOM   938  N  N   . GLY A 1 133 ? 9.385   -6.327  -9.353  1.00 24.83 ? 133 GLY A N   1 
ATOM   939  C  CA  . GLY A 1 133 ? 9.876   -4.987  -9.240  1.00 21.67 ? 133 GLY A CA  1 
ATOM   940  C  C   . GLY A 1 133 ? 8.913   -4.044  -8.529  1.00 21.02 ? 133 GLY A C   1 
ATOM   941  O  O   . GLY A 1 133 ? 8.425   -4.308  -7.408  1.00 18.50 ? 133 GLY A O   1 
ATOM   942  N  N   . PHE A 1 134 ? 8.674   -2.931  -9.197  1.00 21.91 ? 134 PHE A N   1 
ATOM   943  C  CA  . PHE A 1 134 ? 7.936   -1.807  -8.623  1.00 22.91 ? 134 PHE A CA  1 
ATOM   944  C  C   . PHE A 1 134 ? 6.493   -2.194  -8.316  1.00 20.32 ? 134 PHE A C   1 
ATOM   945  O  O   . PHE A 1 134 ? 5.962   -1.857  -7.254  1.00 20.63 ? 134 PHE A O   1 
ATOM   946  C  CB  . PHE A 1 134 ? 7.968   -0.575  -9.534  1.00 24.16 ? 134 PHE A CB  1 
ATOM   947  C  CG  . PHE A 1 134 ? 7.410   0.656   -8.858  1.00 28.34 ? 134 PHE A CG  1 
ATOM   948  C  CD1 . PHE A 1 134 ? 8.036   1.191   -7.755  1.00 28.53 ? 134 PHE A CD1 1 
ATOM   949  C  CD2 . PHE A 1 134 ? 6.233   1.251   -9.279  1.00 31.65 ? 134 PHE A CD2 1 
ATOM   950  C  CE1 . PHE A 1 134 ? 7.523   2.357   -7.119  1.00 30.65 ? 134 PHE A CE1 1 
ATOM   951  C  CE2 . PHE A 1 134 ? 5.704   2.377   -8.637  1.00 28.27 ? 134 PHE A CE2 1 
ATOM   952  C  CZ  . PHE A 1 134 ? 6.330   2.917   -7.543  1.00 30.11 ? 134 PHE A CZ  1 
ATOM   953  N  N   . HIS A 1 135 ? 5.862   -2.911  -9.232  1.00 18.86 ? 135 HIS A N   1 
ATOM   954  C  CA  . HIS A 1 135 ? 4.528   -3.510  -8.961  1.00 20.10 ? 135 HIS A CA  1 
ATOM   955  C  C   . HIS A 1 135 ? 4.496   -4.303  -7.649  1.00 19.29 ? 135 HIS A C   1 
ATOM   956  O  O   . HIS A 1 135 ? 3.655   -4.062  -6.733  1.00 18.62 ? 135 HIS A O   1 
ATOM   957  C  CB  . HIS A 1 135 ? 4.096   -4.313  -10.205 1.00 21.91 ? 135 HIS A CB  1 
ATOM   958  C  CG  . HIS A 1 135 ? 2.705   -4.872  -10.156 1.00 22.04 ? 135 HIS A CG  1 
ATOM   959  N  ND1 . HIS A 1 135 ? 2.208   -5.654  -11.187 1.00 24.54 ? 135 HIS A ND1 1 
ATOM   960  C  CD2 . HIS A 1 135 ? 1.729   -4.832  -9.203  1.00 23.03 ? 135 HIS A CD2 1 
ATOM   961  C  CE1 . HIS A 1 135 ? 1.000   -6.082  -10.858 1.00 25.40 ? 135 HIS A CE1 1 
ATOM   962  N  NE2 . HIS A 1 135 ? 0.669   -5.581  -9.676  1.00 22.99 ? 135 HIS A NE2 1 
ATOM   963  N  N   . ALA A 1 136 ? 5.432   -5.242  -7.494  1.00 19.02 ? 136 ALA A N   1 
ATOM   964  C  CA  . ALA A 1 136 ? 5.564   -5.976  -6.272  1.00 18.82 ? 136 ALA A CA  1 
ATOM   965  C  C   . ALA A 1 136 ? 5.816   -5.150  -5.025  1.00 17.96 ? 136 ALA A C   1 
ATOM   966  O  O   . ALA A 1 136 ? 5.361   -5.482  -3.946  1.00 18.00 ? 136 ALA A O   1 
ATOM   967  C  CB  . ALA A 1 136 ? 6.668   -7.022  -6.426  1.00 18.87 ? 136 ALA A CB  1 
ATOM   968  N  N   . ARG A 1 137 ? 6.595   -4.099  -5.174  1.00 20.52 ? 137 ARG A N   1 
ATOM   969  C  CA  . ARG A 1 137 ? 6.976   -3.222  -4.027  1.00 20.09 ? 137 ARG A CA  1 
ATOM   970  C  C   . ARG A 1 137 ? 5.785   -2.469  -3.508  1.00 17.96 ? 137 ARG A C   1 
ATOM   971  O  O   . ARG A 1 137 ? 5.559   -2.407  -2.324  1.00 18.27 ? 137 ARG A O   1 
ATOM   972  C  CB  . ARG A 1 137 ? 8.051   -2.194  -4.519  1.00 21.26 ? 137 ARG A CB  1 
ATOM   973  C  CG  . ARG A 1 137 ? 8.406   -1.061  -3.545  1.00 21.82 ? 137 ARG A CG  1 
ATOM   974  C  CD  . ARG A 1 137 ? 9.524   -0.239  -4.174  1.00 23.38 ? 137 ARG A CD  1 
ATOM   975  N  NE  . ARG A 1 137 ? 10.690  -1.082  -4.422  1.00 24.15 ? 137 ARG A NE  1 
ATOM   976  C  CZ  . ARG A 1 137 ? 11.611  -1.443  -3.531  1.00 23.89 ? 137 ARG A CZ  1 
ATOM   977  N  NH1 . ARG A 1 137 ? 11.564  -1.022  -2.283  1.00 24.17 ? 137 ARG A NH1 1 
ATOM   978  N  NH2 . ARG A 1 137 ? 12.589  -2.276  -3.912  1.00 28.68 ? 137 ARG A NH2 1 
ATOM   979  N  N   . VAL A 1 138 ? 5.013   -1.894  -4.425  1.00 18.42 ? 138 VAL A N   1 
ATOM   980  C  CA  . VAL A 1 138 ? 3.758   -1.187  -4.027  1.00 20.04 ? 138 VAL A CA  1 
ATOM   981  C  C   . VAL A 1 138 ? 2.881   -2.062  -3.225  1.00 17.56 ? 138 VAL A C   1 
ATOM   982  O  O   . VAL A 1 138 ? 2.424   -1.695  -2.100  1.00 18.70 ? 138 VAL A O   1 
ATOM   983  C  CB  . VAL A 1 138 ? 3.009   -0.589  -5.219  1.00 23.52 ? 138 VAL A CB  1 
ATOM   984  C  CG1 . VAL A 1 138 ? 1.726   0.094   -4.735  1.00 24.43 ? 138 VAL A CG1 1 
ATOM   985  C  CG2 . VAL A 1 138 ? 3.890   0.488   -5.848  1.00 23.57 ? 138 VAL A CG2 1 
ATOM   986  N  N   . VAL A 1 139 ? 2.659   -3.252  -3.759  1.00 16.88 ? 139 VAL A N   1 
ATOM   987  C  CA  . VAL A 1 139 ? 1.780   -4.213  -3.056  1.00 17.07 ? 139 VAL A CA  1 
ATOM   988  C  C   . VAL A 1 139 ? 2.308   -4.598  -1.659  1.00 16.26 ? 139 VAL A C   1 
ATOM   989  O  O   . VAL A 1 139 ? 1.560   -4.643  -0.636  1.00 16.95 ? 139 VAL A O   1 
ATOM   990  C  CB  . VAL A 1 139 ? 1.514   -5.409  -3.948  1.00 20.10 ? 139 VAL A CB  1 
ATOM   991  C  CG1 . VAL A 1 139 ? 0.732   -6.485  -3.246  1.00 21.56 ? 139 VAL A CG1 1 
ATOM   992  C  CG2 . VAL A 1 139 ? 0.720   -4.962  -5.187  1.00 23.17 ? 139 VAL A CG2 1 
ATOM   993  N  N   . GLN A 1 140 ? 3.624   -4.812  -1.543  1.00 16.35 ? 140 GLN A N   1 
ATOM   994  C  CA  . GLN A 1 140 ? 4.193   -5.174  -0.235  1.00 17.53 ? 140 GLN A CA  1 
ATOM   995  C  C   . GLN A 1 140 ? 4.045   -4.012  0.752   1.00 16.47 ? 140 GLN A C   1 
ATOM   996  O  O   . GLN A 1 140 ? 3.747   -4.201  1.914   1.00 17.88 ? 140 GLN A O   1 
ATOM   997  C  CB  . GLN A 1 140 ? 5.668   -5.592  -0.342  1.00 16.88 ? 140 GLN A CB  1 
ATOM   998  C  CG  . GLN A 1 140 ? 5.906   -6.922  -1.002  1.00 18.66 ? 140 GLN A CG  1 
ATOM   999  C  CD  . GLN A 1 140 ? 7.345   -7.148  -1.448  1.00 18.46 ? 140 GLN A CD  1 
ATOM   1000 O  OE1 . GLN A 1 140 ? 8.158   -7.473  -0.615  1.00 22.00 ? 140 GLN A OE1 1 
ATOM   1001 N  NE2 . GLN A 1 140 ? 7.658   -6.950  -2.747  1.00 17.54 ? 140 GLN A NE2 1 
ATOM   1002 N  N   . HIS A 1 141 ? 4.247   -2.815  0.260   1.00 20.15 ? 141 HIS A N   1 
ATOM   1003 C  CA  . HIS A 1 141 ? 4.163   -1.603  1.066   1.00 19.22 ? 141 HIS A CA  1 
ATOM   1004 C  C   . HIS A 1 141 ? 2.723   -1.414  1.583   1.00 19.16 ? 141 HIS A C   1 
ATOM   1005 O  O   . HIS A 1 141 ? 2.527   -1.231  2.728   1.00 17.70 ? 141 HIS A O   1 
ATOM   1006 C  CB  . HIS A 1 141 ? 4.614   -0.402  0.215   1.00 22.86 ? 141 HIS A CB  1 
ATOM   1007 C  CG  . HIS A 1 141 ? 4.382   0.906   0.879   1.00 24.08 ? 141 HIS A CG  1 
ATOM   1008 N  ND1 . HIS A 1 141 ? 5.399   1.681   1.380   1.00 24.12 ? 141 HIS A ND1 1 
ATOM   1009 C  CD2 . HIS A 1 141 ? 3.216   1.568   1.152   1.00 25.57 ? 141 HIS A CD2 1 
ATOM   1010 C  CE1 . HIS A 1 141 ? 4.862   2.766   1.955   1.00 26.51 ? 141 HIS A CE1 1 
ATOM   1011 N  NE2 . HIS A 1 141 ? 3.541   2.728   1.803   1.00 22.91 ? 141 HIS A NE2 1 
ATOM   1012 N  N   . GLU A 1 142 ? 1.735   -1.564  0.694   1.00 21.23 ? 142 GLU A N   1 
ATOM   1013 C  CA  . GLU A 1 142 ? 0.342   -1.477  1.126   1.00 19.19 ? 142 GLU A CA  1 
ATOM   1014 C  C   . GLU A 1 142 ? -0.040  -2.606  2.044   1.00 19.01 ? 142 GLU A C   1 
ATOM   1015 O  O   . GLU A 1 142 ? -0.713  -2.391  3.036   1.00 20.11 ? 142 GLU A O   1 
ATOM   1016 C  CB  . GLU A 1 142 ? -0.574  -1.405  -0.076  1.00 20.84 ? 142 GLU A CB  1 
ATOM   1017 C  CG  . GLU A 1 142 ? -0.455  -0.160  -1.011  1.00 21.59 ? 142 GLU A CG  1 
ATOM   1018 C  CD  . GLU A 1 142 ? -0.158  1.142   -0.293  1.00 24.88 ? 142 GLU A CD  1 
ATOM   1019 O  OE1 . GLU A 1 142 ? -0.727  1.427   0.809   1.00 27.90 ? 142 GLU A OE1 1 
ATOM   1020 O  OE2 . GLU A 1 142 ? 0.640   1.962   -0.840  1.00 27.23 ? 142 GLU A OE2 1 
ATOM   1021 N  N   . TYR A 1 143 ? 0.399   -3.804  1.748   1.00 18.39 ? 143 TYR A N   1 
ATOM   1022 C  CA  . TYR A 1 143 ? 0.121   -4.917  2.632   1.00 20.12 ? 143 TYR A CA  1 
ATOM   1023 C  C   . TYR A 1 143 ? 0.640   -4.644  4.059   1.00 18.97 ? 143 TYR A C   1 
ATOM   1024 O  O   . TYR A 1 143 ? -0.059  -4.867  5.063   1.00 16.99 ? 143 TYR A O   1 
ATOM   1025 C  CB  . TYR A 1 143 ? 0.729   -6.196  2.014   1.00 22.53 ? 143 TYR A CB  1 
ATOM   1026 C  CG  . TYR A 1 143 ? 0.505   -7.359  2.900   1.00 24.77 ? 143 TYR A CG  1 
ATOM   1027 C  CD1 . TYR A 1 143 ? -0.699  -8.093  2.833   1.00 26.91 ? 143 TYR A CD1 1 
ATOM   1028 C  CD2 . TYR A 1 143 ? 1.457   -7.710  3.874   1.00 24.45 ? 143 TYR A CD2 1 
ATOM   1029 C  CE1 . TYR A 1 143 ? -0.937  -9.163  3.718   1.00 31.29 ? 143 TYR A CE1 1 
ATOM   1030 C  CE2 . TYR A 1 143 ? 1.241   -8.749  4.767   1.00 27.97 ? 143 TYR A CE2 1 
ATOM   1031 C  CZ  . TYR A 1 143 ? 0.052   -9.495  4.684   1.00 35.97 ? 143 TYR A CZ  1 
ATOM   1032 O  OH  . TYR A 1 143 ? -0.144  -10.561 5.529   1.00 41.50 ? 143 TYR A OH  1 
ATOM   1033 N  N   . ASP A 1 144 ? 1.859   -4.078  4.184   1.00 20.66 ? 144 ASP A N   1 
ATOM   1034 C  CA  . ASP A 1 144 ? 2.354   -3.673  5.478   1.00 19.65 ? 144 ASP A CA  1 
ATOM   1035 C  C   . ASP A 1 144 ? 1.436   -2.781  6.274   1.00 21.42 ? 144 ASP A C   1 
ATOM   1036 O  O   . ASP A 1 144 ? 1.312   -2.970  7.506   1.00 20.09 ? 144 ASP A O   1 
ATOM   1037 C  CB  . ASP A 1 144 ? 3.728   -2.949  5.377   1.00 21.78 ? 144 ASP A CB  1 
ATOM   1038 C  CG  . ASP A 1 144 ? 4.929   -3.908  5.328   1.00 26.25 ? 144 ASP A CG  1 
ATOM   1039 O  OD1 . ASP A 1 144 ? 4.781   -5.128  5.615   1.00 23.90 ? 144 ASP A OD1 1 
ATOM   1040 O  OD2 . ASP A 1 144 ? 6.042   -3.388  5.030   1.00 24.42 ? 144 ASP A OD2 1 
ATOM   1041 N  N   . HIS A 1 145 ? 0.738   -1.861  5.588   1.00 20.95 ? 145 HIS A N   1 
ATOM   1042 C  CA  . HIS A 1 145 ? -0.270  -0.998  6.302   1.00 19.76 ? 145 HIS A CA  1 
ATOM   1043 C  C   . HIS A 1 145 ? -1.379  -1.832  6.996   1.00 20.51 ? 145 HIS A C   1 
ATOM   1044 O  O   . HIS A 1 145 ? -1.820  -1.530  8.103   1.00 18.72 ? 145 HIS A O   1 
ATOM   1045 C  CB  . HIS A 1 145 ? -0.900  -0.008  5.342   1.00 21.31 ? 145 HIS A CB  1 
ATOM   1046 C  CG  . HIS A 1 145 ? -0.055  1.166   5.047   1.00 18.67 ? 145 HIS A CG  1 
ATOM   1047 N  ND1 . HIS A 1 145 ? 0.361   2.023   6.042   1.00 21.15 ? 145 HIS A ND1 1 
ATOM   1048 C  CD2 . HIS A 1 145 ? 0.395   1.690   3.882   1.00 18.65 ? 145 HIS A CD2 1 
ATOM   1049 C  CE1 . HIS A 1 145 ? 1.056   3.012   5.490   1.00 25.35 ? 145 HIS A CE1 1 
ATOM   1050 N  NE2 . HIS A 1 145 ? 1.111   2.814   4.193   1.00 19.75 ? 145 HIS A NE2 1 
ATOM   1051 N  N   . LEU A 1 146 ? -1.749  -2.938  6.384   1.00 19.23 ? 146 LEU A N   1 
ATOM   1052 C  CA  . LEU A 1 146 ? -2.844  -3.774  6.896   1.00 20.92 ? 146 LEU A CA  1 
ATOM   1053 C  C   . LEU A 1 146 ? -2.435  -4.548  8.157   1.00 22.09 ? 146 LEU A C   1 
ATOM   1054 O  O   . LEU A 1 146 ? -3.283  -5.038  8.888   1.00 20.59 ? 146 LEU A O   1 
ATOM   1055 C  CB  . LEU A 1 146 ? -3.256  -4.756  5.794   1.00 19.95 ? 146 LEU A CB  1 
ATOM   1056 C  CG  . LEU A 1 146 ? -3.582  -4.169  4.427   1.00 20.57 ? 146 LEU A CG  1 
ATOM   1057 C  CD1 . LEU A 1 146 ? -4.067  -5.276  3.500   1.00 20.28 ? 146 LEU A CD1 1 
ATOM   1058 C  CD2 . LEU A 1 146 ? -4.559  -3.003  4.561   1.00 20.47 ? 146 LEU A CD2 1 
ATOM   1059 N  N   . VAL A 1 147 ? -1.121  -4.706  8.366   1.00 21.67 ? 147 VAL A N   1 
ATOM   1060 C  CA  . VAL A 1 147 ? -0.604  -5.346  9.554   1.00 24.51 ? 147 VAL A CA  1 
ATOM   1061 C  C   . VAL A 1 147 ? 0.087   -4.368  10.517  1.00 26.39 ? 147 VAL A C   1 
ATOM   1062 O  O   . VAL A 1 147 ? 0.819   -4.790  11.386  1.00 24.19 ? 147 VAL A O   1 
ATOM   1063 C  CB  . VAL A 1 147 ? 0.214   -6.629  9.197   1.00 25.20 ? 147 VAL A CB  1 
ATOM   1064 C  CG1 . VAL A 1 147 ? -0.692  -7.684  8.510   1.00 28.97 ? 147 VAL A CG1 1 
ATOM   1065 C  CG2 . VAL A 1 147 ? 1.455   -6.382  8.357   1.00 23.60 ? 147 VAL A CG2 1 
ATOM   1066 N  N   . GLY A 1 148 ? -0.167  -3.059  10.374  1.00 23.57 ? 148 GLY A N   1 
ATOM   1067 C  CA  . GLY A 1 148 ? 0.331   -2.079  11.288  1.00 24.70 ? 148 GLY A CA  1 
ATOM   1068 C  C   . GLY A 1 148 ? 1.836   -1.779  11.171  1.00 27.96 ? 148 GLY A C   1 
ATOM   1069 O  O   . GLY A 1 148 ? 2.450   -1.457  12.152  1.00 23.62 ? 148 GLY A O   1 
ATOM   1070 N  N   . ARG A 1 149 ? 2.404   -1.883  9.969   1.00 25.61 ? 149 ARG A N   1 
ATOM   1071 C  CA  . ARG A 1 149 ? 3.835   -1.709  9.749   1.00 29.75 ? 149 ARG A CA  1 
ATOM   1072 C  C   . ARG A 1 149 ? 4.043   -0.554  8.763   1.00 27.30 ? 149 ARG A C   1 
ATOM   1073 O  O   . ARG A 1 149 ? 3.305   -0.420  7.708   1.00 20.68 ? 149 ARG A O   1 
ATOM   1074 C  CB  . ARG A 1 149 ? 4.416   -3.037  9.246   1.00 33.40 ? 149 ARG A CB  1 
ATOM   1075 C  CG  . ARG A 1 149 ? 5.940   -3.114  9.149   1.00 45.43 ? 149 ARG A CG  1 
ATOM   1076 C  CD  . ARG A 1 149 ? 6.575   -3.786  10.363  1.00 48.99 ? 149 ARG A CD  1 
ATOM   1077 N  NE  . ARG A 1 149 ? 8.029   -3.723  10.199  1.00 52.95 ? 149 ARG A NE  1 
ATOM   1078 C  CZ  . ARG A 1 149 ? 8.859   -4.738  10.019  1.00 49.66 ? 149 ARG A CZ  1 
ATOM   1079 N  NH1 . ARG A 1 149 ? 8.442   -6.001  10.018  1.00 52.38 ? 149 ARG A NH1 1 
ATOM   1080 N  NH2 . ARG A 1 149 ? 10.144  -4.487  9.871   1.00 43.28 ? 149 ARG A NH2 1 
ATOM   1081 N  N   . LEU A 1 150 ? 4.999   0.318   9.109   1.00 23.60 ? 150 LEU A N   1 
ATOM   1082 C  CA  . LEU A 1 150 ? 5.404   1.443   8.260   1.00 24.61 ? 150 LEU A CA  1 
ATOM   1083 C  C   . LEU A 1 150 ? 6.857   1.276   7.774   1.00 22.20 ? 150 LEU A C   1 
ATOM   1084 O  O   . LEU A 1 150 ? 7.626   0.541   8.387   1.00 25.90 ? 150 LEU A O   1 
ATOM   1085 C  CB  . LEU A 1 150 ? 5.239   2.731   9.008   1.00 26.08 ? 150 LEU A CB  1 
ATOM   1086 C  CG  . LEU A 1 150 ? 3.794   2.941   9.508   1.00 30.13 ? 150 LEU A CG  1 
ATOM   1087 C  CD1 . LEU A 1 150 ? 3.683   4.131   10.441  1.00 31.48 ? 150 LEU A CD1 1 
ATOM   1088 C  CD2 . LEU A 1 150 ? 2.914   3.112   8.261   1.00 32.77 ? 150 LEU A CD2 1 
ATOM   1089 N  N   . TYR A 1 151 ? 7.175   1.922   6.672   1.00 20.29 ? 151 TYR A N   1 
ATOM   1090 C  CA  . TYR A 1 151 ? 8.511   1.686   6.039   1.00 21.62 ? 151 TYR A CA  1 
ATOM   1091 C  C   . TYR A 1 151 ? 9.749   2.094   6.936   1.00 19.35 ? 151 TYR A C   1 
ATOM   1092 O  O   . TYR A 1 151 ? 10.796  1.432   6.779   1.00 21.42 ? 151 TYR A O   1 
ATOM   1093 C  CB  . TYR A 1 151 ? 8.638   2.245   4.617   1.00 20.90 ? 151 TYR A CB  1 
ATOM   1094 C  CG  . TYR A 1 151 ? 8.885   3.700   4.536   1.00 22.58 ? 151 TYR A CG  1 
ATOM   1095 C  CD1 . TYR A 1 151 ? 10.160  4.280   4.945   1.00 21.16 ? 151 TYR A CD1 1 
ATOM   1096 C  CD2 . TYR A 1 151 ? 7.907   4.557   4.103   1.00 23.59 ? 151 TYR A CD2 1 
ATOM   1097 C  CE1 . TYR A 1 151 ? 10.359  5.665   4.934   1.00 22.77 ? 151 TYR A CE1 1 
ATOM   1098 C  CE2 . TYR A 1 151 ? 8.144   5.964   4.057   1.00 26.61 ? 151 TYR A CE2 1 
ATOM   1099 C  CZ  . TYR A 1 151 ? 9.366   6.509   4.465   1.00 26.18 ? 151 TYR A CZ  1 
ATOM   1100 O  OH  . TYR A 1 151 ? 9.552   7.892   4.418   1.00 25.29 ? 151 TYR A OH  1 
ATOM   1101 N  N   . PRO A 1 152 ? 9.617   3.015   7.923   1.00 20.12 ? 152 PRO A N   1 
ATOM   1102 C  CA  . PRO A 1 152 ? 10.897  3.306   8.670   1.00 21.91 ? 152 PRO A CA  1 
ATOM   1103 C  C   . PRO A 1 152 ? 11.444  2.122   9.427   1.00 22.19 ? 152 PRO A C   1 
ATOM   1104 O  O   . PRO A 1 152 ? 12.683  1.940   9.448   1.00 22.42 ? 152 PRO A O   1 
ATOM   1105 C  CB  . PRO A 1 152 ? 10.514  4.450   9.593   1.00 24.11 ? 152 PRO A CB  1 
ATOM   1106 C  CG  . PRO A 1 152 ? 9.496   5.199   8.784   1.00 24.54 ? 152 PRO A CG  1 
ATOM   1107 C  CD  . PRO A 1 152 ? 8.647   4.095   8.185   1.00 21.09 ? 152 PRO A CD  1 
ATOM   1108 N  N   . SER A 1 153 ? 10.564  1.217   9.872   1.00 20.86 ? 153 SER A N   1 
ATOM   1109 C  CA  . SER A 1 153 ? 10.959  0.003   10.591  1.00 19.82 ? 153 SER A CA  1 
ATOM   1110 C  C   . SER A 1 153 ? 11.614  -1.002  9.640   1.00 22.58 ? 153 SER A C   1 
ATOM   1111 O  O   . SER A 1 153 ? 12.214  -1.983  10.060  1.00 25.44 ? 153 SER A O   1 
ATOM   1112 C  CB  . SER A 1 153 ? 9.720   -0.631  11.296  1.00 22.63 ? 153 SER A CB  1 
ATOM   1113 O  OG  . SER A 1 153 ? 8.842   -1.213  10.252  1.00 24.00 ? 153 SER A OG  1 
ATOM   1114 N  N   . ARG A 1 154 ? 11.639  -0.732  8.348   1.00 21.79 ? 154 ARG A N   1 
ATOM   1115 C  CA  . ARG A 1 154 ? 12.360  -1.582  7.459   1.00 22.99 ? 154 ARG A CA  1 
ATOM   1116 C  C   . ARG A 1 154 ? 13.644  -0.990  6.879   1.00 26.03 ? 154 ARG A C   1 
ATOM   1117 O  O   . ARG A 1 154 ? 14.299  -1.675  6.087   1.00 23.93 ? 154 ARG A O   1 
ATOM   1118 C  CB  . ARG A 1 154 ? 11.465  -1.982  6.290   1.00 23.28 ? 154 ARG A CB  1 
ATOM   1119 C  CG  . ARG A 1 154 ? 10.327  -2.860  6.759   1.00 24.83 ? 154 ARG A CG  1 
ATOM   1120 C  CD  . ARG A 1 154 ? 9.673   -3.474  5.564   1.00 27.29 ? 154 ARG A CD  1 
ATOM   1121 N  NE  . ARG A 1 154 ? 8.510   -4.260  5.933   1.00 27.49 ? 154 ARG A NE  1 
ATOM   1122 C  CZ  . ARG A 1 154 ? 8.484   -5.575  6.145   1.00 35.06 ? 154 ARG A CZ  1 
ATOM   1123 N  NH1 . ARG A 1 154 ? 9.584   -6.300  6.088   1.00 36.54 ? 154 ARG A NH1 1 
ATOM   1124 N  NH2 . ARG A 1 154 ? 7.323   -6.187  6.443   1.00 30.58 ? 154 ARG A NH2 1 
ATOM   1125 N  N   . ILE A 1 155 ? 14.004  0.248   7.257   1.00 22.71 ? 155 ILE A N   1 
ATOM   1126 C  CA  . ILE A 1 155 ? 15.217  0.865   6.650   1.00 23.99 ? 155 ILE A CA  1 
ATOM   1127 C  C   . ILE A 1 155 ? 16.436  0.068   7.231   1.00 22.21 ? 155 ILE A C   1 
ATOM   1128 O  O   . ILE A 1 155 ? 16.454  -0.219  8.413   1.00 21.31 ? 155 ILE A O   1 
ATOM   1129 C  CB  . ILE A 1 155 ? 15.316  2.357   7.031   1.00 22.28 ? 155 ILE A CB  1 
ATOM   1130 C  CG1 . ILE A 1 155 ? 14.121  3.172   6.464   1.00 22.38 ? 155 ILE A CG1 1 
ATOM   1131 C  CG2 . ILE A 1 155 ? 16.691  2.955   6.688   1.00 25.92 ? 155 ILE A CG2 1 
ATOM   1132 C  CD1 . ILE A 1 155 ? 13.989  4.528   7.152   1.00 21.37 ? 155 ILE A CD1 1 
ATOM   1133 N  N   . GLU A 1 156 ? 17.392  -0.239  6.374   1.00 24.68 ? 156 GLU A N   1 
ATOM   1134 C  CA  . GLU A 1 156 ? 18.696  -0.807  6.764   1.00 26.27 ? 156 GLU A CA  1 
ATOM   1135 C  C   . GLU A 1 156 ? 19.796  0.255   6.721   1.00 24.36 ? 156 GLU A C   1 
ATOM   1136 O  O   . GLU A 1 156 ? 20.589  0.292   7.610   1.00 30.20 ? 156 GLU A O   1 
ATOM   1137 C  CB  . GLU A 1 156 ? 19.041  -2.010  5.890   1.00 30.64 ? 156 GLU A CB  1 
ATOM   1138 C  CG  . GLU A 1 156 ? 18.059  -3.170  6.139   1.00 36.33 ? 156 GLU A CG  1 
ATOM   1139 C  CD  . GLU A 1 156 ? 18.323  -4.424  5.289   1.00 45.46 ? 156 GLU A CD  1 
ATOM   1140 O  OE1 . GLU A 1 156 ? 19.034  -4.384  4.245   1.00 44.40 ? 156 GLU A OE1 1 
ATOM   1141 O  OE2 . GLU A 1 156 ? 17.719  -5.475  5.648   1.00 59.84 ? 156 GLU A OE2 1 
ATOM   1142 N  N   . ASN A 1 157 ? 19.794  1.109   5.714   1.00 23.90 ? 157 ASN A N   1 
ATOM   1143 C  CA  . ASN A 1 157 ? 20.750  2.194   5.516   1.00 24.17 ? 157 ASN A CA  1 
ATOM   1144 C  C   . ASN A 1 157 ? 20.104  3.580   5.755   1.00 22.27 ? 157 ASN A C   1 
ATOM   1145 O  O   . ASN A 1 157 ? 19.473  4.176   4.862   1.00 21.98 ? 157 ASN A O   1 
ATOM   1146 C  CB  . ASN A 1 157 ? 21.356  2.110   4.078   1.00 25.26 ? 157 ASN A CB  1 
ATOM   1147 C  CG  . ASN A 1 157 ? 22.509  3.148   3.864   1.00 26.45 ? 157 ASN A CG  1 
ATOM   1148 O  OD1 . ASN A 1 157 ? 22.871  3.852   4.790   1.00 29.91 ? 157 ASN A OD1 1 
ATOM   1149 N  ND2 . ASN A 1 157 ? 23.086  3.189   2.673   1.00 27.91 ? 157 ASN A ND2 1 
ATOM   1150 N  N   . PHE A 1 158 ? 20.344  4.101   6.959   1.00 23.59 ? 158 PHE A N   1 
ATOM   1151 C  CA  . PHE A 1 158 ? 19.822  5.370   7.419   1.00 23.18 ? 158 PHE A CA  1 
ATOM   1152 C  C   . PHE A 1 158 ? 20.411  6.600   6.724   1.00 23.96 ? 158 PHE A C   1 
ATOM   1153 O  O   . PHE A 1 158 ? 19.855  7.633   6.768   1.00 24.27 ? 158 PHE A O   1 
ATOM   1154 C  CB  . PHE A 1 158 ? 19.862  5.477   8.917   1.00 22.85 ? 158 PHE A CB  1 
ATOM   1155 C  CG  . PHE A 1 158 ? 18.728  4.758   9.569   1.00 24.29 ? 158 PHE A CG  1 
ATOM   1156 C  CD1 . PHE A 1 158 ? 17.507  5.387   9.674   1.00 23.22 ? 158 PHE A CD1 1 
ATOM   1157 C  CD2 . PHE A 1 158 ? 18.839  3.411   9.963   1.00 24.98 ? 158 PHE A CD2 1 
ATOM   1158 C  CE1 . PHE A 1 158 ? 16.409  4.722   10.238  1.00 26.28 ? 158 PHE A CE1 1 
ATOM   1159 C  CE2 . PHE A 1 158 ? 17.725  2.747   10.504  1.00 26.35 ? 158 PHE A CE2 1 
ATOM   1160 C  CZ  . PHE A 1 158 ? 16.512  3.411   10.641  1.00 21.86 ? 158 PHE A CZ  1 
ATOM   1161 N  N   . ASP A 1 159 ? 21.486  6.437   5.988   1.00 25.20 ? 159 ASP A N   1 
ATOM   1162 C  CA  . ASP A 1 159 ? 21.970  7.508   5.120   1.00 27.68 ? 159 ASP A CA  1 
ATOM   1163 C  C   . ASP A 1 159 ? 20.971  7.853   4.003   1.00 25.94 ? 159 ASP A C   1 
ATOM   1164 O  O   . ASP A 1 159 ? 21.041  8.956   3.441   1.00 24.86 ? 159 ASP A O   1 
ATOM   1165 C  CB  . ASP A 1 159 ? 23.338  7.083   4.467   1.00 32.64 ? 159 ASP A CB  1 
ATOM   1166 C  CG  . ASP A 1 159 ? 24.490  6.922   5.499   1.00 35.06 ? 159 ASP A CG  1 
ATOM   1167 O  OD1 . ASP A 1 159 ? 24.360  7.335   6.665   1.00 32.64 ? 159 ASP A OD1 1 
ATOM   1168 O  OD2 . ASP A 1 159 ? 25.524  6.361   5.125   1.00 42.17 ? 159 ASP A OD2 1 
ATOM   1169 N  N   . THR A 1 160 ? 20.083  6.899   3.645   1.00 25.75 ? 160 THR A N   1 
ATOM   1170 C  CA  . THR A 1 160 ? 19.136  7.069   2.544   1.00 26.92 ? 160 THR A CA  1 
ATOM   1171 C  C   . THR A 1 160 ? 17.841  7.704   2.949   1.00 25.31 ? 160 THR A C   1 
ATOM   1172 O  O   . THR A 1 160 ? 17.029  8.002   2.076   1.00 26.05 ? 160 THR A O   1 
ATOM   1173 C  CB  . THR A 1 160 ? 18.769  5.742   1.824   1.00 27.35 ? 160 THR A CB  1 
ATOM   1174 O  OG1 . THR A 1 160 ? 17.935  4.902   2.668   1.00 28.67 ? 160 THR A OG1 1 
ATOM   1175 C  CG2 . THR A 1 160 ? 20.012  4.992   1.473   1.00 28.70 ? 160 THR A CG2 1 
ATOM   1176 N  N   . PHE A 1 161 ? 17.631  7.903   4.239   1.00 21.99 ? 161 PHE A N   1 
ATOM   1177 C  CA  . PHE A 1 161 ? 16.374  8.407   4.755   1.00 24.16 ? 161 PHE A CA  1 
ATOM   1178 C  C   . PHE A 1 161 ? 16.475  9.896   4.850   1.00 25.02 ? 161 PHE A C   1 
ATOM   1179 O  O   . PHE A 1 161 ? 17.397  10.429  5.470   1.00 24.19 ? 161 PHE A O   1 
ATOM   1180 C  CB  . PHE A 1 161 ? 16.125  7.780   6.136   1.00 24.76 ? 161 PHE A CB  1 
ATOM   1181 C  CG  . PHE A 1 161 ? 14.805  8.120   6.804   1.00 24.01 ? 161 PHE A CG  1 
ATOM   1182 C  CD1 . PHE A 1 161 ? 13.622  8.279   6.090   1.00 23.42 ? 161 PHE A CD1 1 
ATOM   1183 C  CD2 . PHE A 1 161 ? 14.742  8.102   8.210   1.00 23.11 ? 161 PHE A CD2 1 
ATOM   1184 C  CE1 . PHE A 1 161 ? 12.437  8.507   6.761   1.00 23.44 ? 161 PHE A CE1 1 
ATOM   1185 C  CE2 . PHE A 1 161 ? 13.547  8.296   8.887   1.00 26.06 ? 161 PHE A CE2 1 
ATOM   1186 C  CZ  . PHE A 1 161 ? 12.386  8.511   8.132   1.00 25.58 ? 161 PHE A CZ  1 
ATOM   1187 N  N   . GLY A 1 162 ? 15.561  10.575  4.196   1.00 23.70 ? 162 GLY A N   1 
ATOM   1188 C  CA  . GLY A 1 162 ? 15.601  12.016  4.166   1.00 27.99 ? 162 GLY A CA  1 
ATOM   1189 C  C   . GLY A 1 162 ? 14.472  12.656  3.365   1.00 27.44 ? 162 GLY A C   1 
ATOM   1190 O  O   . GLY A 1 162 ? 13.520  11.967  2.962   1.00 25.28 ? 162 GLY A O   1 
ATOM   1191 N  N   . PHE A 1 163 ? 14.532  13.987  3.241   1.00 23.79 ? 163 PHE A N   1 
ATOM   1192 C  CA  . PHE A 1 163 ? 13.488  14.742  2.588   1.00 26.79 ? 163 PHE A CA  1 
ATOM   1193 C  C   . PHE A 1 163 ? 13.646  14.673  1.117   1.00 28.14 ? 163 PHE A C   1 
ATOM   1194 O  O   . PHE A 1 163 ? 14.789  14.688  0.642   1.00 29.57 ? 163 PHE A O   1 
ATOM   1195 C  CB  . PHE A 1 163 ? 13.438  16.192  3.047   1.00 26.71 ? 163 PHE A CB  1 
ATOM   1196 C  CG  . PHE A 1 163 ? 12.824  16.326  4.366   1.00 28.74 ? 163 PHE A CG  1 
ATOM   1197 C  CD1 . PHE A 1 163 ? 11.441  16.333  4.493   1.00 30.73 ? 163 PHE A CD1 1 
ATOM   1198 C  CD2 . PHE A 1 163 ? 13.584  16.292  5.494   1.00 30.57 ? 163 PHE A CD2 1 
ATOM   1199 C  CE1 . PHE A 1 163 ? 10.865  16.383  5.751   1.00 30.18 ? 163 PHE A CE1 1 
ATOM   1200 C  CE2 . PHE A 1 163 ? 13.029  16.342  6.751   1.00 30.98 ? 163 PHE A CE2 1 
ATOM   1201 C  CZ  . PHE A 1 163 ? 11.660  16.394  6.884   1.00 32.43 ? 163 PHE A CZ  1 
ATOM   1202 N  N   . ASP A 1 164 ? 12.521  14.545  0.400   1.00 29.81 ? 164 ASP A N   1 
ATOM   1203 C  CA  . ASP A 1 164 ? 12.561  14.336  -1.067  1.00 35.41 ? 164 ASP A CA  1 
ATOM   1204 C  C   . ASP A 1 164 ? 13.345  15.454  -1.798  1.00 39.21 ? 164 ASP A C   1 
ATOM   1205 O  O   . ASP A 1 164 ? 14.206  15.169  -2.625  1.00 39.97 ? 164 ASP A O   1 
ATOM   1206 C  CB  . ASP A 1 164 ? 11.147  14.141  -1.685  1.00 42.83 ? 164 ASP A CB  1 
ATOM   1207 C  CG  . ASP A 1 164 ? 11.198  13.893  -3.217  1.00 50.18 ? 164 ASP A CG  1 
ATOM   1208 O  OD1 . ASP A 1 164 ? 11.789  12.891  -3.747  1.00 47.98 ? 164 ASP A OD1 1 
ATOM   1209 O  OD2 . ASP A 1 164 ? 10.613  14.730  -3.928  1.00 64.57 ? 164 ASP A OD2 1 
ATOM   1210 N  N   . ASP A 1 165 ? 13.092  16.708  -1.466  1.00 39.59 ? 165 ASP A N   1 
ATOM   1211 C  CA  . ASP A 1 165 ? 13.736  17.829  -2.191  1.00 46.57 ? 165 ASP A CA  1 
ATOM   1212 C  C   . ASP A 1 165 ? 15.248  18.010  -1.876  1.00 48.20 ? 165 ASP A C   1 
ATOM   1213 O  O   . ASP A 1 165 ? 15.954  18.686  -2.574  1.00 49.07 ? 165 ASP A O   1 
ATOM   1214 C  CB  . ASP A 1 165 ? 12.969  19.145  -1.950  1.00 51.88 ? 165 ASP A CB  1 
ATOM   1215 C  CG  . ASP A 1 165 ? 12.694  19.426  -0.461  1.00 59.06 ? 165 ASP A CG  1 
ATOM   1216 O  OD1 . ASP A 1 165 ? 13.208  18.688  0.420   1.00 59.36 ? 165 ASP A OD1 1 
ATOM   1217 O  OD2 . ASP A 1 165 ? 11.945  20.387  -0.162  1.00 62.54 ? 165 ASP A OD2 1 
ATOM   1218 N  N   . VAL A 1 166 ? 15.723  17.362  -0.834  1.00 46.00 ? 166 VAL A N   1 
ATOM   1219 C  CA  . VAL A 1 166 ? 17.078  17.450  -0.385  1.00 42.69 ? 166 VAL A CA  1 
ATOM   1220 C  C   . VAL A 1 166 ? 17.919  16.252  -0.839  1.00 44.37 ? 166 VAL A C   1 
ATOM   1221 O  O   . VAL A 1 166 ? 19.060  16.432  -1.224  1.00 49.01 ? 166 VAL A O   1 
ATOM   1222 C  CB  . VAL A 1 166 ? 17.021  17.532  1.165   1.00 44.76 ? 166 VAL A CB  1 
ATOM   1223 C  CG1 . VAL A 1 166 ? 18.344  17.230  1.788   1.00 43.17 ? 166 VAL A CG1 1 
ATOM   1224 C  CG2 . VAL A 1 166 ? 16.492  18.894  1.600   1.00 47.54 ? 166 VAL A CG2 1 
ATOM   1225 N  N   . LEU A 1 167 ? 17.388  15.026  -0.748  1.00 45.97 ? 167 LEU A N   1 
ATOM   1226 C  CA  . LEU A 1 167 ? 18.187  13.791  -0.939  1.00 44.92 ? 167 LEU A CA  1 
ATOM   1227 C  C   . LEU A 1 167 ? 18.960  13.720  -2.259  1.00 50.51 ? 167 LEU A C   1 
ATOM   1228 O  O   . LEU A 1 167 ? 18.378  13.976  -3.303  1.00 54.61 ? 167 LEU A O   1 
ATOM   1229 C  CB  . LEU A 1 167 ? 17.297  12.553  -0.866  1.00 45.80 ? 167 LEU A CB  1 
ATOM   1230 C  CG  . LEU A 1 167 ? 17.062  11.977  0.524   1.00 44.48 ? 167 LEU A CG  1 
ATOM   1231 C  CD1 . LEU A 1 167 ? 15.878  11.015  0.448   1.00 44.65 ? 167 LEU A CD1 1 
ATOM   1232 C  CD2 . LEU A 1 167 ? 18.294  11.241  1.061   1.00 41.14 ? 167 LEU A CD2 1 
ATOM   1233 N  N   . SER A 1 168 ? 20.247  13.364  -2.183  1.00 48.56 ? 168 SER A N   1 
ATOM   1234 C  CA  . SER A 1 168 ? 21.118  13.197  -3.360  1.00 60.08 ? 168 SER A CA  1 
ATOM   1235 C  C   . SER A 1 168 ? 21.761  11.784  -3.413  1.00 61.02 ? 168 SER A C   1 
ATOM   1236 O  O   . SER A 1 168 ? 22.699  11.555  -4.165  1.00 63.99 ? 168 SER A O   1 
ATOM   1237 C  CB  . SER A 1 168 ? 22.183  14.339  -3.444  1.00 57.52 ? 168 SER A CB  1 
ATOM   1238 O  OG  . SER A 1 168 ? 22.966  14.446  -2.260  1.00 57.74 ? 168 SER A OG  1 
ATOM   1239 N  N   . TYR A 1 169 ? 21.236  10.837  -2.637  1.00 62.23 ? 169 TYR A N   1 
ATOM   1240 C  CA  . TYR A 1 169 ? 21.586  9.429   -2.801  1.00 63.65 ? 169 TYR A CA  1 
ATOM   1241 C  C   . TYR A 1 169 ? 20.834  8.869   -4.029  1.00 60.36 ? 169 TYR A C   1 
ATOM   1242 O  O   . TYR A 1 169 ? 21.355  8.029   -4.753  1.00 61.47 ? 169 TYR A O   1 
ATOM   1243 C  CB  . TYR A 1 169 ? 21.245  8.648   -1.525  1.00 61.84 ? 169 TYR A CB  1 
ATOM   1244 C  CG  . TYR A 1 169 ? 21.901  7.276   -1.415  1.00 58.93 ? 169 TYR A CG  1 
ATOM   1245 C  CD1 . TYR A 1 169 ? 21.396  6.167   -2.154  1.00 57.05 ? 169 TYR A CD1 1 
ATOM   1246 C  CD2 . TYR A 1 169 ? 22.993  7.062   -0.549  1.00 58.69 ? 169 TYR A CD2 1 
ATOM   1247 C  CE1 . TYR A 1 169 ? 21.967  4.904   -2.039  1.00 58.59 ? 169 TYR A CE1 1 
ATOM   1248 C  CE2 . TYR A 1 169 ? 23.580  5.796   -0.435  1.00 62.63 ? 169 TYR A CE2 1 
ATOM   1249 C  CZ  . TYR A 1 169 ? 23.062  4.726   -1.179  1.00 62.34 ? 169 TYR A CZ  1 
ATOM   1250 O  OH  . TYR A 1 169 ? 23.605  3.477   -1.063  1.00 59.83 ? 169 TYR A OH  1 
HETATM 1251 O  O   . K3U B 2 .   ? 4.277   9.743   -4.545  1.00 84.72 ? 201 K3U A O   1 
HETATM 1252 C  C   . K3U B 2 .   ? 4.971   8.734   -4.502  1.00 84.07 ? 201 K3U A C   1 
HETATM 1253 C  C13 . K3U B 2 .   ? 5.480   8.168   -5.837  1.00 87.97 ? 201 K3U A C13 1 
HETATM 1254 C  C14 . K3U B 2 .   ? 6.569   7.264   -5.911  1.00 79.93 ? 201 K3U A C14 1 
HETATM 1255 C  C15 . K3U B 2 .   ? 7.017   6.787   -7.154  1.00 80.71 ? 201 K3U A C15 1 
HETATM 1256 C  C16 . K3U B 2 .   ? 6.404   7.199   -8.351  1.00 85.06 ? 201 K3U A C16 1 
HETATM 1257 C  C17 . K3U B 2 .   ? 5.327   8.097   -8.304  1.00 88.39 ? 201 K3U A C17 1 
HETATM 1258 C  C18 . K3U B 2 .   ? 4.873   8.577   -7.061  1.00 89.52 ? 201 K3U A C18 1 
HETATM 1259 C  C1  . K3U B 2 .   ? 5.298   8.177   -3.096  1.00 81.28 ? 201 K3U A C1  1 
HETATM 1260 S  S   . K3U B 2 .   ? 3.899   8.006   -1.969  1.00 64.61 ? 201 K3U A S   1 
HETATM 1261 C  C2  . K3U B 2 .   ? 2.932   6.605   -2.234  1.00 53.94 ? 201 K3U A C2  1 
HETATM 1262 O  O1  . K3U B 2 .   ? 2.309   6.634   -3.269  1.00 39.03 ? 201 K3U A O1  1 
HETATM 1263 C  C3  . K3U B 2 .   ? 2.820   5.358   -1.307  1.00 49.53 ? 201 K3U A C3  1 
HETATM 1264 C  C11 . K3U B 2 .   ? 1.431   5.131   -0.620  1.00 47.78 ? 201 K3U A C11 1 
HETATM 1265 C  C12 . K3U B 2 .   ? 1.244   4.744   0.883   1.00 46.19 ? 201 K3U A C12 1 
HETATM 1266 F  F1  . K3U B 2 .   ? 1.821   5.731   1.590   1.00 43.23 ? 201 K3U A F1  1 
HETATM 1267 F  F   . K3U B 2 .   ? 1.180   3.584   1.615   1.00 23.36 ? 201 K3U A F   1 
HETATM 1268 F  F2  . K3U B 2 .   ? -0.054  4.852   0.850   1.00 76.71 ? 201 K3U A F2  1 
HETATM 1269 C  C4  . K3U B 2 .   ? 3.056   4.016   -2.060  1.00 44.52 ? 201 K3U A C4  1 
HETATM 1270 C  C5  . K3U B 2 .   ? 4.463   3.668   -2.512  1.00 40.95 ? 201 K3U A C5  1 
HETATM 1271 C  C6  . K3U B 2 .   ? 4.985   2.454   -2.130  1.00 39.39 ? 201 K3U A C6  1 
HETATM 1272 C  C7  . K3U B 2 .   ? 6.246   2.071   -2.542  1.00 36.92 ? 201 K3U A C7  1 
HETATM 1273 C  C8  . K3U B 2 .   ? 7.003   2.900   -3.351  1.00 38.56 ? 201 K3U A C8  1 
HETATM 1274 C  C9  . K3U B 2 .   ? 6.501   4.119   -3.744  1.00 38.50 ? 201 K3U A C9  1 
HETATM 1275 C  C10 . K3U B 2 .   ? 5.236   4.488   -3.327  1.00 41.32 ? 201 K3U A C10 1 
HETATM 1276 NI NI  . NI  C 3 .   ? 2.225   4.131   2.841   1.00 23.78 ? 202 NI  A NI  1 
HETATM 1277 NI NI  . NI  D 3 .   ? 9.607   -10.615 -15.580 1.00 30.00 ? 203 NI  A NI  1 
HETATM 1278 NI NI  . NI  E 3 .   ? -3.234  17.175  -8.420  1.00 16.95 ? 204 NI  A NI  1 
HETATM 1279 O  O   . HOH F 4 .   ? 6.336   -0.842  5.144   1.00 25.26 ? 301 HOH A O   1 
HETATM 1280 O  O   . HOH F 4 .   ? -22.107 2.542   -3.855  1.00 33.41 ? 302 HOH A O   1 
HETATM 1281 O  O   . HOH F 4 .   ? 11.968  -3.754  -6.232  1.00 26.50 ? 303 HOH A O   1 
HETATM 1282 O  O   . HOH F 4 .   ? 7.488   9.254   3.182   1.00 27.05 ? 304 HOH A O   1 
HETATM 1283 O  O   . HOH F 4 .   ? -23.859 -6.738  -5.827  1.00 25.44 ? 305 HOH A O   1 
HETATM 1284 O  O   . HOH F 4 .   ? -6.942  2.457   10.704  1.00 29.44 ? 306 HOH A O   1 
HETATM 1285 O  O   . HOH F 4 .   ? 9.954   -5.330  -5.588  1.00 23.87 ? 307 HOH A O   1 
HETATM 1286 O  O   . HOH F 4 .   ? 8.888   -19.168 -7.711  1.00 26.02 ? 308 HOH A O   1 
HETATM 1287 O  O   . HOH F 4 .   ? 14.468  -4.327  6.149   1.00 34.29 ? 309 HOH A O   1 
HETATM 1288 O  O   . HOH F 4 .   ? 8.185   11.607  -0.527  1.00 24.61 ? 310 HOH A O   1 
HETATM 1289 O  O   . HOH F 4 .   ? 17.745  0.552   3.617   1.00 27.61 ? 311 HOH A O   1 
HETATM 1290 O  O   . HOH F 4 .   ? -4.894  -8.700  4.071   1.00 32.88 ? 312 HOH A O   1 
HETATM 1291 O  O   . HOH F 4 .   ? 1.548   5.744   13.449  1.00 22.16 ? 313 HOH A O   1 
HETATM 1292 O  O   . HOH F 4 .   ? 20.009  11.096  5.254   1.00 34.29 ? 314 HOH A O   1 
HETATM 1293 O  O   . HOH F 4 .   ? 18.645  -1.631  2.035   1.00 32.04 ? 315 HOH A O   1 
HETATM 1294 O  O   . HOH F 4 .   ? 13.802  2.914   -6.465  1.00 30.91 ? 316 HOH A O   1 
HETATM 1295 O  O   . HOH F 4 .   ? -10.833 -10.495 10.054  1.00 33.59 ? 317 HOH A O   1 
HETATM 1296 O  O   . HOH F 4 .   ? -4.470  -7.462  8.472   1.00 23.56 ? 318 HOH A O   1 
HETATM 1297 O  O   . HOH F 4 .   ? 11.107  2.235   -5.898  1.00 40.45 ? 319 HOH A O   1 
HETATM 1298 O  O   . HOH F 4 .   ? -6.193  -6.231  0.663   1.00 24.54 ? 320 HOH A O   1 
HETATM 1299 O  O   . HOH F 4 .   ? 5.047   2.756   5.151   1.00 24.55 ? 321 HOH A O   1 
HETATM 1300 O  O   . HOH F 4 .   ? -0.696  1.241   8.549   1.00 32.64 ? 322 HOH A O   1 
HETATM 1301 O  O   . HOH F 4 .   ? 14.643  0.186   10.459  1.00 22.22 ? 323 HOH A O   1 
HETATM 1302 O  O   . HOH F 4 .   ? 3.683   0.349   5.049   1.00 20.94 ? 324 HOH A O   1 
HETATM 1303 O  O   . HOH F 4 .   ? 18.682  -10.889 -2.527  1.00 35.57 ? 325 HOH A O   1 
HETATM 1304 O  O   . HOH F 4 .   ? 4.969   -7.113  -12.228 1.00 27.14 ? 326 HOH A O   1 
HETATM 1305 O  O   . HOH F 4 .   ? -9.731  -4.374  -8.762  1.00 29.35 ? 327 HOH A O   1 
HETATM 1306 O  O   . HOH F 4 .   ? -4.235  -4.828  16.107  1.00 38.25 ? 328 HOH A O   1 
HETATM 1307 O  O   . HOH F 4 .   ? -3.192  12.506  11.096  1.00 39.13 ? 329 HOH A O   1 
HETATM 1308 O  O   . HOH F 4 .   ? 22.435  2.839   8.518   1.00 28.48 ? 330 HOH A O   1 
HETATM 1309 O  O   . HOH F 4 .   ? 11.789  -12.333 -4.746  1.00 25.15 ? 331 HOH A O   1 
HETATM 1310 O  O   . HOH F 4 .   ? 0.005   -12.724 3.552   1.00 28.18 ? 332 HOH A O   1 
HETATM 1311 O  O   . HOH F 4 .   ? 8.004   -6.566  2.172   1.00 24.36 ? 333 HOH A O   1 
HETATM 1312 O  O   . HOH F 4 .   ? 18.341  9.149   8.790   1.00 28.06 ? 334 HOH A O   1 
HETATM 1313 O  O   . HOH F 4 .   ? 15.976  -17.305 -3.915  1.00 41.94 ? 335 HOH A O   1 
HETATM 1314 O  O   . HOH F 4 .   ? 5.905   12.709  0.016   1.00 48.12 ? 336 HOH A O   1 
HETATM 1315 O  O   . HOH F 4 .   ? 12.950  -6.462  -10.831 1.00 49.69 ? 337 HOH A O   1 
HETATM 1316 O  O   . HOH F 4 .   ? -14.787 -4.956  -8.912  1.00 30.83 ? 338 HOH A O   1 
HETATM 1317 O  O   . HOH F 4 .   ? -12.331 12.578  5.845   1.00 39.19 ? 339 HOH A O   1 
HETATM 1318 O  O   . HOH F 4 .   ? 9.782   -2.395  -12.177 1.00 33.39 ? 340 HOH A O   1 
# 
